data_3SMR
#
_entry.id   3SMR
#
_cell.length_a   204.171
_cell.length_b   93.467
_cell.length_c   64.786
_cell.angle_alpha   90.00
_cell.angle_beta   107.24
_cell.angle_gamma   90.00
#
_symmetry.space_group_name_H-M   'C 1 2 1'
#
loop_
_entity.id
_entity.type
_entity.pdbx_description
1 polymer 'WD repeat-containing protein 5'
2 non-polymer 2-chloro-N-[2-(4-methylpiperazin-1-yl)-5-nitrophenyl]benzamide
3 non-polymer 1,2-ETHANEDIOL
4 non-polymer 'UNKNOWN ATOM OR ION'
5 water water
#
_entity_poly.entity_id   1
_entity_poly.type   'polypeptide(L)'
_entity_poly.pdbx_seq_one_letter_code
;GTQSKPTPVKPNYALKFTLAGHTKAVSSVKFSPNGEWLASSSADKLIKIWGAYDGKFEKTISGHKLGISDVAWSSDSNLL
VSASDDKTLKIWDVSSGKCLKTLKGHSNYVFCCNFNPQSNLIVSGSFDESVRIWDVKTGKCLKTLPAHSDPVSAVHFNRD
GSLIVSSSYDGLCRIWDTASGQCLKTLIDDDNPPVSFVKFSPNGKYILAATLDNTLKLWDYSKGKCLKTYTGHKNEKYCI
FANFSVTGGKWIVSGSEDNLVYIWNLQTKEIVQKLQGHTDVVISTACHPTENIIASAALENDKTIKLWKSDC
;
_entity_poly.pdbx_strand_id   A,B,C,D
#
loop_
_chem_comp.id
_chem_comp.type
_chem_comp.name
_chem_comp.formula
EDO non-polymer 1,2-ETHANEDIOL 'C2 H6 O2'
NP7 non-polymer 2-chloro-N-[2-(4-methylpiperazin-1-yl)-5-nitrophenyl]benzamide 'C18 H19 Cl N4 O3'
UNX non-polymer 'UNKNOWN ATOM OR ION' ?
#
# COMPACT_ATOMS: atom_id res chain seq x y z
N VAL A 9 -1.06 28.36 6.53
CA VAL A 9 -0.30 27.07 6.41
C VAL A 9 -0.04 26.66 4.97
N LYS A 10 1.12 26.03 4.76
CA LYS A 10 1.48 25.47 3.46
C LYS A 10 1.95 24.02 3.64
N PRO A 11 1.75 23.16 2.61
CA PRO A 11 2.16 21.76 2.73
C PRO A 11 3.66 21.59 2.52
N ASN A 12 4.19 20.44 2.92
CA ASN A 12 5.62 20.15 2.78
C ASN A 12 5.87 18.81 2.10
N TYR A 13 5.26 18.62 0.93
CA TYR A 13 5.41 17.40 0.14
C TYR A 13 6.87 17.12 -0.19
N ALA A 14 7.33 15.93 0.20
CA ALA A 14 8.68 15.50 -0.07
C ALA A 14 8.61 14.19 -0.84
N LEU A 15 9.54 14.01 -1.78
CA LEU A 15 9.60 12.79 -2.59
C LEU A 15 9.95 11.57 -1.72
N LYS A 16 9.14 10.52 -1.82
CA LYS A 16 9.39 9.30 -1.07
C LYS A 16 9.82 8.14 -1.96
N PHE A 17 9.16 7.96 -3.09
CA PHE A 17 9.46 6.85 -4.01
C PHE A 17 9.35 7.26 -5.47
N THR A 18 10.23 6.69 -6.30
CA THR A 18 10.14 6.82 -7.76
C THR A 18 9.88 5.44 -8.34
N LEU A 19 8.79 5.32 -9.10
CA LEU A 19 8.35 4.03 -9.61
C LEU A 19 8.65 3.92 -11.11
N ALA A 20 9.69 3.17 -11.44
CA ALA A 20 10.07 2.93 -12.82
C ALA A 20 9.54 1.58 -13.26
N GLY A 21 9.32 1.42 -14.57
CA GLY A 21 8.78 0.18 -15.11
C GLY A 21 8.16 0.35 -16.48
N HIS A 22 7.34 1.40 -16.63
CA HIS A 22 6.75 1.73 -17.92
C HIS A 22 7.85 2.06 -18.93
N THR A 23 7.66 1.64 -20.18
CA THR A 23 8.68 1.83 -21.22
C THR A 23 8.33 2.97 -22.19
N LYS A 24 7.16 3.58 -21.97
CA LYS A 24 6.76 4.79 -22.68
C LYS A 24 6.14 5.79 -21.71
N ALA A 25 5.69 6.92 -22.24
CA ALA A 25 5.01 7.94 -21.45
C ALA A 25 3.95 7.31 -20.56
N VAL A 26 3.88 7.74 -19.30
CA VAL A 26 2.79 7.34 -18.39
C VAL A 26 1.67 8.35 -18.57
N SER A 27 0.45 7.86 -18.76
CA SER A 27 -0.69 8.73 -19.09
C SER A 27 -1.56 9.11 -17.90
N SER A 28 -1.68 8.21 -16.93
CA SER A 28 -2.66 8.39 -15.85
C SER A 28 -2.25 7.58 -14.65
N VAL A 29 -2.36 8.17 -13.46
CA VAL A 29 -2.22 7.45 -12.20
C VAL A 29 -3.49 7.68 -11.38
N LYS A 30 -3.98 6.62 -10.73
CA LYS A 30 -5.19 6.66 -9.89
C LYS A 30 -5.01 5.81 -8.64
N PHE A 31 -5.28 6.39 -7.48
CA PHE A 31 -5.33 5.61 -6.24
C PHE A 31 -6.65 4.86 -6.15
N SER A 32 -6.58 3.61 -5.68
CA SER A 32 -7.80 2.84 -5.40
C SER A 32 -8.62 3.55 -4.29
N PRO A 33 -9.96 3.45 -4.37
CA PRO A 33 -10.79 4.04 -3.32
C PRO A 33 -10.40 3.57 -1.91
N ASN A 34 -9.96 2.32 -1.77
CA ASN A 34 -9.59 1.78 -0.46
C ASN A 34 -8.17 2.17 -0.02
N GLY A 35 -7.48 2.94 -0.86
CA GLY A 35 -6.18 3.52 -0.53
C GLY A 35 -4.96 2.61 -0.58
N GLU A 36 -5.17 1.35 -0.96
CA GLU A 36 -4.09 0.36 -0.95
C GLU A 36 -3.18 0.43 -2.16
N TRP A 37 -3.77 0.78 -3.30
CA TRP A 37 -3.09 0.63 -4.58
C TRP A 37 -3.03 1.92 -5.37
N LEU A 38 -2.06 1.97 -6.27
CA LEU A 38 -2.00 2.95 -7.33
C LEU A 38 -1.99 2.18 -8.63
N ALA A 39 -2.85 2.60 -9.55
CA ALA A 39 -2.89 2.04 -10.90
C ALA A 39 -2.34 3.08 -11.85
N SER A 40 -1.53 2.63 -12.80
CA SER A 40 -0.95 3.51 -13.81
C SER A 40 -1.19 2.97 -15.21
N SER A 41 -1.42 3.86 -16.17
CA SER A 41 -1.58 3.47 -17.55
C SER A 41 -0.53 4.18 -18.40
N SER A 42 -0.23 3.62 -19.56
CA SER A 42 0.86 4.14 -20.37
C SER A 42 0.66 3.91 -21.86
N ALA A 43 1.33 4.73 -22.65
CA ALA A 43 1.45 4.54 -24.10
C ALA A 43 2.09 3.21 -24.44
N ASP A 44 2.72 2.57 -23.45
CA ASP A 44 3.33 1.24 -23.65
C ASP A 44 2.32 0.08 -23.68
N LYS A 45 1.03 0.41 -23.65
CA LYS A 45 -0.07 -0.57 -23.73
C LYS A 45 -0.36 -1.27 -22.41
N LEU A 46 0.34 -0.90 -21.36
CA LEU A 46 0.25 -1.62 -20.08
C LEU A 46 -0.38 -0.83 -18.94
N ILE A 47 -1.07 -1.58 -18.08
CA ILE A 47 -1.50 -1.07 -16.79
C ILE A 47 -0.60 -1.69 -15.74
N LYS A 48 -0.13 -0.88 -14.80
CA LYS A 48 0.64 -1.41 -13.68
C LYS A 48 0.02 -1.04 -12.33
N ILE A 49 0.07 -1.98 -11.38
CA ILE A 49 -0.45 -1.74 -10.04
C ILE A 49 0.72 -1.67 -9.05
N TRP A 50 0.66 -0.69 -8.15
CA TRP A 50 1.74 -0.46 -7.20
C TRP A 50 1.13 -0.25 -5.82
N GLY A 51 1.84 -0.69 -4.78
CA GLY A 51 1.45 -0.40 -3.41
C GLY A 51 1.51 1.10 -3.18
N ALA A 52 0.44 1.66 -2.62
CA ALA A 52 0.34 3.11 -2.46
C ALA A 52 1.26 3.69 -1.39
N TYR A 53 1.62 2.87 -0.40
CA TYR A 53 2.39 3.36 0.75
C TYR A 53 3.88 3.14 0.63
N ASP A 54 4.29 2.03 0.01
CA ASP A 54 5.70 1.71 -0.15
C ASP A 54 6.18 1.74 -1.61
N GLY A 55 5.25 2.04 -2.53
CA GLY A 55 5.57 2.13 -3.95
C GLY A 55 6.01 0.84 -4.61
N LYS A 56 5.82 -0.28 -3.91
CA LYS A 56 6.26 -1.58 -4.39
C LYS A 56 5.36 -2.08 -5.53
N PHE A 57 5.99 -2.48 -6.62
CA PHE A 57 5.30 -3.05 -7.77
C PHE A 57 4.49 -4.28 -7.36
N GLU A 58 3.27 -4.37 -7.90
CA GLU A 58 2.39 -5.50 -7.58
C GLU A 58 2.15 -6.39 -8.81
N LYS A 59 1.68 -5.81 -9.91
CA LYS A 59 1.45 -6.59 -11.14
C LYS A 59 1.33 -5.72 -12.39
N THR A 60 1.51 -6.36 -13.54
CA THR A 60 1.28 -5.74 -14.84
C THR A 60 0.01 -6.33 -15.46
N ILE A 61 -0.85 -5.45 -15.95
CA ILE A 61 -2.08 -5.87 -16.62
C ILE A 61 -2.01 -5.53 -18.11
N SER A 62 -2.10 -6.57 -18.94
CA SER A 62 -1.93 -6.44 -20.39
C SER A 62 -3.13 -6.99 -21.14
N GLY A 63 -3.33 -6.49 -22.36
CA GLY A 63 -4.46 -6.92 -23.19
C GLY A 63 -4.74 -5.96 -24.33
N HIS A 64 -4.68 -4.66 -24.07
CA HIS A 64 -4.91 -3.65 -25.09
C HIS A 64 -3.90 -3.75 -26.25
N LYS A 65 -4.37 -3.43 -27.45
CA LYS A 65 -3.54 -3.53 -28.66
C LYS A 65 -2.75 -2.25 -28.92
N LEU A 66 -3.19 -1.15 -28.33
CA LEU A 66 -2.52 0.13 -28.51
C LEU A 66 -2.41 0.85 -27.16
N GLY A 67 -1.75 2.00 -27.16
CA GLY A 67 -1.52 2.77 -25.94
C GLY A 67 -2.78 3.12 -25.16
N ILE A 68 -2.62 3.27 -23.84
CA ILE A 68 -3.74 3.53 -22.95
C ILE A 68 -3.65 4.96 -22.41
N SER A 69 -4.75 5.70 -22.51
CA SER A 69 -4.82 7.09 -22.10
C SER A 69 -5.28 7.28 -20.65
N ASP A 70 -6.09 6.37 -20.14
CA ASP A 70 -6.72 6.57 -18.83
C ASP A 70 -7.09 5.24 -18.16
N VAL A 71 -7.21 5.27 -16.84
N VAL A 71 -7.17 5.27 -16.85
CA VAL A 71 -7.63 4.13 -16.05
CA VAL A 71 -7.67 4.17 -16.05
C VAL A 71 -8.41 4.66 -14.83
C VAL A 71 -8.56 4.74 -14.95
N ALA A 72 -9.42 3.90 -14.39
CA ALA A 72 -10.26 4.30 -13.25
C ALA A 72 -10.72 3.09 -12.46
N TRP A 73 -10.97 3.28 -11.16
CA TRP A 73 -11.35 2.21 -10.25
C TRP A 73 -12.86 2.19 -9.99
N SER A 74 -13.40 1.01 -9.77
CA SER A 74 -14.74 0.86 -9.21
C SER A 74 -14.69 1.20 -7.71
N SER A 75 -15.84 1.51 -7.13
CA SER A 75 -15.94 1.92 -5.72
C SER A 75 -15.37 0.91 -4.73
N ASP A 76 -15.56 -0.38 -5.00
CA ASP A 76 -15.06 -1.43 -4.10
C ASP A 76 -13.59 -1.80 -4.34
N SER A 77 -12.94 -1.05 -5.24
CA SER A 77 -11.52 -1.25 -5.61
C SER A 77 -11.22 -2.59 -6.28
N ASN A 78 -12.27 -3.30 -6.70
CA ASN A 78 -12.08 -4.63 -7.28
C ASN A 78 -11.92 -4.65 -8.79
N LEU A 79 -12.44 -3.62 -9.45
CA LEU A 79 -12.39 -3.52 -10.90
C LEU A 79 -11.65 -2.27 -11.37
N LEU A 80 -11.08 -2.38 -12.55
CA LEU A 80 -10.50 -1.26 -13.29
C LEU A 80 -11.15 -1.16 -14.66
N VAL A 81 -11.31 0.08 -15.14
CA VAL A 81 -11.63 0.30 -16.53
C VAL A 81 -10.49 1.11 -17.17
N SER A 82 -10.12 0.73 -18.40
CA SER A 82 -9.09 1.43 -19.17
C SER A 82 -9.62 1.97 -20.51
N ALA A 83 -9.04 3.08 -20.96
CA ALA A 83 -9.42 3.71 -22.22
C ALA A 83 -8.22 3.77 -23.16
N SER A 84 -8.38 3.21 -24.37
CA SER A 84 -7.23 3.01 -25.24
C SER A 84 -7.37 3.58 -26.64
N ASP A 85 -6.21 3.85 -27.26
CA ASP A 85 -6.11 4.20 -28.68
C ASP A 85 -6.72 3.13 -29.60
N ASP A 86 -6.91 1.92 -29.08
CA ASP A 86 -7.46 0.83 -29.90
C ASP A 86 -8.98 0.94 -30.04
N LYS A 87 -9.53 2.08 -29.60
CA LYS A 87 -10.95 2.43 -29.71
C LYS A 87 -11.85 1.69 -28.72
N THR A 88 -11.26 0.91 -27.81
CA THR A 88 -12.03 0.19 -26.81
C THR A 88 -11.75 0.65 -25.40
N LEU A 89 -12.66 0.30 -24.51
CA LEU A 89 -12.38 0.28 -23.09
C LEU A 89 -12.34 -1.18 -22.68
N LYS A 90 -11.57 -1.48 -21.64
CA LYS A 90 -11.58 -2.82 -21.06
C LYS A 90 -11.87 -2.76 -19.56
N ILE A 91 -12.68 -3.71 -19.09
CA ILE A 91 -12.93 -3.87 -17.66
C ILE A 91 -12.10 -5.05 -17.16
N TRP A 92 -11.36 -4.79 -16.08
CA TRP A 92 -10.40 -5.74 -15.53
C TRP A 92 -10.76 -6.14 -14.12
N ASP A 93 -10.56 -7.42 -13.81
CA ASP A 93 -10.54 -7.88 -12.43
C ASP A 93 -9.14 -7.61 -11.90
N VAL A 94 -9.04 -6.72 -10.91
CA VAL A 94 -7.75 -6.29 -10.38
C VAL A 94 -6.96 -7.46 -9.77
N SER A 95 -7.64 -8.32 -9.01
CA SER A 95 -6.98 -9.40 -8.29
C SER A 95 -6.40 -10.49 -9.22
N SER A 96 -7.09 -10.76 -10.33
CA SER A 96 -6.64 -11.79 -11.28
C SER A 96 -5.84 -11.21 -12.45
N GLY A 97 -6.09 -9.95 -12.78
CA GLY A 97 -5.48 -9.29 -13.94
C GLY A 97 -6.22 -9.58 -15.25
N LYS A 98 -7.33 -10.29 -15.14
CA LYS A 98 -8.08 -10.79 -16.29
C LYS A 98 -9.00 -9.73 -16.90
N CYS A 99 -9.05 -9.68 -18.23
CA CYS A 99 -10.03 -8.84 -18.91
C CYS A 99 -11.41 -9.50 -18.87
N LEU A 100 -12.36 -8.81 -18.25
CA LEU A 100 -13.71 -9.32 -18.06
C LEU A 100 -14.62 -8.95 -19.23
N LYS A 101 -14.46 -7.74 -19.73
CA LYS A 101 -15.29 -7.20 -20.81
C LYS A 101 -14.47 -6.27 -21.68
N THR A 102 -14.77 -6.26 -22.98
CA THR A 102 -14.25 -5.23 -23.87
C THR A 102 -15.42 -4.37 -24.36
N LEU A 103 -15.35 -3.07 -24.07
CA LEU A 103 -16.42 -2.14 -24.42
C LEU A 103 -16.13 -1.57 -25.80
N LYS A 104 -16.94 -1.97 -26.78
CA LYS A 104 -16.76 -1.59 -28.18
C LYS A 104 -17.90 -0.72 -28.68
N GLY A 105 -17.56 0.30 -29.46
CA GLY A 105 -18.57 1.23 -30.00
C GLY A 105 -18.03 2.58 -30.43
N HIS A 106 -17.04 3.11 -29.69
CA HIS A 106 -16.36 4.33 -30.11
C HIS A 106 -15.70 4.12 -31.47
N SER A 107 -15.77 5.13 -32.33
CA SER A 107 -15.20 5.03 -33.67
C SER A 107 -13.75 5.55 -33.76
N ASN A 108 -13.20 6.00 -32.62
CA ASN A 108 -11.82 6.48 -32.56
C ASN A 108 -11.21 6.32 -31.16
N TYR A 109 -10.01 6.87 -30.95
CA TYR A 109 -9.29 6.69 -29.67
C TYR A 109 -10.18 7.04 -28.49
N VAL A 110 -10.10 6.27 -27.42
CA VAL A 110 -10.80 6.61 -26.19
C VAL A 110 -9.80 7.24 -25.22
N PHE A 111 -10.14 8.42 -24.73
CA PHE A 111 -9.19 9.22 -23.97
C PHE A 111 -9.42 9.23 -22.46
N CYS A 112 -10.66 9.06 -22.03
CA CYS A 112 -10.98 9.24 -20.61
C CYS A 112 -12.09 8.30 -20.18
N CYS A 113 -12.10 7.96 -18.90
CA CYS A 113 -13.09 7.01 -18.38
C CYS A 113 -13.27 7.11 -16.87
N ASN A 114 -14.45 6.73 -16.40
CA ASN A 114 -14.78 6.71 -14.96
C ASN A 114 -15.95 5.78 -14.67
N PHE A 115 -15.91 5.13 -13.52
CA PHE A 115 -17.09 4.45 -12.97
C PHE A 115 -17.97 5.48 -12.27
N ASN A 116 -19.28 5.22 -12.21
CA ASN A 116 -20.12 5.97 -11.28
C ASN A 116 -19.92 5.42 -9.85
N PRO A 117 -20.37 6.16 -8.82
CA PRO A 117 -20.22 5.64 -7.44
C PRO A 117 -20.86 4.26 -7.24
N GLN A 118 -22.08 4.08 -7.76
CA GLN A 118 -22.79 2.81 -7.70
C GLN A 118 -21.98 1.69 -8.39
N SER A 119 -21.16 2.10 -9.37
CA SER A 119 -20.29 1.22 -10.16
C SER A 119 -21.04 0.20 -11.04
N ASN A 120 -22.27 0.54 -11.41
CA ASN A 120 -23.03 -0.22 -12.40
C ASN A 120 -22.88 0.39 -13.81
N LEU A 121 -22.31 1.60 -13.85
CA LEU A 121 -22.08 2.35 -15.10
C LEU A 121 -20.63 2.77 -15.27
N ILE A 122 -20.22 2.85 -16.54
CA ILE A 122 -18.99 3.51 -16.92
C ILE A 122 -19.31 4.62 -17.90
N VAL A 123 -18.60 5.74 -17.74
CA VAL A 123 -18.63 6.81 -18.74
C VAL A 123 -17.30 6.89 -19.46
N SER A 124 -17.33 7.23 -20.74
CA SER A 124 -16.12 7.37 -21.54
C SER A 124 -16.24 8.57 -22.48
N GLY A 125 -15.09 9.14 -22.82
CA GLY A 125 -15.00 10.21 -23.81
C GLY A 125 -13.96 9.89 -24.85
N SER A 126 -14.24 10.24 -26.10
CA SER A 126 -13.40 9.81 -27.21
C SER A 126 -12.99 10.95 -28.15
N PHE A 127 -11.93 10.70 -28.93
CA PHE A 127 -11.57 11.53 -30.07
C PHE A 127 -12.77 11.70 -31.01
N ASP A 128 -13.64 10.69 -31.04
CA ASP A 128 -14.85 10.72 -31.88
C ASP A 128 -15.94 11.73 -31.46
N GLU A 129 -15.64 12.53 -30.43
CA GLU A 129 -16.48 13.67 -29.99
C GLU A 129 -17.74 13.26 -29.21
N SER A 130 -17.87 11.97 -28.93
CA SER A 130 -19.01 11.47 -28.17
C SER A 130 -18.62 11.14 -26.74
N VAL A 131 -19.66 11.08 -25.90
CA VAL A 131 -19.57 10.57 -24.55
C VAL A 131 -20.50 9.38 -24.50
N ARG A 132 -19.97 8.22 -24.11
CA ARG A 132 -20.77 7.01 -24.03
C ARG A 132 -20.93 6.56 -22.58
N ILE A 133 -22.10 6.01 -22.30
CA ILE A 133 -22.44 5.44 -20.99
C ILE A 133 -22.67 3.95 -21.17
N TRP A 134 -21.95 3.14 -20.39
CA TRP A 134 -21.92 1.69 -20.58
C TRP A 134 -22.47 0.97 -19.35
N ASP A 135 -23.16 -0.15 -19.58
CA ASP A 135 -23.57 -1.03 -18.50
C ASP A 135 -22.36 -1.90 -18.10
N VAL A 136 -21.95 -1.80 -16.84
CA VAL A 136 -20.78 -2.55 -16.37
C VAL A 136 -21.00 -4.07 -16.46
N LYS A 137 -22.19 -4.51 -16.04
CA LYS A 137 -22.52 -5.95 -16.01
C LYS A 137 -22.52 -6.62 -17.39
N THR A 138 -23.11 -5.97 -18.39
CA THR A 138 -23.32 -6.59 -19.70
C THR A 138 -22.33 -6.16 -20.78
N GLY A 139 -21.66 -5.04 -20.56
CA GLY A 139 -20.73 -4.48 -21.55
C GLY A 139 -21.40 -3.65 -22.65
N LYS A 140 -22.73 -3.60 -22.62
CA LYS A 140 -23.52 -2.89 -23.63
C LYS A 140 -23.46 -1.37 -23.45
N CYS A 141 -23.38 -0.67 -24.59
CA CYS A 141 -23.43 0.79 -24.57
C CYS A 141 -24.89 1.19 -24.42
N LEU A 142 -25.20 1.85 -23.30
CA LEU A 142 -26.58 2.24 -23.01
C LEU A 142 -27.00 3.54 -23.70
N LYS A 143 -26.11 4.53 -23.72
CA LYS A 143 -26.36 5.82 -24.39
C LYS A 143 -25.11 6.34 -25.08
N THR A 144 -25.29 6.92 -26.27
CA THR A 144 -24.23 7.69 -26.91
C THR A 144 -24.68 9.14 -26.97
N LEU A 145 -23.96 10.00 -26.26
CA LEU A 145 -24.28 11.42 -26.19
C LEU A 145 -23.49 12.20 -27.26
N PRO A 146 -24.19 13.00 -28.09
CA PRO A 146 -23.53 13.85 -29.07
C PRO A 146 -22.97 15.06 -28.34
N ALA A 147 -21.96 14.80 -27.52
CA ALA A 147 -21.56 15.73 -26.46
C ALA A 147 -20.87 17.00 -26.95
N HIS A 148 -19.99 16.83 -27.94
CA HIS A 148 -19.06 17.88 -28.32
C HIS A 148 -18.77 17.88 -29.82
N SER A 149 -18.07 18.92 -30.29
CA SER A 149 -17.72 19.03 -31.71
C SER A 149 -16.20 18.94 -31.91
N ASP A 150 -15.52 18.30 -30.96
CA ASP A 150 -14.08 18.03 -31.00
C ASP A 150 -13.77 16.96 -29.94
N PRO A 151 -12.53 16.42 -29.95
CA PRO A 151 -12.18 15.36 -28.99
C PRO A 151 -12.57 15.69 -27.54
N VAL A 152 -13.10 14.68 -26.85
CA VAL A 152 -13.51 14.80 -25.46
C VAL A 152 -12.32 14.45 -24.57
N SER A 153 -11.92 15.40 -23.71
CA SER A 153 -10.70 15.27 -22.90
C SER A 153 -10.91 14.64 -21.51
N ALA A 154 -12.09 14.83 -20.94
CA ALA A 154 -12.39 14.34 -19.59
C ALA A 154 -13.87 14.04 -19.42
N VAL A 155 -14.17 13.04 -18.58
CA VAL A 155 -15.54 12.68 -18.17
C VAL A 155 -15.50 12.27 -16.70
N HIS A 156 -16.47 12.77 -15.93
CA HIS A 156 -16.53 12.49 -14.48
C HIS A 156 -17.97 12.46 -14.00
N PHE A 157 -18.32 11.49 -13.15
CA PHE A 157 -19.61 11.46 -12.47
C PHE A 157 -19.51 12.31 -11.20
N ASN A 158 -20.60 12.97 -10.83
CA ASN A 158 -20.68 13.62 -9.52
C ASN A 158 -20.87 12.59 -8.39
N ARG A 159 -20.87 13.09 -7.16
N ARG A 159 -20.84 13.08 -7.15
CA ARG A 159 -20.88 12.27 -5.94
CA ARG A 159 -20.90 12.24 -5.94
C ARG A 159 -22.04 11.28 -5.83
C ARG A 159 -22.04 11.22 -5.91
N ASP A 160 -23.21 11.63 -6.39
CA ASP A 160 -24.38 10.76 -6.35
C ASP A 160 -24.68 10.05 -7.67
N GLY A 161 -23.78 10.24 -8.64
CA GLY A 161 -23.90 9.62 -9.95
C GLY A 161 -24.97 10.17 -10.89
N SER A 162 -25.79 11.11 -10.41
CA SER A 162 -26.91 11.65 -11.20
C SER A 162 -26.45 12.56 -12.34
N LEU A 163 -25.22 13.10 -12.22
CA LEU A 163 -24.63 13.99 -13.23
C LEU A 163 -23.30 13.49 -13.79
N ILE A 164 -23.08 13.81 -15.07
CA ILE A 164 -21.80 13.62 -15.76
C ILE A 164 -21.30 14.97 -16.22
N VAL A 165 -20.03 15.26 -15.98
CA VAL A 165 -19.41 16.42 -16.58
C VAL A 165 -18.43 15.99 -17.66
N SER A 166 -18.46 16.70 -18.79
CA SER A 166 -17.56 16.42 -19.90
C SER A 166 -16.84 17.70 -20.33
N SER A 167 -15.63 17.54 -20.86
CA SER A 167 -14.88 18.68 -21.41
C SER A 167 -14.33 18.32 -22.79
N SER A 168 -14.08 19.33 -23.60
CA SER A 168 -13.62 19.10 -24.95
C SER A 168 -12.73 20.21 -25.50
N TYR A 169 -11.95 19.84 -26.51
CA TYR A 169 -11.20 20.80 -27.32
C TYR A 169 -12.12 21.79 -28.02
N ASP A 170 -13.42 21.51 -28.07
CA ASP A 170 -14.36 22.48 -28.66
C ASP A 170 -14.51 23.73 -27.79
N GLY A 171 -13.95 23.69 -26.59
CA GLY A 171 -13.93 24.86 -25.70
C GLY A 171 -15.06 24.85 -24.69
N LEU A 172 -15.81 23.75 -24.65
CA LEU A 172 -16.98 23.65 -23.80
C LEU A 172 -16.86 22.67 -22.66
N CYS A 173 -17.46 23.03 -21.52
N CYS A 173 -17.53 22.99 -21.56
CA CYS A 173 -17.79 22.07 -20.47
CA CYS A 173 -17.76 22.05 -20.48
C CYS A 173 -19.30 21.85 -20.51
C CYS A 173 -19.26 21.86 -20.30
N ARG A 174 -19.71 20.61 -20.40
CA ARG A 174 -21.14 20.28 -20.36
C ARG A 174 -21.50 19.33 -19.24
N ILE A 175 -22.64 19.59 -18.62
CA ILE A 175 -23.17 18.74 -17.56
C ILE A 175 -24.40 18.03 -18.11
N TRP A 176 -24.43 16.71 -17.91
CA TRP A 176 -25.44 15.83 -18.45
C TRP A 176 -26.19 15.12 -17.33
N ASP A 177 -27.50 14.95 -17.53
CA ASP A 177 -28.32 14.10 -16.68
C ASP A 177 -27.99 12.68 -17.07
N THR A 178 -27.41 11.91 -16.14
CA THR A 178 -27.03 10.53 -16.43
C THR A 178 -28.19 9.68 -16.92
N ALA A 179 -29.32 9.79 -16.22
CA ALA A 179 -30.49 8.98 -16.51
C ALA A 179 -31.16 9.35 -17.84
N SER A 180 -31.29 10.65 -18.12
CA SER A 180 -32.05 11.10 -19.31
C SER A 180 -31.16 11.27 -20.53
N GLY A 181 -29.86 11.45 -20.30
CA GLY A 181 -28.90 11.69 -21.37
C GLY A 181 -28.94 13.12 -21.91
N GLN A 182 -29.79 13.96 -21.36
CA GLN A 182 -29.88 15.33 -21.85
C GLN A 182 -28.85 16.25 -21.20
N CYS A 183 -28.51 17.31 -21.94
CA CYS A 183 -27.56 18.31 -21.45
C CYS A 183 -28.28 19.28 -20.54
N LEU A 184 -27.81 19.37 -19.30
CA LEU A 184 -28.42 20.26 -18.31
C LEU A 184 -27.82 21.66 -18.36
N LYS A 185 -26.53 21.75 -18.67
CA LYS A 185 -25.83 23.03 -18.65
C LYS A 185 -24.65 23.00 -19.61
N THR A 186 -24.41 24.12 -20.29
CA THR A 186 -23.18 24.33 -21.05
C THR A 186 -22.48 25.54 -20.47
N LEU A 187 -21.26 25.35 -19.99
CA LEU A 187 -20.40 26.48 -19.66
C LEU A 187 -19.64 26.90 -20.92
N ILE A 188 -20.01 28.06 -21.46
CA ILE A 188 -19.46 28.58 -22.71
C ILE A 188 -18.90 29.98 -22.51
N ASP A 191 -14.68 33.12 -26.26
N ASP A 191 -14.64 33.63 -24.42
CA ASP A 191 -13.27 32.79 -26.41
CA ASP A 191 -13.73 32.98 -25.34
C ASP A 191 -13.09 31.28 -26.48
C ASP A 191 -13.75 31.47 -25.12
N ASN A 192 -13.66 30.58 -25.51
N ASN A 192 -13.42 30.70 -26.15
CA ASN A 192 -13.67 29.11 -25.48
CA ASN A 192 -13.50 29.23 -26.06
C ASN A 192 -12.38 28.39 -25.95
C ASN A 192 -12.17 28.49 -26.24
N PRO A 193 -11.23 28.62 -25.27
CA PRO A 193 -10.01 27.84 -25.48
C PRO A 193 -10.29 26.36 -25.14
N PRO A 194 -9.56 25.43 -25.78
CA PRO A 194 -9.78 24.01 -25.50
C PRO A 194 -9.81 23.69 -24.00
N VAL A 195 -10.84 22.96 -23.56
CA VAL A 195 -10.93 22.49 -22.18
C VAL A 195 -10.32 21.08 -22.14
N SER A 196 -9.21 20.98 -21.42
CA SER A 196 -8.34 19.80 -21.40
C SER A 196 -8.61 18.88 -20.22
N PHE A 197 -9.33 19.39 -19.21
CA PHE A 197 -9.63 18.62 -18.01
C PHE A 197 -10.86 19.17 -17.33
N VAL A 198 -11.64 18.27 -16.71
CA VAL A 198 -12.76 18.66 -15.85
C VAL A 198 -13.08 17.56 -14.82
N LYS A 199 -13.46 17.97 -13.62
N LYS A 199 -13.50 17.98 -13.63
CA LYS A 199 -13.94 17.04 -12.60
CA LYS A 199 -13.86 17.07 -12.55
C LYS A 199 -14.78 17.77 -11.58
C LYS A 199 -14.78 17.78 -11.57
N PHE A 200 -15.76 17.05 -11.02
CA PHE A 200 -16.57 17.56 -9.92
C PHE A 200 -15.75 17.63 -8.65
N SER A 201 -16.06 18.61 -7.80
CA SER A 201 -15.56 18.65 -6.42
C SER A 201 -16.11 17.45 -5.62
N PRO A 202 -15.42 17.05 -4.53
CA PRO A 202 -15.92 15.94 -3.72
C PRO A 202 -17.39 16.07 -3.28
N ASN A 203 -17.85 17.28 -2.96
CA ASN A 203 -19.24 17.49 -2.56
C ASN A 203 -20.22 17.71 -3.72
N GLY A 204 -19.69 17.70 -4.94
CA GLY A 204 -20.50 17.77 -6.15
C GLY A 204 -21.04 19.14 -6.50
N LYS A 205 -20.72 20.14 -5.69
CA LYS A 205 -21.21 21.52 -5.88
C LYS A 205 -20.41 22.31 -6.91
N TYR A 206 -19.14 21.96 -7.07
CA TYR A 206 -18.23 22.68 -7.96
C TYR A 206 -17.65 21.80 -9.05
N ILE A 207 -17.11 22.47 -10.07
CA ILE A 207 -16.38 21.82 -11.14
C ILE A 207 -15.03 22.53 -11.28
N LEU A 208 -13.96 21.74 -11.30
CA LEU A 208 -12.63 22.25 -11.59
C LEU A 208 -12.35 21.93 -13.05
N ALA A 209 -12.03 22.96 -13.82
CA ALA A 209 -11.78 22.79 -15.24
C ALA A 209 -10.48 23.46 -15.68
N ALA A 210 -9.69 22.76 -16.47
CA ALA A 210 -8.46 23.32 -17.04
C ALA A 210 -8.67 23.65 -18.51
N THR A 211 -8.07 24.75 -18.93
CA THR A 211 -8.03 25.12 -20.34
C THR A 211 -6.59 25.26 -20.82
N LEU A 212 -6.37 25.18 -22.13
CA LEU A 212 -5.02 25.19 -22.70
C LEU A 212 -4.50 26.62 -22.89
N ASP A 213 -4.88 27.48 -21.95
CA ASP A 213 -4.38 28.84 -21.86
C ASP A 213 -3.77 29.04 -20.47
N ASN A 214 -3.12 27.99 -19.95
CA ASN A 214 -2.38 28.05 -18.69
C ASN A 214 -3.26 28.40 -17.47
N THR A 215 -4.49 27.90 -17.48
CA THR A 215 -5.49 28.32 -16.51
C THR A 215 -6.37 27.17 -16.04
N LEU A 216 -6.53 27.09 -14.72
CA LEU A 216 -7.53 26.24 -14.08
C LEU A 216 -8.59 27.14 -13.47
N LYS A 217 -9.84 26.70 -13.56
CA LYS A 217 -10.96 27.47 -13.00
C LYS A 217 -11.89 26.62 -12.14
N LEU A 218 -12.32 27.18 -11.01
CA LEU A 218 -13.32 26.55 -10.17
C LEU A 218 -14.69 27.18 -10.43
N TRP A 219 -15.64 26.36 -10.87
CA TRP A 219 -16.97 26.84 -11.25
C TRP A 219 -18.06 26.37 -10.30
N ASP A 220 -18.97 27.28 -9.97
CA ASP A 220 -20.27 26.90 -9.41
C ASP A 220 -21.15 26.72 -10.64
N TYR A 221 -21.37 25.48 -11.06
CA TYR A 221 -22.06 25.21 -12.33
C TYR A 221 -23.57 25.46 -12.29
N SER A 222 -24.14 25.36 -11.09
CA SER A 222 -25.57 25.63 -10.89
C SER A 222 -25.88 27.12 -11.09
N LYS A 223 -24.95 27.97 -10.65
CA LYS A 223 -25.05 29.42 -10.93
C LYS A 223 -24.31 29.77 -12.21
N GLY A 224 -23.54 28.82 -12.74
CA GLY A 224 -22.74 29.04 -13.95
C GLY A 224 -21.71 30.15 -13.81
N LYS A 225 -21.11 30.27 -12.63
CA LYS A 225 -20.17 31.35 -12.34
C LYS A 225 -18.80 30.84 -11.89
N CYS A 226 -17.75 31.48 -12.39
CA CYS A 226 -16.37 31.14 -12.03
C CYS A 226 -16.00 31.76 -10.70
N LEU A 227 -15.70 30.92 -9.71
CA LEU A 227 -15.43 31.40 -8.36
C LEU A 227 -13.95 31.63 -8.07
N LYS A 228 -13.09 30.79 -8.66
CA LYS A 228 -11.65 30.91 -8.48
C LYS A 228 -10.90 30.60 -9.77
N THR A 229 -9.73 31.20 -9.91
CA THR A 229 -8.81 30.91 -11.01
C THR A 229 -7.44 30.56 -10.44
N TYR A 230 -6.80 29.53 -11.00
CA TYR A 230 -5.46 29.12 -10.57
C TYR A 230 -4.51 29.15 -11.76
N THR A 231 -3.47 29.96 -11.65
CA THR A 231 -2.50 30.18 -12.72
C THR A 231 -1.07 30.19 -12.17
N GLY A 232 -0.10 30.46 -13.04
CA GLY A 232 1.32 30.43 -12.67
C GLY A 232 2.02 29.21 -13.23
N HIS A 233 1.25 28.20 -13.63
CA HIS A 233 1.80 26.97 -14.21
C HIS A 233 1.80 27.02 -15.75
N LYS A 234 2.33 25.97 -16.37
CA LYS A 234 2.41 25.93 -17.82
C LYS A 234 1.51 24.82 -18.36
N ASN A 235 0.51 25.20 -19.14
CA ASN A 235 -0.42 24.24 -19.72
C ASN A 235 -1.06 24.78 -20.99
N GLU A 236 -0.41 24.52 -22.11
CA GLU A 236 -0.91 24.96 -23.42
C GLU A 236 -0.98 23.85 -24.48
N LYS A 237 -0.51 22.65 -24.13
CA LYS A 237 -0.43 21.56 -25.11
C LYS A 237 -1.10 20.26 -24.67
N TYR A 238 -0.78 19.80 -23.47
CA TYR A 238 -1.20 18.47 -23.02
C TYR A 238 -2.41 18.52 -22.11
N CYS A 239 -3.24 17.49 -22.20
CA CYS A 239 -4.39 17.37 -21.30
C CYS A 239 -3.93 16.84 -19.94
N ILE A 240 -3.68 17.78 -19.04
CA ILE A 240 -3.10 17.50 -17.74
C ILE A 240 -4.20 17.38 -16.69
N PHE A 241 -4.15 16.28 -15.92
CA PHE A 241 -5.14 15.98 -14.90
C PHE A 241 -4.91 16.82 -13.64
N ALA A 242 -5.98 17.34 -13.05
CA ALA A 242 -5.88 18.08 -11.79
C ALA A 242 -6.74 17.45 -10.70
N ASN A 243 -6.53 17.88 -9.45
CA ASN A 243 -7.22 17.27 -8.32
C ASN A 243 -7.56 18.24 -7.21
N PHE A 244 -8.57 17.88 -6.42
CA PHE A 244 -8.83 18.50 -5.13
C PHE A 244 -8.05 17.68 -4.10
N SER A 245 -7.24 18.34 -3.28
CA SER A 245 -6.59 17.66 -2.18
C SER A 245 -7.35 18.00 -0.90
N VAL A 246 -7.85 17.00 -0.20
CA VAL A 246 -8.77 17.24 0.93
C VAL A 246 -8.42 16.55 2.25
N THR A 247 -7.40 15.69 2.21
CA THR A 247 -6.97 14.93 3.40
C THR A 247 -6.38 15.82 4.50
N GLY A 248 -5.65 16.86 4.10
CA GLY A 248 -5.10 17.83 5.05
C GLY A 248 -5.65 19.22 4.77
N GLY A 249 -4.75 20.13 4.39
CA GLY A 249 -5.17 21.44 3.87
C GLY A 249 -5.98 21.27 2.60
N LYS A 250 -6.79 22.27 2.28
CA LYS A 250 -7.62 22.20 1.09
C LYS A 250 -6.89 22.83 -0.11
N TRP A 251 -6.33 21.96 -0.94
CA TRP A 251 -5.48 22.38 -2.05
C TRP A 251 -6.08 22.06 -3.40
N ILE A 252 -5.54 22.73 -4.42
CA ILE A 252 -5.68 22.32 -5.82
C ILE A 252 -4.31 21.80 -6.28
N VAL A 253 -4.30 20.64 -6.94
CA VAL A 253 -3.06 20.02 -7.40
C VAL A 253 -3.10 19.80 -8.90
N SER A 254 -2.03 20.17 -9.60
CA SER A 254 -1.92 19.88 -11.03
C SER A 254 -0.49 19.64 -11.47
N GLY A 255 -0.34 18.85 -12.55
CA GLY A 255 0.93 18.79 -13.25
C GLY A 255 1.11 20.04 -14.10
N SER A 256 2.25 20.12 -14.77
CA SER A 256 2.59 21.28 -15.58
C SER A 256 3.61 20.92 -16.64
N GLU A 257 3.65 21.72 -17.71
CA GLU A 257 4.54 21.49 -18.84
C GLU A 257 5.98 22.01 -18.61
N ASP A 258 6.24 22.52 -17.41
CA ASP A 258 7.60 22.84 -16.98
C ASP A 258 8.16 21.75 -16.05
N ASN A 259 7.51 20.59 -16.06
CA ASN A 259 7.96 19.37 -15.36
C ASN A 259 7.73 19.37 -13.84
N LEU A 260 6.94 20.32 -13.35
CA LEU A 260 6.68 20.46 -11.91
C LEU A 260 5.25 20.06 -11.55
N VAL A 261 5.05 19.68 -10.30
CA VAL A 261 3.71 19.55 -9.74
C VAL A 261 3.42 20.84 -8.98
N TYR A 262 2.30 21.48 -9.32
CA TYR A 262 1.88 22.72 -8.69
C TYR A 262 0.77 22.48 -7.67
N ILE A 263 0.87 23.18 -6.54
CA ILE A 263 -0.14 23.11 -5.49
C ILE A 263 -0.58 24.53 -5.11
N TRP A 264 -1.89 24.77 -5.15
CA TRP A 264 -2.45 26.07 -4.79
C TRP A 264 -3.31 25.93 -3.54
N ASN A 265 -3.42 27.01 -2.79
CA ASN A 265 -4.46 27.14 -1.78
C ASN A 265 -5.77 27.36 -2.53
N LEU A 266 -6.74 26.47 -2.35
CA LEU A 266 -8.01 26.52 -3.07
C LEU A 266 -8.73 27.88 -2.91
N GLN A 267 -8.72 28.42 -1.69
CA GLN A 267 -9.47 29.64 -1.40
C GLN A 267 -8.74 30.92 -1.82
N THR A 268 -7.45 31.01 -1.50
CA THR A 268 -6.68 32.23 -1.76
C THR A 268 -6.12 32.28 -3.18
N LYS A 269 -6.00 31.09 -3.81
CA LYS A 269 -5.47 30.96 -5.17
C LYS A 269 -3.94 31.09 -5.29
N GLU A 270 -3.25 31.36 -4.17
CA GLU A 270 -1.78 31.44 -4.21
C GLU A 270 -1.16 30.06 -4.33
N ILE A 271 -0.06 29.98 -5.07
CA ILE A 271 0.74 28.76 -5.15
C ILE A 271 1.41 28.54 -3.80
N VAL A 272 1.23 27.34 -3.24
CA VAL A 272 1.78 27.02 -1.92
C VAL A 272 2.99 26.10 -1.99
N GLN A 273 3.10 25.34 -3.09
CA GLN A 273 4.25 24.48 -3.31
C GLN A 273 4.39 24.09 -4.76
N LYS A 274 5.65 23.92 -5.20
CA LYS A 274 5.98 23.41 -6.52
C LYS A 274 6.97 22.27 -6.33
N LEU A 275 6.60 21.09 -6.82
CA LEU A 275 7.39 19.87 -6.58
C LEU A 275 8.29 19.57 -7.77
N GLN A 276 9.60 19.60 -7.53
CA GLN A 276 10.56 19.33 -8.60
C GLN A 276 11.17 17.94 -8.48
N GLY A 277 11.40 17.32 -9.62
CA GLY A 277 11.93 15.96 -9.66
C GLY A 277 11.76 15.33 -11.03
N HIS A 278 10.59 15.54 -11.64
CA HIS A 278 10.32 14.98 -12.95
C HIS A 278 11.16 15.65 -14.03
N THR A 279 11.42 14.91 -15.11
CA THR A 279 12.28 15.39 -16.18
C THR A 279 11.52 15.51 -17.50
N ASP A 280 10.19 15.49 -17.42
CA ASP A 280 9.31 15.74 -18.56
C ASP A 280 7.96 16.21 -18.02
N VAL A 281 7.07 16.64 -18.93
CA VAL A 281 5.73 17.11 -18.60
C VAL A 281 5.04 16.18 -17.60
N VAL A 282 4.55 16.74 -16.49
CA VAL A 282 3.75 15.98 -15.52
C VAL A 282 2.31 16.00 -16.01
N ILE A 283 1.88 14.92 -16.65
CA ILE A 283 0.56 14.86 -17.28
C ILE A 283 -0.54 14.41 -16.32
N SER A 284 -0.17 13.71 -15.27
CA SER A 284 -1.17 13.18 -14.33
C SER A 284 -0.73 13.31 -12.88
N THR A 285 -1.67 13.71 -12.02
CA THR A 285 -1.49 13.68 -10.58
C THR A 285 -2.72 13.00 -9.95
N ALA A 286 -2.49 12.37 -8.80
CA ALA A 286 -3.56 11.78 -8.01
C ALA A 286 -3.31 12.06 -6.53
N CYS A 287 -4.39 12.28 -5.78
CA CYS A 287 -4.31 12.50 -4.34
C CYS A 287 -4.89 11.30 -3.61
N HIS A 288 -4.12 10.77 -2.66
CA HIS A 288 -4.52 9.60 -1.88
C HIS A 288 -5.82 9.87 -1.09
N PRO A 289 -6.70 8.86 -0.98
CA PRO A 289 -8.01 9.16 -0.38
C PRO A 289 -8.02 9.44 1.13
N THR A 290 -6.98 9.02 1.86
CA THR A 290 -6.96 9.22 3.33
C THR A 290 -5.68 9.87 3.87
N GLU A 291 -4.56 9.64 3.19
CA GLU A 291 -3.27 10.21 3.60
C GLU A 291 -2.87 11.37 2.71
N ASN A 292 -1.99 12.23 3.21
CA ASN A 292 -1.47 13.34 2.42
C ASN A 292 -0.37 12.83 1.50
N ILE A 293 -0.78 12.08 0.48
CA ILE A 293 0.14 11.51 -0.50
C ILE A 293 -0.29 11.93 -1.90
N ILE A 294 0.68 12.37 -2.70
CA ILE A 294 0.42 12.69 -4.10
C ILE A 294 1.21 11.73 -4.97
N ALA A 295 0.55 11.20 -6.01
CA ALA A 295 1.23 10.48 -7.07
C ALA A 295 1.27 11.37 -8.29
N SER A 296 2.41 11.39 -8.96
CA SER A 296 2.57 12.15 -10.21
C SER A 296 3.25 11.30 -11.27
N ALA A 297 2.93 11.54 -12.54
CA ALA A 297 3.46 10.77 -13.64
C ALA A 297 3.84 11.67 -14.82
N ALA A 298 4.92 11.31 -15.51
CA ALA A 298 5.47 12.16 -16.56
C ALA A 298 5.58 11.46 -17.92
N LEU A 299 5.83 12.28 -18.96
CA LEU A 299 5.86 11.79 -20.35
C LEU A 299 7.18 11.07 -20.73
N GLU A 300 7.42 10.89 -22.03
N GLU A 300 7.40 10.92 -22.03
CA GLU A 300 8.42 9.92 -22.50
CA GLU A 300 8.40 10.01 -22.61
C GLU A 300 9.90 10.16 -22.14
C GLU A 300 9.86 10.17 -22.16
N ASN A 301 10.30 11.41 -21.89
CA ASN A 301 11.68 11.66 -21.41
C ASN A 301 11.88 11.27 -19.94
N ASP A 302 10.78 10.91 -19.27
CA ASP A 302 10.79 10.58 -17.85
C ASP A 302 10.29 9.14 -17.61
N LYS A 303 9.02 8.89 -17.92
CA LYS A 303 8.39 7.55 -17.83
C LYS A 303 8.20 7.00 -16.41
N THR A 304 8.43 7.84 -15.40
CA THR A 304 8.28 7.39 -14.02
C THR A 304 7.07 7.99 -13.32
N ILE A 305 6.69 7.32 -12.25
CA ILE A 305 5.68 7.79 -11.31
C ILE A 305 6.40 8.15 -10.01
N LYS A 306 6.07 9.30 -9.43
CA LYS A 306 6.64 9.68 -8.16
C LYS A 306 5.60 9.79 -7.03
N LEU A 307 5.98 9.33 -5.85
CA LEU A 307 5.11 9.37 -4.68
C LEU A 307 5.65 10.38 -3.68
N TRP A 308 4.82 11.36 -3.34
CA TRP A 308 5.21 12.45 -2.47
C TRP A 308 4.35 12.42 -1.22
N LYS A 309 4.95 12.78 -0.09
CA LYS A 309 4.24 12.74 1.20
C LYS A 309 4.41 14.04 1.98
N SER A 310 3.31 14.50 2.57
CA SER A 310 3.27 15.74 3.34
C SER A 310 2.66 15.51 4.72
N ASP A 311 2.91 16.45 5.63
CA ASP A 311 2.35 16.42 6.98
C ASP A 311 0.99 17.10 7.07
N CYS A 312 0.67 17.94 6.07
CA CYS A 312 -0.62 18.62 6.00
C CYS A 312 -1.07 18.83 4.56
N VAL B 9 43.47 16.41 10.02
CA VAL B 9 43.75 14.93 10.08
C VAL B 9 43.97 14.33 8.68
N LYS B 10 45.14 13.73 8.49
CA LYS B 10 45.56 13.21 7.19
C LYS B 10 45.95 11.74 7.33
N PRO B 11 45.74 10.94 6.26
CA PRO B 11 46.16 9.55 6.34
C PRO B 11 47.68 9.43 6.27
N ASN B 12 48.21 8.28 6.65
CA ASN B 12 49.65 8.02 6.58
C ASN B 12 49.97 6.71 5.86
N TYR B 13 49.34 6.51 4.71
CA TYR B 13 49.56 5.31 3.92
C TYR B 13 51.05 5.10 3.66
N ALA B 14 51.53 3.90 3.98
CA ALA B 14 52.91 3.51 3.72
C ALA B 14 52.93 2.18 2.97
N LEU B 15 53.89 2.02 2.07
CA LEU B 15 54.00 0.80 1.26
C LEU B 15 54.34 -0.40 2.12
N LYS B 16 53.58 -1.48 1.95
CA LYS B 16 53.79 -2.70 2.71
C LYS B 16 54.25 -3.86 1.83
N PHE B 17 53.62 -4.03 0.68
CA PHE B 17 53.92 -5.16 -0.20
C PHE B 17 53.85 -4.76 -1.66
N THR B 18 54.74 -5.34 -2.46
CA THR B 18 54.68 -5.24 -3.91
C THR B 18 54.45 -6.64 -4.46
N LEU B 19 53.41 -6.78 -5.28
CA LEU B 19 53.01 -8.07 -5.80
C LEU B 19 53.37 -8.14 -7.29
N ALA B 20 54.38 -8.95 -7.59
CA ALA B 20 54.85 -9.15 -8.96
C ALA B 20 54.50 -10.55 -9.43
N GLY B 21 54.32 -10.69 -10.74
CA GLY B 21 53.93 -11.97 -11.33
C GLY B 21 53.33 -11.79 -12.70
N HIS B 22 52.52 -10.73 -12.86
CA HIS B 22 51.97 -10.38 -14.16
C HIS B 22 53.11 -9.99 -15.10
N THR B 23 52.99 -10.37 -16.37
CA THR B 23 54.05 -10.12 -17.36
C THR B 23 53.72 -8.98 -18.33
N LYS B 24 52.55 -8.36 -18.13
CA LYS B 24 52.12 -7.17 -18.88
C LYS B 24 51.41 -6.20 -17.93
N ALA B 25 50.89 -5.11 -18.48
CA ALA B 25 50.14 -4.11 -17.69
C ALA B 25 49.07 -4.77 -16.80
N VAL B 26 48.94 -4.30 -15.56
CA VAL B 26 47.87 -4.74 -14.68
C VAL B 26 46.72 -3.73 -14.82
N SER B 27 45.53 -4.22 -15.15
CA SER B 27 44.41 -3.36 -15.50
C SER B 27 43.46 -3.02 -14.35
N SER B 28 43.35 -3.92 -13.37
CA SER B 28 42.31 -3.79 -12.34
C SER B 28 42.69 -4.61 -11.11
N VAL B 29 42.47 -4.03 -9.94
CA VAL B 29 42.59 -4.74 -8.65
C VAL B 29 41.32 -4.53 -7.85
N LYS B 30 40.80 -5.60 -7.23
CA LYS B 30 39.57 -5.54 -6.44
C LYS B 30 39.72 -6.42 -5.21
N PHE B 31 39.39 -5.88 -4.04
CA PHE B 31 39.36 -6.70 -2.82
C PHE B 31 38.08 -7.52 -2.79
N SER B 32 38.17 -8.77 -2.33
CA SER B 32 36.97 -9.57 -2.10
C SER B 32 36.08 -8.90 -1.03
N PRO B 33 34.75 -9.05 -1.14
CA PRO B 33 33.84 -8.53 -0.12
C PRO B 33 34.14 -9.02 1.31
N ASN B 34 34.66 -10.24 1.46
CA ASN B 34 35.04 -10.74 2.79
C ASN B 34 36.39 -10.22 3.29
N GLY B 35 37.06 -9.44 2.45
CA GLY B 35 38.31 -8.75 2.81
C GLY B 35 39.58 -9.59 2.81
N GLU B 36 39.44 -10.87 2.47
CA GLU B 36 40.53 -11.84 2.60
C GLU B 36 41.48 -11.80 1.41
N TRP B 37 40.92 -11.49 0.24
CA TRP B 37 41.66 -11.63 -1.02
C TRP B 37 41.64 -10.35 -1.85
N LEU B 38 42.63 -10.27 -2.74
CA LEU B 38 42.67 -9.28 -3.80
C LEU B 38 42.78 -10.04 -5.11
N ALA B 39 42.00 -9.62 -6.10
CA ALA B 39 42.07 -10.15 -7.45
C ALA B 39 42.66 -9.07 -8.34
N SER B 40 43.55 -9.48 -9.24
CA SER B 40 44.10 -8.59 -10.25
C SER B 40 43.88 -9.17 -11.64
N SER B 41 43.61 -8.30 -12.61
CA SER B 41 43.53 -8.72 -14.02
C SER B 41 44.63 -8.00 -14.79
N SER B 42 44.98 -8.54 -15.96
CA SER B 42 46.12 -8.04 -16.72
C SER B 42 45.99 -8.20 -18.23
N ALA B 43 46.78 -7.40 -18.95
CA ALA B 43 46.93 -7.53 -20.39
C ALA B 43 47.56 -8.87 -20.76
N ASP B 44 48.11 -9.56 -19.77
CA ASP B 44 48.72 -10.87 -19.98
C ASP B 44 47.71 -12.04 -20.05
N LYS B 45 46.41 -11.72 -20.08
CA LYS B 45 45.32 -12.70 -20.20
C LYS B 45 45.05 -13.49 -18.91
N LEU B 46 45.65 -13.07 -17.81
CA LEU B 46 45.55 -13.79 -16.54
C LEU B 46 44.87 -12.99 -15.43
N ILE B 47 44.19 -13.73 -14.56
CA ILE B 47 43.73 -13.24 -13.27
C ILE B 47 44.62 -13.87 -12.21
N LYS B 48 45.05 -13.07 -11.23
CA LYS B 48 45.77 -13.58 -10.07
C LYS B 48 45.06 -13.22 -8.77
N ILE B 49 45.16 -14.12 -7.79
CA ILE B 49 44.57 -13.92 -6.48
C ILE B 49 45.71 -13.84 -5.47
N TRP B 50 45.60 -12.91 -4.54
CA TRP B 50 46.64 -12.65 -3.55
C TRP B 50 45.98 -12.43 -2.20
N GLY B 51 46.69 -12.77 -1.13
CA GLY B 51 46.21 -12.50 0.23
C GLY B 51 46.20 -11.00 0.52
N ALA B 52 45.07 -10.49 0.97
CA ALA B 52 44.92 -9.05 1.19
C ALA B 52 45.81 -8.46 2.32
N TYR B 53 46.18 -9.30 3.28
CA TYR B 53 46.90 -8.83 4.46
C TYR B 53 48.40 -9.12 4.45
N ASP B 54 48.80 -10.13 3.69
CA ASP B 54 50.20 -10.53 3.60
C ASP B 54 50.77 -10.40 2.19
N GLY B 55 49.89 -10.10 1.22
CA GLY B 55 50.29 -9.90 -0.17
C GLY B 55 50.79 -11.16 -0.87
N LYS B 56 50.64 -12.31 -0.22
CA LYS B 56 51.13 -13.59 -0.75
C LYS B 56 50.31 -14.05 -1.95
N PHE B 57 51.02 -14.48 -3.00
CA PHE B 57 50.39 -15.06 -4.18
C PHE B 57 49.60 -16.32 -3.79
N GLU B 58 48.41 -16.43 -4.34
CA GLU B 58 47.52 -17.55 -4.01
C GLU B 58 47.31 -18.47 -5.23
N LYS B 59 46.81 -17.91 -6.33
CA LYS B 59 46.59 -18.70 -7.54
C LYS B 59 46.54 -17.85 -8.81
N THR B 60 46.73 -18.50 -9.95
CA THR B 60 46.54 -17.88 -11.26
C THR B 60 45.33 -18.53 -11.91
N ILE B 61 44.48 -17.69 -12.47
CA ILE B 61 43.28 -18.12 -13.17
C ILE B 61 43.40 -17.74 -14.63
N SER B 62 43.25 -18.73 -15.51
CA SER B 62 43.51 -18.56 -16.93
C SER B 62 42.40 -19.13 -17.81
N GLY B 63 42.30 -18.61 -19.04
CA GLY B 63 41.31 -19.08 -20.00
C GLY B 63 40.92 -18.05 -21.05
N HIS B 64 41.01 -16.77 -20.70
CA HIS B 64 40.76 -15.71 -21.68
C HIS B 64 41.79 -15.75 -22.81
N LYS B 65 41.33 -15.46 -24.02
CA LYS B 65 42.16 -15.61 -25.22
C LYS B 65 42.95 -14.34 -25.53
N LEU B 66 42.57 -13.24 -24.87
CA LEU B 66 43.23 -11.93 -25.00
C LEU B 66 43.27 -11.21 -23.65
N GLY B 67 43.91 -10.06 -23.60
CA GLY B 67 44.06 -9.33 -22.34
C GLY B 67 42.74 -9.03 -21.62
N ILE B 68 42.83 -8.88 -20.31
CA ILE B 68 41.66 -8.62 -19.45
C ILE B 68 41.69 -7.20 -18.92
N SER B 69 40.56 -6.49 -19.09
CA SER B 69 40.40 -5.11 -18.63
C SER B 69 39.88 -4.95 -17.20
N ASP B 70 39.08 -5.90 -16.71
CA ASP B 70 38.40 -5.72 -15.43
C ASP B 70 38.05 -7.05 -14.79
N VAL B 71 37.85 -7.01 -13.48
CA VAL B 71 37.43 -8.18 -12.71
C VAL B 71 36.51 -7.66 -11.59
N ALA B 72 35.59 -8.50 -11.13
CA ALA B 72 34.64 -8.11 -10.08
C ALA B 72 34.27 -9.32 -9.25
N TRP B 73 33.99 -9.11 -7.97
CA TRP B 73 33.63 -10.20 -7.06
C TRP B 73 32.13 -10.28 -6.82
N SER B 74 31.62 -11.50 -6.64
CA SER B 74 30.29 -11.70 -6.07
C SER B 74 30.29 -11.33 -4.57
N SER B 75 29.11 -11.02 -4.04
CA SER B 75 28.95 -10.61 -2.65
C SER B 75 29.43 -11.64 -1.62
N ASP B 76 29.31 -12.93 -1.95
CA ASP B 76 29.80 -14.01 -1.07
C ASP B 76 31.28 -14.35 -1.28
N SER B 77 31.97 -13.59 -2.14
CA SER B 77 33.39 -13.77 -2.46
C SER B 77 33.73 -15.11 -3.14
N ASN B 78 32.71 -15.82 -3.62
CA ASN B 78 32.91 -17.16 -4.18
C ASN B 78 33.12 -17.18 -5.69
N LEU B 79 32.61 -16.15 -6.35
CA LEU B 79 32.70 -16.02 -7.79
C LEU B 79 33.45 -14.74 -8.20
N LEU B 80 34.12 -14.82 -9.34
CA LEU B 80 34.68 -13.67 -10.02
C LEU B 80 34.08 -13.57 -11.41
N VAL B 81 33.93 -12.35 -11.89
CA VAL B 81 33.66 -12.13 -13.30
C VAL B 81 34.80 -11.28 -13.87
N SER B 82 35.19 -11.57 -15.11
CA SER B 82 36.21 -10.80 -15.81
C SER B 82 35.74 -10.31 -17.17
N ALA B 83 36.27 -9.17 -17.60
CA ALA B 83 35.92 -8.55 -18.87
C ALA B 83 37.17 -8.47 -19.75
N SER B 84 37.10 -9.00 -20.97
CA SER B 84 38.29 -9.17 -21.82
C SER B 84 38.21 -8.58 -23.22
N ASP B 85 39.38 -8.29 -23.78
CA ASP B 85 39.53 -7.90 -25.20
C ASP B 85 38.98 -8.99 -26.13
N ASP B 86 38.84 -10.20 -25.63
CA ASP B 86 38.32 -11.30 -26.46
C ASP B 86 36.81 -11.23 -26.68
N LYS B 87 36.19 -10.13 -26.25
CA LYS B 87 34.76 -9.86 -26.46
C LYS B 87 33.85 -10.61 -25.50
N THR B 88 34.42 -11.41 -24.62
CA THR B 88 33.62 -12.17 -23.66
C THR B 88 33.83 -11.70 -22.23
N LEU B 89 32.89 -12.05 -21.37
CA LEU B 89 33.15 -12.10 -19.95
C LEU B 89 33.19 -13.57 -19.52
N LYS B 90 33.95 -13.85 -18.46
CA LYS B 90 33.95 -15.17 -17.86
C LYS B 90 33.63 -15.10 -16.37
N ILE B 91 32.81 -16.04 -15.93
CA ILE B 91 32.48 -16.23 -14.52
C ILE B 91 33.33 -17.39 -14.02
N TRP B 92 34.06 -17.15 -12.93
CA TRP B 92 35.00 -18.13 -12.39
C TRP B 92 34.57 -18.59 -11.00
N ASP B 93 34.75 -19.87 -10.72
CA ASP B 93 34.71 -20.35 -9.34
C ASP B 93 36.08 -20.07 -8.74
N VAL B 94 36.11 -19.20 -7.75
CA VAL B 94 37.37 -18.71 -7.19
C VAL B 94 38.19 -19.84 -6.53
N SER B 95 37.54 -20.69 -5.75
CA SER B 95 38.24 -21.75 -5.03
C SER B 95 38.88 -22.78 -5.97
N SER B 96 38.20 -23.09 -7.07
CA SER B 96 38.71 -24.08 -8.03
C SER B 96 39.51 -23.47 -9.19
N GLY B 97 39.25 -22.19 -9.47
CA GLY B 97 39.88 -21.52 -10.61
C GLY B 97 39.22 -21.82 -11.95
N LYS B 98 38.16 -22.62 -11.93
CA LYS B 98 37.50 -23.09 -13.16
C LYS B 98 36.53 -22.05 -13.73
N CYS B 99 36.49 -21.97 -15.05
CA CYS B 99 35.52 -21.14 -15.75
C CYS B 99 34.17 -21.83 -15.77
N LEU B 100 33.20 -21.23 -15.10
CA LEU B 100 31.84 -21.77 -15.03
C LEU B 100 30.99 -21.39 -16.23
N LYS B 101 31.09 -20.13 -16.65
CA LYS B 101 30.34 -19.64 -17.82
C LYS B 101 31.17 -18.67 -18.65
N THR B 102 30.93 -18.65 -19.96
CA THR B 102 31.47 -17.62 -20.84
C THR B 102 30.29 -16.84 -21.39
N LEU B 103 30.31 -15.52 -21.14
CA LEU B 103 29.23 -14.62 -21.48
C LEU B 103 29.53 -13.99 -22.84
N LYS B 104 28.80 -14.44 -23.86
CA LYS B 104 29.03 -14.02 -25.23
C LYS B 104 27.87 -13.16 -25.73
N GLY B 105 28.20 -12.07 -26.39
CA GLY B 105 27.20 -11.11 -26.84
C GLY B 105 27.81 -9.83 -27.34
N HIS B 106 28.75 -9.26 -26.59
CA HIS B 106 29.42 -8.02 -27.02
C HIS B 106 30.12 -8.24 -28.37
N SER B 107 30.16 -7.18 -29.17
CA SER B 107 30.75 -7.27 -30.52
C SER B 107 32.14 -6.63 -30.58
N ASN B 108 32.62 -6.17 -29.44
CA ASN B 108 33.99 -5.70 -29.31
C ASN B 108 34.49 -5.82 -27.87
N TYR B 109 35.68 -5.29 -27.60
CA TYR B 109 36.33 -5.41 -26.30
C TYR B 109 35.35 -5.14 -25.16
N VAL B 110 35.38 -5.99 -24.14
CA VAL B 110 34.63 -5.73 -22.90
C VAL B 110 35.57 -5.04 -21.91
N PHE B 111 35.22 -3.82 -21.50
CA PHE B 111 36.11 -3.00 -20.70
C PHE B 111 35.83 -3.05 -19.21
N CYS B 112 34.59 -3.26 -18.80
CA CYS B 112 34.21 -3.13 -17.39
C CYS B 112 33.10 -4.08 -16.98
N CYS B 113 33.10 -4.46 -15.71
CA CYS B 113 32.10 -5.41 -15.21
C CYS B 113 31.85 -5.27 -13.72
N ASN B 114 30.70 -5.75 -13.28
CA ASN B 114 30.30 -5.72 -11.87
C ASN B 114 29.11 -6.64 -11.63
N PHE B 115 29.12 -7.34 -10.49
CA PHE B 115 27.93 -8.03 -9.99
C PHE B 115 27.01 -7.03 -9.34
N ASN B 116 25.71 -7.32 -9.30
CA ASN B 116 24.84 -6.59 -8.38
C ASN B 116 25.05 -7.11 -6.94
N PRO B 117 24.60 -6.33 -5.94
CA PRO B 117 24.76 -6.80 -4.56
C PRO B 117 24.16 -8.17 -4.31
N GLN B 118 23.00 -8.45 -4.91
CA GLN B 118 22.35 -9.76 -4.82
C GLN B 118 23.18 -10.85 -5.50
N SER B 119 23.98 -10.42 -6.47
CA SER B 119 24.92 -11.27 -7.23
C SER B 119 24.25 -12.31 -8.13
N ASN B 120 22.99 -12.06 -8.47
CA ASN B 120 22.28 -12.86 -9.47
C ASN B 120 22.44 -12.25 -10.88
N LEU B 121 22.97 -11.03 -10.93
CA LEU B 121 23.17 -10.30 -12.19
C LEU B 121 24.61 -9.79 -12.33
N ILE B 122 25.05 -9.69 -13.58
CA ILE B 122 26.29 -9.02 -13.96
C ILE B 122 25.98 -7.93 -14.98
N VAL B 123 26.61 -6.77 -14.82
CA VAL B 123 26.53 -5.70 -15.78
C VAL B 123 27.90 -5.54 -16.42
N SER B 124 27.92 -5.27 -17.73
CA SER B 124 29.16 -5.08 -18.46
C SER B 124 29.05 -3.86 -19.39
N GLY B 125 30.20 -3.25 -19.69
CA GLY B 125 30.28 -2.16 -20.65
C GLY B 125 31.37 -2.48 -21.67
N SER B 126 31.17 -2.03 -22.91
CA SER B 126 32.04 -2.43 -24.01
C SER B 126 32.41 -1.28 -24.95
N PHE B 127 33.52 -1.48 -25.67
CA PHE B 127 33.91 -0.64 -26.80
C PHE B 127 32.76 -0.57 -27.80
N ASP B 128 31.92 -1.61 -27.83
CA ASP B 128 30.77 -1.65 -28.74
C ASP B 128 29.65 -0.67 -28.39
N GLU B 129 29.85 0.10 -27.32
CA GLU B 129 28.96 1.21 -26.93
C GLU B 129 27.68 0.77 -26.19
N SER B 130 27.56 -0.53 -25.93
CA SER B 130 26.40 -1.06 -25.20
C SER B 130 26.75 -1.40 -23.74
N VAL B 131 25.70 -1.46 -22.92
CA VAL B 131 25.76 -1.97 -21.56
C VAL B 131 24.87 -3.20 -21.59
N ARG B 132 25.41 -4.33 -21.16
CA ARG B 132 24.62 -5.56 -21.12
C ARG B 132 24.40 -6.01 -19.68
N ILE B 133 23.23 -6.61 -19.44
CA ILE B 133 22.89 -7.20 -18.15
C ILE B 133 22.74 -8.71 -18.32
N TRP B 134 23.49 -9.47 -17.52
CA TRP B 134 23.59 -10.92 -17.70
C TRP B 134 23.05 -11.67 -16.49
N ASP B 135 22.41 -12.81 -16.74
CA ASP B 135 21.97 -13.71 -15.69
C ASP B 135 23.17 -14.57 -15.24
N VAL B 136 23.55 -14.46 -13.96
CA VAL B 136 24.71 -15.21 -13.45
C VAL B 136 24.50 -16.73 -13.52
N LYS B 137 23.31 -17.17 -13.15
CA LYS B 137 22.99 -18.61 -13.08
C LYS B 137 23.13 -19.30 -14.44
N THR B 138 22.60 -18.68 -15.48
CA THR B 138 22.56 -19.29 -16.82
C THR B 138 23.66 -18.81 -17.76
N GLY B 139 24.21 -17.63 -17.49
CA GLY B 139 25.24 -17.04 -18.35
C GLY B 139 24.71 -16.37 -19.59
N LYS B 140 23.40 -16.20 -19.67
CA LYS B 140 22.75 -15.58 -20.83
C LYS B 140 22.54 -14.09 -20.65
N CYS B 141 22.56 -13.37 -21.77
CA CYS B 141 22.28 -11.95 -21.78
C CYS B 141 20.79 -11.70 -21.62
N LEU B 142 20.43 -10.94 -20.59
CA LEU B 142 19.02 -10.61 -20.32
C LEU B 142 18.58 -9.35 -21.05
N LYS B 143 19.44 -8.32 -21.02
CA LYS B 143 19.17 -7.07 -21.72
C LYS B 143 20.45 -6.48 -22.33
N THR B 144 20.30 -5.90 -23.52
CA THR B 144 21.33 -5.08 -24.14
C THR B 144 20.80 -3.65 -24.20
N LEU B 145 21.46 -2.75 -23.47
CA LEU B 145 21.04 -1.36 -23.43
C LEU B 145 21.81 -0.55 -24.48
N PRO B 146 21.09 0.22 -25.31
CA PRO B 146 21.72 1.14 -26.27
C PRO B 146 22.24 2.35 -25.51
N ALA B 147 23.26 2.10 -24.70
CA ALA B 147 23.64 2.98 -23.60
C ALA B 147 24.30 4.30 -24.02
N HIS B 148 25.23 4.22 -24.96
CA HIS B 148 26.12 5.33 -25.26
C HIS B 148 26.46 5.39 -26.76
N SER B 149 27.16 6.44 -27.17
CA SER B 149 27.53 6.60 -28.59
C SER B 149 29.05 6.56 -28.80
N ASP B 150 29.74 6.02 -27.80
CA ASP B 150 31.20 5.84 -27.78
C ASP B 150 31.50 4.77 -26.72
N PRO B 151 32.75 4.27 -26.66
CA PRO B 151 33.09 3.22 -25.68
C PRO B 151 32.63 3.48 -24.24
N VAL B 152 32.15 2.43 -23.59
CA VAL B 152 31.68 2.47 -22.20
C VAL B 152 32.85 2.15 -21.27
N SER B 153 33.17 3.10 -20.39
CA SER B 153 34.36 3.01 -19.55
C SER B 153 34.15 2.39 -18.17
N ALA B 154 32.95 2.54 -17.61
CA ALA B 154 32.62 2.04 -16.25
C ALA B 154 31.14 1.69 -16.15
N VAL B 155 30.84 0.65 -15.38
CA VAL B 155 29.46 0.28 -15.01
C VAL B 155 29.43 -0.13 -13.53
N HIS B 156 28.38 0.28 -12.83
CA HIS B 156 28.28 0.04 -11.38
C HIS B 156 26.82 -0.04 -10.93
N PHE B 157 26.49 -1.04 -10.13
CA PHE B 157 25.19 -1.10 -9.46
C PHE B 157 25.23 -0.26 -8.19
N ASN B 158 24.09 0.32 -7.82
CA ASN B 158 23.93 0.95 -6.52
C ASN B 158 23.75 -0.09 -5.40
N ARG B 159 23.61 0.39 -4.17
CA ARG B 159 23.64 -0.48 -2.99
C ARG B 159 22.48 -1.49 -2.89
N ASP B 160 21.33 -1.17 -3.46
CA ASP B 160 20.21 -2.11 -3.44
C ASP B 160 20.03 -2.84 -4.76
N GLY B 161 20.91 -2.54 -5.72
CA GLY B 161 20.87 -3.17 -7.04
C GLY B 161 19.80 -2.68 -8.01
N SER B 162 19.00 -1.69 -7.58
CA SER B 162 17.89 -1.20 -8.40
C SER B 162 18.35 -0.28 -9.53
N LEU B 163 19.53 0.32 -9.39
CA LEU B 163 20.06 1.23 -10.39
C LEU B 163 21.43 0.81 -10.90
N ILE B 164 21.72 1.18 -12.15
CA ILE B 164 23.04 1.05 -12.76
C ILE B 164 23.49 2.43 -13.22
N VAL B 165 24.74 2.77 -12.96
CA VAL B 165 25.33 3.96 -13.57
C VAL B 165 26.37 3.52 -14.61
N SER B 166 26.35 4.16 -15.77
CA SER B 166 27.36 3.92 -16.79
C SER B 166 28.03 5.23 -17.21
N SER B 167 29.27 5.12 -17.65
CA SER B 167 30.00 6.29 -18.18
C SER B 167 30.59 5.97 -19.55
N SER B 168 30.83 7.01 -20.35
CA SER B 168 31.33 6.81 -21.71
C SER B 168 32.21 7.94 -22.22
N TYR B 169 33.04 7.58 -23.21
CA TYR B 169 33.79 8.54 -24.01
C TYR B 169 32.89 9.52 -24.75
N ASP B 170 31.59 9.26 -24.80
CA ASP B 170 30.64 10.19 -25.43
C ASP B 170 30.38 11.41 -24.55
N GLY B 171 30.98 11.41 -23.35
CA GLY B 171 30.89 12.55 -22.43
C GLY B 171 29.73 12.48 -21.44
N LEU B 172 29.00 11.36 -21.44
CA LEU B 172 27.81 11.21 -20.61
C LEU B 172 27.99 10.26 -19.43
N CYS B 173 27.22 10.50 -18.37
CA CYS B 173 26.91 9.47 -17.37
C CYS B 173 25.41 9.22 -17.44
N ARG B 174 25.03 7.94 -17.42
CA ARG B 174 23.61 7.60 -17.45
C ARG B 174 23.22 6.73 -16.26
N ILE B 175 22.02 6.97 -15.74
CA ILE B 175 21.44 6.18 -14.64
C ILE B 175 20.32 5.35 -15.21
N TRP B 176 20.41 4.04 -15.01
CA TRP B 176 19.47 3.08 -15.56
C TRP B 176 18.68 2.39 -14.46
N ASP B 177 17.40 2.12 -14.74
CA ASP B 177 16.60 1.26 -13.90
C ASP B 177 16.95 -0.17 -14.28
N THR B 178 17.52 -0.90 -13.34
CA THR B 178 17.96 -2.28 -13.59
C THR B 178 16.88 -3.18 -14.20
N ALA B 179 15.69 -3.19 -13.59
CA ALA B 179 14.63 -4.14 -13.98
C ALA B 179 14.07 -3.88 -15.38
N SER B 180 13.87 -2.60 -15.70
CA SER B 180 13.22 -2.23 -16.96
C SER B 180 14.22 -1.93 -18.07
N GLY B 181 15.46 -1.59 -17.69
CA GLY B 181 16.47 -1.17 -18.64
C GLY B 181 16.27 0.25 -19.14
N GLN B 182 15.34 0.98 -18.54
CA GLN B 182 15.06 2.36 -18.97
C GLN B 182 16.07 3.33 -18.36
N CYS B 183 16.47 4.32 -19.15
CA CYS B 183 17.37 5.38 -18.66
C CYS B 183 16.55 6.40 -17.86
N LEU B 184 16.94 6.58 -16.60
CA LEU B 184 16.22 7.48 -15.71
C LEU B 184 16.79 8.89 -15.72
N LYS B 185 18.10 8.99 -15.92
CA LYS B 185 18.79 10.28 -15.91
C LYS B 185 20.03 10.24 -16.82
N THR B 186 20.22 11.31 -17.59
CA THR B 186 21.46 11.53 -18.31
C THR B 186 22.11 12.78 -17.73
N LEU B 187 23.34 12.64 -17.26
CA LEU B 187 24.14 13.79 -16.84
C LEU B 187 24.97 14.31 -18.00
N ILE B 188 24.55 15.47 -18.50
CA ILE B 188 25.20 16.14 -19.62
C ILE B 188 25.79 17.46 -19.12
N ASP B 189 27.09 17.62 -19.31
CA ASP B 189 27.82 18.78 -18.77
C ASP B 189 28.21 19.76 -19.88
N ASP B 191 30.20 21.35 -21.76
CA ASP B 191 31.37 20.69 -22.36
C ASP B 191 31.31 19.20 -22.02
N ASN B 192 31.64 18.37 -23.01
CA ASN B 192 31.49 16.94 -22.84
C ASN B 192 32.80 16.15 -23.00
N PRO B 193 33.81 16.40 -22.13
CA PRO B 193 35.02 15.57 -22.19
C PRO B 193 34.70 14.11 -21.88
N PRO B 194 35.49 13.18 -22.45
CA PRO B 194 35.26 11.76 -22.16
C PRO B 194 35.16 11.49 -20.67
N VAL B 195 34.13 10.75 -20.27
CA VAL B 195 33.99 10.29 -18.89
C VAL B 195 34.64 8.91 -18.81
N SER B 196 35.70 8.82 -18.01
CA SER B 196 36.59 7.66 -18.00
C SER B 196 36.34 6.69 -16.87
N PHE B 197 35.51 7.11 -15.90
CA PHE B 197 35.17 6.29 -14.75
C PHE B 197 33.91 6.82 -14.08
N VAL B 198 33.08 5.93 -13.56
CA VAL B 198 31.98 6.32 -12.68
C VAL B 198 31.64 5.21 -11.67
N LYS B 199 31.19 5.62 -10.49
CA LYS B 199 30.58 4.71 -9.51
C LYS B 199 29.69 5.48 -8.53
N PHE B 200 28.69 4.78 -7.99
CA PHE B 200 27.84 5.33 -6.93
C PHE B 200 28.64 5.51 -5.64
N SER B 201 28.26 6.53 -4.87
CA SER B 201 28.72 6.69 -3.49
C SER B 201 28.14 5.57 -2.62
N PRO B 202 28.77 5.25 -1.47
CA PRO B 202 28.26 4.18 -0.60
C PRO B 202 26.77 4.30 -0.27
N ASN B 203 26.28 5.52 -0.08
CA ASN B 203 24.86 5.75 0.24
C ASN B 203 23.94 5.87 -0.99
N GLY B 204 24.53 5.80 -2.19
CA GLY B 204 23.79 5.79 -3.45
C GLY B 204 23.21 7.12 -3.93
N LYS B 205 23.39 8.19 -3.15
CA LYS B 205 22.84 9.51 -3.49
C LYS B 205 23.70 10.27 -4.49
N TYR B 206 25.00 9.96 -4.50
CA TYR B 206 25.96 10.64 -5.38
C TYR B 206 26.62 9.68 -6.36
N ILE B 207 27.22 10.23 -7.41
CA ILE B 207 28.14 9.50 -8.24
C ILE B 207 29.49 10.25 -8.30
N LEU B 208 30.57 9.47 -8.32
CA LEU B 208 31.91 10.02 -8.51
C LEU B 208 32.32 9.74 -9.94
N ALA B 209 32.61 10.80 -10.69
CA ALA B 209 32.92 10.67 -12.11
C ALA B 209 34.26 11.31 -12.47
N ALA B 210 35.07 10.58 -13.24
CA ALA B 210 36.34 11.11 -13.74
C ALA B 210 36.18 11.49 -15.20
N THR B 211 36.80 12.61 -15.59
CA THR B 211 36.86 12.97 -17.01
C THR B 211 38.31 13.11 -17.45
N LEU B 212 38.55 12.88 -18.74
CA LEU B 212 39.90 12.96 -19.30
C LEU B 212 40.43 14.38 -19.46
N ASP B 213 40.03 15.25 -18.53
CA ASP B 213 40.59 16.59 -18.44
C ASP B 213 41.18 16.80 -17.05
N ASN B 214 41.81 15.76 -16.51
CA ASN B 214 42.52 15.83 -15.23
C ASN B 214 41.58 16.20 -14.06
N THR B 215 40.33 15.76 -14.13
CA THR B 215 39.31 16.17 -13.16
C THR B 215 38.41 15.01 -12.71
N LEU B 216 38.21 14.94 -11.40
CA LEU B 216 37.23 14.08 -10.76
C LEU B 216 36.14 14.94 -10.14
N LYS B 217 34.90 14.51 -10.27
CA LYS B 217 33.77 15.28 -9.77
C LYS B 217 32.78 14.42 -9.00
N LEU B 218 32.24 14.99 -7.92
CA LEU B 218 31.18 14.36 -7.15
C LEU B 218 29.86 15.04 -7.48
N TRP B 219 28.91 14.25 -7.99
CA TRP B 219 27.64 14.76 -8.50
C TRP B 219 26.47 14.27 -7.67
N ASP B 220 25.53 15.17 -7.39
CA ASP B 220 24.19 14.78 -6.98
C ASP B 220 23.43 14.58 -8.29
N TYR B 221 23.29 13.33 -8.73
CA TYR B 221 22.75 13.02 -10.06
C TYR B 221 21.24 13.31 -10.20
N SER B 222 20.52 13.31 -9.08
N SER B 222 20.52 13.31 -9.08
CA SER B 222 19.09 13.62 -9.07
CA SER B 222 19.09 13.62 -9.07
C SER B 222 18.84 15.11 -9.31
C SER B 222 18.84 15.11 -9.31
N LYS B 223 19.62 15.94 -8.62
CA LYS B 223 19.53 17.40 -8.77
C LYS B 223 20.25 17.88 -10.03
N GLY B 224 21.22 17.08 -10.49
CA GLY B 224 22.07 17.44 -11.63
C GLY B 224 23.09 18.48 -11.23
N LYS B 225 23.62 18.35 -10.01
CA LYS B 225 24.52 19.36 -9.43
C LYS B 225 25.87 18.77 -9.05
N CYS B 226 26.93 19.49 -9.38
CA CYS B 226 28.30 19.10 -9.01
C CYS B 226 28.67 19.70 -7.66
N LEU B 227 28.90 18.83 -6.70
CA LEU B 227 29.11 19.24 -5.32
C LEU B 227 30.59 19.47 -4.99
N LYS B 228 31.44 18.66 -5.60
CA LYS B 228 32.88 18.66 -5.35
C LYS B 228 33.65 18.37 -6.63
N THR B 229 34.82 18.99 -6.73
CA THR B 229 35.77 18.72 -7.83
C THR B 229 37.15 18.42 -7.23
N TYR B 230 37.79 17.35 -7.69
CA TYR B 230 39.14 16.99 -7.23
C TYR B 230 40.13 17.04 -8.38
N THR B 231 41.22 17.80 -8.19
CA THR B 231 42.22 18.02 -9.23
C THR B 231 43.62 17.99 -8.61
N GLY B 232 44.64 18.14 -9.46
CA GLY B 232 46.03 18.08 -9.02
C GLY B 232 46.75 16.88 -9.62
N HIS B 233 45.96 15.88 -10.01
CA HIS B 233 46.50 14.68 -10.63
C HIS B 233 46.56 14.82 -12.15
N LYS B 234 47.08 13.80 -12.83
CA LYS B 234 47.19 13.82 -14.27
C LYS B 234 46.33 12.68 -14.79
N ASN B 235 45.33 13.03 -15.59
CA ASN B 235 44.41 12.05 -16.15
C ASN B 235 43.81 12.54 -17.47
N GLU B 236 44.53 12.29 -18.57
CA GLU B 236 44.05 12.71 -19.88
C GLU B 236 44.00 11.60 -20.95
N LYS B 237 44.51 10.43 -20.62
CA LYS B 237 44.58 9.34 -21.59
C LYS B 237 43.86 8.06 -21.15
N TYR B 238 44.16 7.60 -19.93
CA TYR B 238 43.71 6.29 -19.46
C TYR B 238 42.48 6.38 -18.60
N CYS B 239 41.67 5.33 -18.66
CA CYS B 239 40.49 5.24 -17.79
C CYS B 239 40.94 4.71 -16.45
N ILE B 240 41.12 5.64 -15.52
CA ILE B 240 41.67 5.34 -14.20
C ILE B 240 40.53 5.22 -13.18
N PHE B 241 40.54 4.12 -12.44
CA PHE B 241 39.52 3.81 -11.43
C PHE B 241 39.72 4.71 -10.21
N ALA B 242 38.61 5.13 -9.60
CA ALA B 242 38.66 5.91 -8.36
C ALA B 242 37.77 5.30 -7.27
N ASN B 243 37.96 5.75 -6.03
CA ASN B 243 37.24 5.14 -4.89
C ASN B 243 36.86 6.12 -3.80
N PHE B 244 35.80 5.77 -3.06
CA PHE B 244 35.52 6.38 -1.77
C PHE B 244 36.23 5.52 -0.71
N SER B 245 37.12 6.12 0.08
CA SER B 245 37.71 5.40 1.20
C SER B 245 36.91 5.76 2.44
N VAL B 246 36.30 4.76 3.08
CA VAL B 246 35.35 5.01 4.17
C VAL B 246 35.66 4.34 5.52
N THR B 247 36.74 3.55 5.56
CA THR B 247 37.08 2.78 6.77
C THR B 247 37.67 3.65 7.89
N GLY B 248 38.31 4.76 7.51
CA GLY B 248 38.89 5.67 8.48
C GLY B 248 38.37 7.07 8.21
N GLY B 249 39.27 7.98 7.86
CA GLY B 249 38.87 9.29 7.34
C GLY B 249 38.12 9.13 6.02
N LYS B 250 37.36 10.15 5.64
CA LYS B 250 36.55 10.09 4.42
C LYS B 250 37.33 10.69 3.24
N TRP B 251 37.91 9.81 2.42
CA TRP B 251 38.80 10.23 1.34
C TRP B 251 38.26 9.89 -0.04
N ILE B 252 38.83 10.54 -1.04
CA ILE B 252 38.71 10.12 -2.42
C ILE B 252 40.08 9.60 -2.85
N VAL B 253 40.11 8.41 -3.44
CA VAL B 253 41.38 7.80 -3.88
C VAL B 253 41.36 7.61 -5.38
N SER B 254 42.50 7.87 -6.05
CA SER B 254 42.61 7.65 -7.48
C SER B 254 44.06 7.46 -7.92
N GLY B 255 44.25 6.69 -8.98
CA GLY B 255 45.52 6.62 -9.66
C GLY B 255 45.74 7.86 -10.51
N SER B 256 46.88 7.90 -11.19
CA SER B 256 47.27 9.09 -11.95
C SER B 256 48.33 8.72 -12.96
N GLU B 257 48.40 9.53 -14.04
CA GLU B 257 49.34 9.28 -15.12
C GLU B 257 50.77 9.77 -14.83
N ASP B 258 50.96 10.40 -13.66
CA ASP B 258 52.32 10.71 -13.17
C ASP B 258 52.85 9.62 -12.20
N ASN B 259 52.24 8.43 -12.25
CA ASN B 259 52.67 7.26 -11.46
C ASN B 259 52.40 7.33 -9.94
N LEU B 260 51.56 8.27 -9.51
CA LEU B 260 51.26 8.43 -8.09
C LEU B 260 49.83 8.03 -7.76
N VAL B 261 49.61 7.58 -6.53
CA VAL B 261 48.26 7.49 -5.99
C VAL B 261 47.94 8.81 -5.30
N TYR B 262 46.79 9.40 -5.62
CA TYR B 262 46.36 10.64 -5.00
C TYR B 262 45.23 10.36 -4.01
N ILE B 263 45.34 11.00 -2.85
CA ILE B 263 44.27 10.95 -1.84
C ILE B 263 43.84 12.37 -1.51
N TRP B 264 42.53 12.61 -1.67
CA TRP B 264 41.91 13.89 -1.32
C TRP B 264 40.99 13.72 -0.12
N ASN B 265 40.88 14.76 0.68
CA ASN B 265 39.80 14.91 1.65
C ASN B 265 38.50 15.14 0.87
N LEU B 266 37.53 14.23 1.04
CA LEU B 266 36.26 14.33 0.29
C LEU B 266 35.59 15.70 0.41
N GLN B 267 35.49 16.22 1.63
CA GLN B 267 34.80 17.50 1.88
C GLN B 267 35.59 18.75 1.49
N THR B 268 36.86 18.82 1.88
CA THR B 268 37.66 20.02 1.65
C THR B 268 38.23 20.09 0.23
N LYS B 269 38.36 18.91 -0.39
CA LYS B 269 38.93 18.75 -1.73
C LYS B 269 40.46 18.83 -1.79
N GLU B 270 41.09 19.09 -0.63
CA GLU B 270 42.56 19.18 -0.55
C GLU B 270 43.22 17.81 -0.69
N ILE B 271 44.34 17.77 -1.41
CA ILE B 271 45.15 16.54 -1.50
C ILE B 271 45.77 16.34 -0.12
N VAL B 272 45.61 15.14 0.43
CA VAL B 272 46.14 14.83 1.77
C VAL B 272 47.32 13.87 1.72
N GLN B 273 47.49 13.19 0.59
CA GLN B 273 48.62 12.29 0.38
C GLN B 273 48.82 11.94 -1.08
N LYS B 274 50.09 11.77 -1.45
CA LYS B 274 50.46 11.26 -2.77
C LYS B 274 51.43 10.10 -2.56
N LEU B 275 51.02 8.92 -3.01
CA LEU B 275 51.77 7.69 -2.74
C LEU B 275 52.73 7.39 -3.89
N GLN B 276 54.02 7.35 -3.55
CA GLN B 276 55.08 7.18 -4.53
C GLN B 276 55.67 5.77 -4.49
N GLY B 277 55.93 5.21 -5.68
CA GLY B 277 56.47 3.86 -5.77
C GLY B 277 56.34 3.26 -7.15
N HIS B 278 55.19 3.43 -7.78
CA HIS B 278 54.93 2.86 -9.11
C HIS B 278 55.80 3.53 -10.18
N THR B 279 56.05 2.80 -11.26
CA THR B 279 56.94 3.27 -12.32
C THR B 279 56.22 3.45 -13.65
N ASP B 280 54.89 3.33 -13.61
CA ASP B 280 54.05 3.60 -14.77
C ASP B 280 52.70 4.12 -14.26
N VAL B 281 51.85 4.57 -15.18
CA VAL B 281 50.49 5.01 -14.85
C VAL B 281 49.78 4.07 -13.89
N VAL B 282 49.25 4.63 -12.80
CA VAL B 282 48.44 3.87 -11.86
C VAL B 282 47.01 3.91 -12.39
N ILE B 283 46.56 2.79 -12.97
CA ILE B 283 45.27 2.76 -13.66
C ILE B 283 44.14 2.32 -12.73
N SER B 284 44.50 1.58 -11.68
CA SER B 284 43.48 1.05 -10.78
C SER B 284 43.89 1.23 -9.33
N THR B 285 42.91 1.57 -8.51
CA THR B 285 43.05 1.53 -7.06
C THR B 285 41.84 0.84 -6.46
N ALA B 286 42.02 0.24 -5.28
CA ALA B 286 40.91 -0.36 -4.55
C ALA B 286 41.09 -0.08 -3.06
N CYS B 287 39.97 0.07 -2.35
CA CYS B 287 40.00 0.31 -0.91
C CYS B 287 39.40 -0.88 -0.17
N HIS B 288 40.14 -1.38 0.82
CA HIS B 288 39.73 -2.56 1.59
C HIS B 288 38.40 -2.32 2.34
N PRO B 289 37.53 -3.36 2.41
CA PRO B 289 36.20 -3.18 2.99
C PRO B 289 36.14 -2.86 4.48
N THR B 290 37.18 -3.21 5.24
CA THR B 290 37.16 -3.03 6.70
C THR B 290 38.41 -2.36 7.26
N GLU B 291 39.52 -2.47 6.55
CA GLU B 291 40.78 -1.90 7.02
C GLU B 291 41.22 -0.71 6.16
N ASN B 292 42.07 0.14 6.72
CA ASN B 292 42.65 1.25 5.97
C ASN B 292 43.79 0.74 5.08
N ILE B 293 43.41 -0.01 4.05
CA ILE B 293 44.33 -0.60 3.07
C ILE B 293 43.91 -0.20 1.66
N ILE B 294 44.88 0.25 0.87
CA ILE B 294 44.69 0.54 -0.54
C ILE B 294 45.52 -0.44 -1.38
N ALA B 295 44.94 -0.93 -2.47
CA ALA B 295 45.70 -1.64 -3.49
C ALA B 295 45.76 -0.73 -4.70
N SER B 296 46.89 -0.78 -5.40
CA SER B 296 47.09 0.03 -6.60
C SER B 296 47.82 -0.81 -7.65
N ALA B 297 47.49 -0.58 -8.92
CA ALA B 297 48.07 -1.35 -10.01
C ALA B 297 48.46 -0.44 -11.16
N ALA B 298 49.57 -0.77 -11.80
CA ALA B 298 50.17 0.09 -12.81
C ALA B 298 50.40 -0.63 -14.14
N LEU B 299 50.70 0.15 -15.18
CA LEU B 299 50.74 -0.36 -16.55
C LEU B 299 52.07 -1.02 -16.95
N GLU B 300 52.31 -1.10 -18.27
CA GLU B 300 53.34 -1.99 -18.87
C GLU B 300 54.77 -1.87 -18.33
N ASN B 301 55.19 -0.66 -17.96
CA ASN B 301 56.55 -0.44 -17.47
C ASN B 301 56.67 -0.67 -15.96
N ASP B 302 55.61 -1.18 -15.36
CA ASP B 302 55.56 -1.42 -13.93
C ASP B 302 55.17 -2.87 -13.65
N LYS B 303 53.94 -3.24 -14.04
CA LYS B 303 53.44 -4.61 -13.99
C LYS B 303 53.15 -5.15 -12.58
N THR B 304 53.13 -4.28 -11.59
CA THR B 304 52.93 -4.70 -10.22
C THR B 304 51.68 -4.11 -9.58
N ILE B 305 51.32 -4.72 -8.46
CA ILE B 305 50.27 -4.26 -7.59
C ILE B 305 50.98 -3.90 -6.30
N LYS B 306 50.57 -2.80 -5.67
CA LYS B 306 51.16 -2.42 -4.40
C LYS B 306 50.08 -2.28 -3.33
N LEU B 307 50.39 -2.77 -2.12
CA LEU B 307 49.50 -2.70 -0.98
C LEU B 307 50.04 -1.69 0.03
N TRP B 308 49.17 -0.77 0.42
CA TRP B 308 49.52 0.33 1.31
C TRP B 308 48.60 0.31 2.50
N LYS B 309 49.14 0.60 3.68
CA LYS B 309 48.38 0.59 4.91
C LYS B 309 48.49 1.94 5.65
N SER B 310 47.38 2.38 6.22
CA SER B 310 47.32 3.63 7.00
C SER B 310 46.67 3.43 8.37
N ASP B 311 46.96 4.34 9.28
CA ASP B 311 46.36 4.34 10.61
C ASP B 311 44.96 4.95 10.64
N CYS B 312 44.62 5.74 9.62
CA CYS B 312 43.30 6.37 9.51
C CYS B 312 42.91 6.61 8.06
N VAL C 9 9.42 -29.90 -5.62
CA VAL C 9 10.31 -28.73 -5.36
C VAL C 9 10.44 -28.41 -3.86
N LYS C 10 11.67 -28.52 -3.38
CA LYS C 10 12.02 -28.20 -1.99
C LYS C 10 13.21 -27.23 -2.02
N PRO C 11 13.30 -26.32 -1.02
CA PRO C 11 14.41 -25.36 -1.00
C PRO C 11 15.71 -26.02 -0.61
N ASN C 12 16.83 -25.34 -0.87
CA ASN C 12 18.15 -25.87 -0.53
C ASN C 12 19.02 -24.81 0.14
N TYR C 13 18.50 -24.22 1.22
CA TYR C 13 19.21 -23.19 1.98
C TYR C 13 20.55 -23.71 2.48
N ALA C 14 21.59 -22.92 2.23
CA ALA C 14 22.93 -23.26 2.67
C ALA C 14 23.51 -22.06 3.42
N LEU C 15 24.30 -22.36 4.44
CA LEU C 15 24.89 -21.32 5.27
C LEU C 15 25.87 -20.48 4.46
N LYS C 16 25.67 -19.17 4.52
CA LYS C 16 26.53 -18.23 3.81
C LYS C 16 27.43 -17.50 4.80
N PHE C 17 26.84 -17.00 5.89
CA PHE C 17 27.56 -16.21 6.89
C PHE C 17 27.06 -16.51 8.31
N THR C 18 27.97 -16.40 9.26
CA THR C 18 27.64 -16.40 10.68
C THR C 18 28.12 -15.07 11.22
N LEU C 19 27.18 -14.25 11.69
CA LEU C 19 27.47 -12.88 12.13
C LEU C 19 27.61 -12.82 13.65
N ALA C 20 28.84 -12.68 14.13
CA ALA C 20 29.10 -12.57 15.57
C ALA C 20 29.32 -11.10 15.91
N GLY C 21 28.95 -10.72 17.13
CA GLY C 21 29.08 -9.34 17.59
C GLY C 21 28.31 -9.05 18.86
N HIS C 22 27.08 -9.55 18.95
CA HIS C 22 26.27 -9.40 20.16
C HIS C 22 26.86 -10.22 21.32
N THR C 23 26.67 -9.76 22.54
CA THR C 23 27.28 -10.42 23.70
C THR C 23 26.28 -11.15 24.60
N LYS C 24 25.01 -11.15 24.17
CA LYS C 24 23.93 -11.89 24.83
C LYS C 24 22.99 -12.43 23.75
N ALA C 25 21.90 -13.06 24.18
CA ALA C 25 20.87 -13.55 23.26
C ALA C 25 20.50 -12.50 22.22
N VAL C 26 20.40 -12.93 20.97
CA VAL C 26 19.87 -12.08 19.89
C VAL C 26 18.36 -12.34 19.81
N SER C 27 17.56 -11.29 19.97
CA SER C 27 16.12 -11.43 20.11
C SER C 27 15.31 -11.36 18.82
N SER C 28 15.83 -10.62 17.83
CA SER C 28 15.04 -10.29 16.65
C SER C 28 15.97 -9.91 15.52
N VAL C 29 15.72 -10.45 14.33
CA VAL C 29 16.39 -9.99 13.11
C VAL C 29 15.34 -9.59 12.09
N LYS C 30 15.60 -8.49 11.38
CA LYS C 30 14.65 -7.95 10.39
C LYS C 30 15.43 -7.40 9.20
N PHE C 31 15.05 -7.82 7.99
CA PHE C 31 15.59 -7.22 6.75
C PHE C 31 14.90 -5.87 6.47
N SER C 32 15.68 -4.91 6.00
CA SER C 32 15.15 -3.61 5.57
C SER C 32 14.25 -3.84 4.35
N PRO C 33 13.16 -3.05 4.22
CA PRO C 33 12.27 -3.19 3.07
C PRO C 33 12.99 -3.12 1.72
N ASN C 34 14.06 -2.33 1.63
CA ASN C 34 14.82 -2.25 0.38
C ASN C 34 15.82 -3.39 0.18
N GLY C 35 15.90 -4.29 1.16
CA GLY C 35 16.68 -5.51 1.05
C GLY C 35 18.19 -5.38 1.27
N GLU C 36 18.65 -4.15 1.55
CA GLU C 36 20.07 -3.84 1.73
C GLU C 36 20.66 -4.30 3.07
N TRP C 37 19.85 -4.23 4.12
CA TRP C 37 20.34 -4.34 5.49
C TRP C 37 19.59 -5.39 6.29
N LEU C 38 20.27 -5.93 7.28
CA LEU C 38 19.65 -6.68 8.34
C LEU C 38 19.88 -5.91 9.64
N ALA C 39 18.81 -5.72 10.39
CA ALA C 39 18.91 -5.14 11.73
C ALA C 39 18.73 -6.26 12.73
N SER C 40 19.50 -6.24 13.81
CA SER C 40 19.33 -7.21 14.91
C SER C 40 19.26 -6.51 16.25
N SER C 41 18.46 -7.05 17.15
CA SER C 41 18.37 -6.55 18.53
C SER C 41 18.78 -7.65 19.49
N SER C 42 19.16 -7.26 20.70
CA SER C 42 19.72 -8.22 21.62
C SER C 42 19.48 -7.86 23.08
N ALA C 43 19.55 -8.88 23.95
CA ALA C 43 19.53 -8.67 25.38
C ALA C 43 20.73 -7.84 25.83
N ASP C 44 21.73 -7.66 24.96
CA ASP C 44 22.89 -6.83 25.31
C ASP C 44 22.64 -5.32 25.18
N LYS C 45 21.38 -4.95 24.94
CA LYS C 45 20.93 -3.54 24.87
C LYS C 45 21.23 -2.88 23.52
N LEU C 46 21.81 -3.62 22.60
CA LEU C 46 22.30 -3.07 21.33
C LEU C 46 21.47 -3.48 20.13
N ILE C 47 21.42 -2.59 19.14
CA ILE C 47 20.95 -2.91 17.79
C ILE C 47 22.18 -2.88 16.91
N LYS C 48 22.30 -3.85 16.00
CA LYS C 48 23.40 -3.84 15.05
C LYS C 48 22.84 -3.89 13.63
N ILE C 49 23.53 -3.21 12.72
CA ILE C 49 23.16 -3.24 11.30
C ILE C 49 24.23 -4.00 10.52
N TRP C 50 23.76 -4.85 9.62
CA TRP C 50 24.62 -5.73 8.84
C TRP C 50 24.21 -5.67 7.38
N GLY C 51 25.19 -5.78 6.47
CA GLY C 51 24.88 -5.91 5.04
C GLY C 51 24.21 -7.26 4.76
N ALA C 52 23.07 -7.24 4.05
CA ALA C 52 22.29 -8.46 3.81
C ALA C 52 22.96 -9.47 2.88
N TYR C 53 23.84 -8.98 2.01
CA TYR C 53 24.40 -9.83 0.96
C TYR C 53 25.82 -10.34 1.22
N ASP C 54 26.61 -9.56 1.95
CA ASP C 54 27.99 -9.95 2.31
C ASP C 54 28.17 -10.15 3.82
N GLY C 55 27.10 -9.94 4.58
CA GLY C 55 27.14 -10.11 6.04
C GLY C 55 28.05 -9.15 6.79
N LYS C 56 28.52 -8.10 6.10
CA LYS C 56 29.46 -7.13 6.70
C LYS C 56 28.79 -6.28 7.77
N PHE C 57 29.43 -6.21 8.94
CA PHE C 57 28.96 -5.35 10.02
C PHE C 57 28.99 -3.89 9.57
N GLU C 58 27.89 -3.18 9.82
CA GLU C 58 27.78 -1.77 9.43
C GLU C 58 27.92 -0.84 10.62
N LYS C 59 27.06 -1.00 11.63
CA LYS C 59 27.13 -0.14 12.82
C LYS C 59 26.35 -0.70 14.01
N THR C 60 26.67 -0.15 15.17
CA THR C 60 25.95 -0.44 16.41
C THR C 60 25.16 0.80 16.81
N ILE C 61 23.91 0.59 17.21
CA ILE C 61 23.04 1.67 17.65
C ILE C 61 22.71 1.43 19.12
N SER C 62 23.04 2.40 19.97
CA SER C 62 22.93 2.21 21.42
C SER C 62 22.12 3.34 22.07
N GLY C 63 21.56 3.06 23.24
CA GLY C 63 20.78 4.06 23.97
C GLY C 63 19.79 3.49 24.96
N HIS C 64 19.21 2.33 24.65
CA HIS C 64 18.34 1.64 25.60
C HIS C 64 19.09 1.28 26.87
N LYS C 65 18.40 1.32 28.00
CA LYS C 65 19.00 1.06 29.29
C LYS C 65 18.98 -0.42 29.67
N LEU C 66 18.10 -1.17 29.02
CA LEU C 66 17.99 -2.60 29.26
C LEU C 66 17.86 -3.34 27.93
N GLY C 67 17.83 -4.67 28.00
CA GLY C 67 17.73 -5.51 26.81
C GLY C 67 16.62 -5.15 25.85
N ILE C 68 16.84 -5.43 24.57
CA ILE C 68 15.87 -5.14 23.50
C ILE C 68 15.24 -6.42 23.00
N SER C 69 13.91 -6.44 22.97
CA SER C 69 13.14 -7.61 22.55
C SER C 69 12.84 -7.62 21.04
N ASP C 70 12.68 -6.46 20.44
CA ASP C 70 12.23 -6.40 19.04
C ASP C 70 12.72 -5.13 18.35
N VAL C 71 12.76 -5.19 17.02
CA VAL C 71 13.14 -4.07 16.18
C VAL C 71 12.31 -4.16 14.89
N ALA C 72 11.99 -3.01 14.30
CA ALA C 72 11.23 -2.96 13.04
C ALA C 72 11.64 -1.76 12.21
N TRP C 73 11.58 -1.92 10.89
CA TRP C 73 11.96 -0.90 9.93
C TRP C 73 10.76 -0.10 9.43
N SER C 74 10.96 1.19 9.18
CA SER C 74 9.97 1.96 8.41
C SER C 74 10.01 1.55 6.94
N SER C 75 8.93 1.82 6.22
CA SER C 75 8.81 1.40 4.81
C SER C 75 9.86 2.01 3.88
N ASP C 76 10.42 3.16 4.24
CA ASP C 76 11.48 3.78 3.44
C ASP C 76 12.90 3.36 3.86
N SER C 77 13.00 2.46 4.82
CA SER C 77 14.28 1.93 5.34
C SER C 77 15.13 2.96 6.08
N ASN C 78 14.55 4.11 6.39
CA ASN C 78 15.29 5.20 7.03
C ASN C 78 15.22 5.17 8.54
N LEU C 79 14.16 4.56 9.07
CA LEU C 79 13.92 4.55 10.50
C LEU C 79 13.83 3.13 11.03
N LEU C 80 14.21 2.97 12.30
CA LEU C 80 14.00 1.73 13.02
C LEU C 80 13.22 2.05 14.27
N VAL C 81 12.41 1.11 14.73
CA VAL C 81 11.82 1.20 16.06
C VAL C 81 12.24 -0.02 16.86
N SER C 82 12.55 0.19 18.13
CA SER C 82 12.95 -0.91 19.01
C SER C 82 12.04 -0.98 20.23
N ALA C 83 11.84 -2.18 20.76
CA ALA C 83 11.02 -2.41 21.96
C ALA C 83 11.89 -3.04 23.06
N SER C 84 11.92 -2.41 24.24
CA SER C 84 12.89 -2.77 25.28
C SER C 84 12.31 -3.07 26.67
N ASP C 85 13.08 -3.84 27.44
CA ASP C 85 12.76 -4.12 28.84
C ASP C 85 12.73 -2.84 29.69
N ASP C 86 13.33 -1.77 29.18
CA ASP C 86 13.37 -0.51 29.91
C ASP C 86 12.02 0.23 29.85
N LYS C 87 11.00 -0.48 29.36
CA LYS C 87 9.61 0.00 29.29
C LYS C 87 9.37 1.04 28.20
N THR C 88 10.38 1.29 27.37
CA THR C 88 10.24 2.27 26.30
C THR C 88 10.41 1.63 24.94
N LEU C 89 9.96 2.37 23.92
CA LEU C 89 10.36 2.13 22.56
C LEU C 89 11.18 3.33 22.11
N LYS C 90 12.11 3.11 21.19
CA LYS C 90 12.87 4.22 20.64
C LYS C 90 12.79 4.21 19.12
N ILE C 91 12.71 5.41 18.54
CA ILE C 91 12.75 5.59 17.09
C ILE C 91 14.14 6.07 16.72
N TRP C 92 14.76 5.40 15.76
CA TRP C 92 16.16 5.65 15.42
C TRP C 92 16.31 6.11 13.98
N ASP C 93 17.17 7.10 13.77
CA ASP C 93 17.63 7.43 12.42
C ASP C 93 18.74 6.46 12.06
N VAL C 94 18.46 5.56 11.13
CA VAL C 94 19.40 4.49 10.79
C VAL C 94 20.75 5.03 10.30
N SER C 95 20.71 6.05 9.44
CA SER C 95 21.94 6.59 8.83
C SER C 95 22.87 7.30 9.81
N SER C 96 22.31 8.05 10.76
CA SER C 96 23.12 8.71 11.78
C SER C 96 23.26 7.89 13.07
N GLY C 97 22.38 6.91 13.25
CA GLY C 97 22.35 6.10 14.47
C GLY C 97 21.73 6.81 15.67
N LYS C 98 21.18 8.01 15.46
CA LYS C 98 20.67 8.82 16.57
C LYS C 98 19.26 8.42 16.99
N CYS C 99 19.00 8.45 18.29
CA CYS C 99 17.64 8.30 18.82
C CYS C 99 16.86 9.58 18.58
N LEU C 100 15.80 9.48 17.77
CA LEU C 100 14.96 10.62 17.43
C LEU C 100 13.85 10.85 18.46
N LYS C 101 13.28 9.75 18.96
CA LYS C 101 12.17 9.80 19.90
C LYS C 101 12.21 8.61 20.87
N THR C 102 11.83 8.87 22.13
CA THR C 102 11.63 7.82 23.12
C THR C 102 10.16 7.75 23.48
N LEU C 103 9.55 6.59 23.23
CA LEU C 103 8.12 6.42 23.42
C LEU C 103 7.84 5.83 24.79
N LYS C 104 7.26 6.66 25.66
CA LYS C 104 7.05 6.31 27.06
C LYS C 104 5.56 6.18 27.33
N GLY C 105 5.18 5.16 28.09
CA GLY C 105 3.77 4.92 28.40
C GLY C 105 3.46 3.55 28.96
N HIS C 106 4.14 2.52 28.44
CA HIS C 106 4.00 1.17 28.97
C HIS C 106 4.50 1.10 30.42
N SER C 107 3.82 0.31 31.24
CA SER C 107 4.17 0.17 32.66
C SER C 107 5.10 -1.01 32.95
N ASN C 108 5.42 -1.79 31.92
CA ASN C 108 6.39 -2.90 32.05
C ASN C 108 7.12 -3.15 30.71
N TYR C 109 7.83 -4.28 30.61
CA TYR C 109 8.65 -4.57 29.42
C TYR C 109 7.85 -4.48 28.13
N VAL C 110 8.43 -3.86 27.11
CA VAL C 110 7.84 -3.84 25.77
C VAL C 110 8.45 -4.99 24.96
N PHE C 111 7.60 -5.88 24.48
CA PHE C 111 8.05 -7.13 23.85
C PHE C 111 8.09 -7.11 22.32
N CYS C 112 7.23 -6.30 21.71
CA CYS C 112 7.03 -6.34 20.27
C CYS C 112 6.66 -4.99 19.68
N CYS C 113 7.04 -4.78 18.42
CA CYS C 113 6.77 -3.51 17.73
C CYS C 113 6.72 -3.64 16.20
N ASN C 114 5.99 -2.72 15.57
CA ASN C 114 5.91 -2.65 14.09
C ASN C 114 5.43 -1.27 13.66
N PHE C 115 5.96 -0.78 12.54
CA PHE C 115 5.38 0.36 11.84
C PHE C 115 4.18 -0.12 11.02
N ASN C 116 3.21 0.75 10.76
CA ASN C 116 2.22 0.49 9.71
C ASN C 116 2.84 0.74 8.33
N PRO C 117 2.20 0.25 7.24
CA PRO C 117 2.73 0.48 5.90
C PRO C 117 2.99 1.96 5.62
N GLN C 118 2.08 2.81 6.08
CA GLN C 118 2.19 4.27 5.97
C GLN C 118 3.43 4.82 6.68
N SER C 119 3.89 4.10 7.72
CA SER C 119 5.03 4.47 8.56
C SER C 119 4.85 5.79 9.33
N ASN C 120 3.59 6.17 9.56
CA ASN C 120 3.27 7.30 10.44
C ASN C 120 2.79 6.84 11.82
N LEU C 121 2.58 5.53 11.96
CA LEU C 121 2.19 4.91 13.23
C LEU C 121 3.10 3.76 13.62
N ILE C 122 3.24 3.56 14.93
CA ILE C 122 3.91 2.39 15.47
C ILE C 122 2.94 1.68 16.41
N VAL C 123 2.89 0.35 16.32
CA VAL C 123 2.15 -0.46 17.29
C VAL C 123 3.13 -1.23 18.19
N SER C 124 2.80 -1.32 19.48
CA SER C 124 3.61 -2.06 20.45
C SER C 124 2.77 -2.94 21.35
N GLY C 125 3.36 -4.05 21.80
CA GLY C 125 2.75 -4.95 22.79
C GLY C 125 3.66 -5.19 23.98
N SER C 126 3.06 -5.26 25.16
CA SER C 126 3.85 -5.29 26.39
C SER C 126 3.45 -6.35 27.41
N PHE C 127 4.39 -6.69 28.29
CA PHE C 127 4.13 -7.49 29.48
C PHE C 127 2.97 -6.90 30.30
N ASP C 128 2.80 -5.58 30.24
CA ASP C 128 1.71 -4.90 30.95
C ASP C 128 0.30 -5.23 30.41
N GLU C 129 0.25 -6.11 29.41
CA GLU C 129 -1.01 -6.67 28.89
C GLU C 129 -1.76 -5.72 27.95
N SER C 130 -1.13 -4.63 27.56
CA SER C 130 -1.75 -3.67 26.67
C SER C 130 -1.06 -3.60 25.31
N VAL C 131 -1.81 -3.16 24.32
CA VAL C 131 -1.29 -2.80 23.01
C VAL C 131 -1.40 -1.28 22.86
N ARG C 132 -0.33 -0.62 22.44
CA ARG C 132 -0.36 0.83 22.26
C ARG C 132 -0.06 1.23 20.82
N ILE C 133 -0.73 2.31 20.38
CA ILE C 133 -0.50 2.91 19.06
C ILE C 133 0.12 4.29 19.22
N TRP C 134 1.23 4.51 18.53
CA TRP C 134 2.02 5.72 18.68
C TRP C 134 2.11 6.52 17.39
N ASP C 135 2.12 7.84 17.53
CA ASP C 135 2.39 8.75 16.42
C ASP C 135 3.90 8.82 16.17
N VAL C 136 4.33 8.48 14.96
CA VAL C 136 5.76 8.49 14.61
C VAL C 136 6.36 9.92 14.71
N LYS C 137 5.64 10.89 14.16
CA LYS C 137 6.13 12.27 14.05
C LYS C 137 6.39 12.94 15.41
N THR C 138 5.47 12.75 16.35
CA THR C 138 5.53 13.40 17.65
C THR C 138 6.03 12.48 18.77
N GLY C 139 5.93 11.18 18.56
CA GLY C 139 6.26 10.21 19.60
C GLY C 139 5.22 10.08 20.71
N LYS C 140 4.09 10.77 20.57
CA LYS C 140 3.00 10.68 21.54
C LYS C 140 2.19 9.38 21.37
N CYS C 141 1.69 8.85 22.49
CA CYS C 141 0.82 7.68 22.46
C CYS C 141 -0.59 8.11 22.06
N LEU C 142 -1.07 7.59 20.94
CA LEU C 142 -2.39 7.97 20.43
C LEU C 142 -3.52 7.19 21.09
N LYS C 143 -3.31 5.89 21.30
CA LYS C 143 -4.28 5.01 21.96
C LYS C 143 -3.61 3.94 22.82
N THR C 144 -4.26 3.61 23.94
CA THR C 144 -3.90 2.44 24.75
C THR C 144 -5.08 1.48 24.73
N LEU C 145 -4.84 0.27 24.25
CA LEU C 145 -5.89 -0.74 24.19
C LEU C 145 -5.73 -1.73 25.32
N PRO C 146 -6.82 -2.00 26.08
CA PRO C 146 -6.81 -3.02 27.14
C PRO C 146 -6.85 -4.41 26.51
N ALA C 147 -5.77 -4.75 25.81
CA ALA C 147 -5.77 -5.77 24.77
C ALA C 147 -6.00 -7.21 25.24
N HIS C 148 -5.36 -7.58 26.34
CA HIS C 148 -5.28 -8.97 26.78
C HIS C 148 -5.21 -9.07 28.30
N SER C 149 -5.31 -10.29 28.82
CA SER C 149 -5.22 -10.52 30.26
C SER C 149 -3.95 -11.27 30.66
N ASP C 150 -2.95 -11.23 29.78
CA ASP C 150 -1.60 -11.77 30.02
C ASP C 150 -0.62 -11.06 29.07
N PRO C 151 0.70 -11.17 29.31
CA PRO C 151 1.70 -10.48 28.46
C PRO C 151 1.44 -10.63 26.96
N VAL C 152 1.65 -9.55 26.21
CA VAL C 152 1.42 -9.54 24.77
C VAL C 152 2.71 -9.93 24.03
N SER C 153 2.62 -11.00 23.23
CA SER C 153 3.80 -11.60 22.60
C SER C 153 4.14 -11.04 21.21
N ALA C 154 3.13 -10.58 20.47
CA ALA C 154 3.31 -10.07 19.11
C ALA C 154 2.23 -9.07 18.71
N VAL C 155 2.62 -8.09 17.89
CA VAL C 155 1.68 -7.12 17.28
C VAL C 155 2.07 -6.90 15.82
N HIS C 156 1.07 -6.77 14.94
CA HIS C 156 1.32 -6.65 13.50
C HIS C 156 0.18 -5.93 12.80
N PHE C 157 0.51 -5.01 11.89
CA PHE C 157 -0.48 -4.37 11.02
C PHE C 157 -0.71 -5.22 9.80
N ASN C 158 -1.93 -5.20 9.28
CA ASN C 158 -2.23 -5.81 8.00
C ASN C 158 -1.71 -4.95 6.84
N ARG C 159 -2.03 -5.39 5.62
CA ARG C 159 -1.50 -4.80 4.39
C ARG C 159 -1.76 -3.29 4.23
N ASP C 160 -2.93 -2.82 4.65
CA ASP C 160 -3.26 -1.39 4.52
C ASP C 160 -3.19 -0.60 5.84
N GLY C 161 -2.76 -1.28 6.90
CA GLY C 161 -2.63 -0.66 8.22
C GLY C 161 -3.94 -0.38 8.95
N SER C 162 -5.06 -0.80 8.36
CA SER C 162 -6.39 -0.61 8.94
C SER C 162 -6.66 -1.54 10.11
N LEU C 163 -5.92 -2.65 10.18
CA LEU C 163 -6.07 -3.63 11.25
C LEU C 163 -4.76 -3.93 11.95
N ILE C 164 -4.88 -4.28 13.23
CA ILE C 164 -3.77 -4.80 14.02
C ILE C 164 -4.17 -6.18 14.51
N VAL C 165 -3.25 -7.12 14.46
CA VAL C 165 -3.43 -8.39 15.14
C VAL C 165 -2.46 -8.47 16.32
N SER C 166 -2.96 -8.96 17.46
CA SER C 166 -2.13 -9.14 18.64
C SER C 166 -2.29 -10.57 19.16
N SER C 167 -1.25 -11.04 19.86
CA SER C 167 -1.30 -12.35 20.51
C SER C 167 -0.83 -12.25 21.94
N SER C 168 -1.25 -13.19 22.77
CA SER C 168 -0.94 -13.12 24.20
C SER C 168 -0.85 -14.49 24.85
N TYR C 169 -0.14 -14.51 25.98
CA TYR C 169 -0.09 -15.67 26.86
C TYR C 169 -1.47 -16.10 27.41
N ASP C 170 -2.48 -15.24 27.28
CA ASP C 170 -3.84 -15.59 27.71
C ASP C 170 -4.51 -16.60 26.77
N GLY C 171 -3.80 -16.97 25.71
CA GLY C 171 -4.25 -17.98 24.77
C GLY C 171 -5.11 -17.43 23.66
N LEU C 172 -5.14 -16.10 23.53
CA LEU C 172 -5.99 -15.45 22.57
C LEU C 172 -5.23 -14.69 21.48
N CYS C 173 -5.78 -14.75 20.26
N CYS C 173 -5.82 -14.71 20.29
CA CYS C 173 -5.42 -13.85 19.18
CA CYS C 173 -5.40 -13.85 19.20
C CYS C 173 -6.56 -12.86 19.03
C CYS C 173 -6.53 -12.87 18.93
N ARG C 174 -6.22 -11.58 18.93
CA ARG C 174 -7.23 -10.54 18.70
C ARG C 174 -6.92 -9.66 17.51
N ILE C 175 -7.98 -9.22 16.82
CA ILE C 175 -7.88 -8.35 15.66
C ILE C 175 -8.56 -7.02 16.01
N TRP C 176 -7.84 -5.92 15.78
CA TRP C 176 -8.26 -4.58 16.19
C TRP C 176 -8.41 -3.64 15.00
N ASP C 177 -9.43 -2.80 15.06
CA ASP C 177 -9.56 -1.70 14.11
C ASP C 177 -8.62 -0.57 14.53
N THR C 178 -7.66 -0.24 13.66
CA THR C 178 -6.62 0.75 13.99
C THR C 178 -7.22 2.11 14.37
N ALA C 179 -8.12 2.62 13.53
CA ALA C 179 -8.68 3.96 13.71
C ALA C 179 -9.47 4.14 15.00
N SER C 180 -10.31 3.17 15.34
CA SER C 180 -11.21 3.28 16.50
C SER C 180 -10.65 2.65 17.77
N GLY C 181 -9.76 1.66 17.61
CA GLY C 181 -9.19 0.94 18.75
C GLY C 181 -10.04 -0.23 19.22
N GLN C 182 -11.16 -0.46 18.54
CA GLN C 182 -12.13 -1.50 18.91
C GLN C 182 -11.67 -2.89 18.47
N CYS C 183 -11.89 -3.88 19.34
CA CYS C 183 -11.62 -5.28 19.00
C CYS C 183 -12.70 -5.82 18.09
N LEU C 184 -12.30 -6.32 16.93
CA LEU C 184 -13.24 -6.82 15.94
C LEU C 184 -13.45 -8.32 16.04
N LYS C 185 -12.39 -9.04 16.41
CA LYS C 185 -12.44 -10.50 16.43
C LYS C 185 -11.53 -11.04 17.53
N THR C 186 -12.03 -12.02 18.27
CA THR C 186 -11.22 -12.84 19.16
C THR C 186 -11.26 -14.27 18.63
N LEU C 187 -10.08 -14.83 18.36
CA LEU C 187 -9.97 -16.21 17.89
C LEU C 187 -9.79 -17.16 19.07
N ILE C 188 -10.74 -18.07 19.23
CA ILE C 188 -10.66 -19.15 20.23
C ILE C 188 -11.37 -20.42 19.73
N ASP C 190 -11.02 -23.79 20.90
CA ASP C 190 -11.40 -24.76 21.92
C ASP C 190 -10.46 -24.69 23.12
N ASP C 191 -9.23 -25.17 22.94
CA ASP C 191 -8.17 -25.06 23.95
C ASP C 191 -7.48 -23.71 23.82
N ASN C 192 -6.75 -23.31 24.87
CA ASN C 192 -6.10 -21.99 24.90
C ASN C 192 -4.62 -22.00 25.36
N PRO C 193 -3.74 -22.74 24.66
CA PRO C 193 -2.34 -22.63 25.02
C PRO C 193 -1.85 -21.21 24.71
N PRO C 194 -0.83 -20.73 25.45
CA PRO C 194 -0.29 -19.39 25.20
C PRO C 194 0.02 -19.17 23.72
N VAL C 195 -0.39 -18.01 23.20
CA VAL C 195 -0.10 -17.65 21.81
C VAL C 195 1.16 -16.79 21.81
N SER C 196 2.23 -17.34 21.26
CA SER C 196 3.58 -16.79 21.37
C SER C 196 4.00 -15.92 20.19
N PHE C 197 3.25 -16.02 19.09
CA PHE C 197 3.52 -15.25 17.89
C PHE C 197 2.27 -15.13 17.03
N VAL C 198 2.13 -13.99 16.37
CA VAL C 198 1.10 -13.78 15.36
C VAL C 198 1.52 -12.76 14.29
N LYS C 199 1.09 -12.99 13.05
CA LYS C 199 1.15 -11.97 11.99
C LYS C 199 0.13 -12.25 10.90
N PHE C 200 -0.27 -11.20 10.18
CA PHE C 200 -1.10 -11.34 9.00
C PHE C 200 -0.30 -11.98 7.87
N SER C 201 -0.99 -12.72 7.00
CA SER C 201 -0.43 -13.15 5.72
C SER C 201 -0.18 -11.91 4.85
N PRO C 202 0.69 -12.03 3.83
CA PRO C 202 0.97 -10.88 2.97
C PRO C 202 -0.29 -10.24 2.38
N ASN C 203 -1.27 -11.07 1.98
CA ASN C 203 -2.53 -10.57 1.43
C ASN C 203 -3.57 -10.12 2.46
N GLY C 204 -3.27 -10.30 3.75
CA GLY C 204 -4.14 -9.87 4.84
C GLY C 204 -5.39 -10.71 5.09
N LYS C 205 -5.54 -11.83 4.38
CA LYS C 205 -6.73 -12.68 4.51
C LYS C 205 -6.58 -13.69 5.64
N TYR C 206 -5.33 -14.04 5.94
CA TYR C 206 -5.04 -15.08 6.93
C TYR C 206 -4.18 -14.56 8.07
N ILE C 207 -4.16 -15.32 9.16
CA ILE C 207 -3.27 -15.06 10.26
C ILE C 207 -2.48 -16.33 10.59
N LEU C 208 -1.17 -16.18 10.72
CA LEU C 208 -0.31 -17.26 11.17
C LEU C 208 -0.01 -17.08 12.65
N ALA C 209 -0.37 -18.06 13.46
CA ALA C 209 -0.21 -17.96 14.91
C ALA C 209 0.51 -19.19 15.46
N ALA C 210 1.47 -18.92 16.33
CA ALA C 210 2.22 -19.93 17.05
C ALA C 210 1.67 -20.08 18.46
N THR C 211 1.54 -21.33 18.90
CA THR C 211 1.16 -21.61 20.29
C THR C 211 2.23 -22.44 20.96
N LEU C 212 2.36 -22.30 22.28
CA LEU C 212 3.38 -23.04 23.02
C LEU C 212 3.04 -24.52 23.26
N ASP C 213 2.34 -25.11 22.29
CA ASP C 213 2.12 -26.56 22.23
C ASP C 213 2.77 -27.13 20.97
N ASN C 214 3.92 -26.55 20.61
CA ASN C 214 4.74 -27.02 19.49
C ASN C 214 4.00 -26.98 18.15
N THR C 215 3.17 -25.95 17.98
CA THR C 215 2.25 -25.91 16.85
C THR C 215 2.14 -24.50 16.27
N LEU C 216 2.18 -24.44 14.94
CA LEU C 216 1.82 -23.25 14.17
C LEU C 216 0.52 -23.51 13.43
N LYS C 217 -0.33 -22.49 13.36
CA LYS C 217 -1.61 -22.62 12.66
C LYS C 217 -1.87 -21.43 11.74
N LEU C 218 -2.38 -21.73 10.54
CA LEU C 218 -2.83 -20.72 9.61
C LEU C 218 -4.35 -20.60 9.69
N TRP C 219 -4.82 -19.40 10.05
CA TRP C 219 -6.23 -19.15 10.29
C TRP C 219 -6.86 -18.23 9.24
N ASP C 220 -8.03 -18.61 8.74
CA ASP C 220 -8.91 -17.64 8.12
C ASP C 220 -9.67 -17.02 9.28
N TYR C 221 -9.33 -15.78 9.63
CA TYR C 221 -9.89 -15.14 10.82
C TYR C 221 -11.34 -14.70 10.63
N SER C 222 -11.67 -14.26 9.41
CA SER C 222 -13.05 -13.94 9.03
C SER C 222 -14.00 -15.12 9.23
N LYS C 223 -13.61 -16.30 8.76
CA LYS C 223 -14.39 -17.53 8.96
C LYS C 223 -14.20 -18.14 10.35
N GLY C 224 -13.09 -17.81 11.00
CA GLY C 224 -12.73 -18.41 12.29
C GLY C 224 -12.43 -19.89 12.13
N LYS C 225 -11.70 -20.23 11.06
CA LYS C 225 -11.41 -21.62 10.72
C LYS C 225 -9.92 -21.80 10.52
N CYS C 226 -9.40 -22.90 11.05
CA CYS C 226 -7.99 -23.24 10.88
C CYS C 226 -7.82 -23.99 9.55
N LEU C 227 -7.00 -23.43 8.67
CA LEU C 227 -6.82 -23.99 7.34
C LEU C 227 -5.64 -24.95 7.26
N LYS C 228 -4.58 -24.64 8.01
CA LYS C 228 -3.35 -25.43 8.01
C LYS C 228 -2.77 -25.50 9.41
N THR C 229 -2.13 -26.63 9.71
CA THR C 229 -1.41 -26.82 10.95
C THR C 229 0.01 -27.29 10.64
N TYR C 230 1.01 -26.67 11.28
CA TYR C 230 2.42 -27.00 11.06
C TYR C 230 3.04 -27.49 12.36
N THR C 231 3.62 -28.70 12.31
CA THR C 231 4.15 -29.35 13.50
C THR C 231 5.49 -30.05 13.20
N GLY C 232 6.10 -30.61 14.24
CA GLY C 232 7.37 -31.32 14.09
C GLY C 232 8.55 -30.57 14.68
N HIS C 233 8.37 -29.29 14.95
CA HIS C 233 9.37 -28.48 15.64
C HIS C 233 9.11 -28.48 17.15
N LYS C 234 10.05 -27.95 17.92
CA LYS C 234 9.86 -27.79 19.36
C LYS C 234 9.63 -26.33 19.71
N ASN C 235 8.52 -26.06 20.39
CA ASN C 235 8.19 -24.70 20.82
C ASN C 235 7.20 -24.76 21.98
N GLU C 236 7.73 -24.84 23.20
CA GLU C 236 6.91 -24.90 24.41
C GLU C 236 7.26 -23.79 25.40
N LYS C 237 8.32 -23.03 25.12
CA LYS C 237 8.84 -22.07 26.09
C LYS C 237 9.03 -20.63 25.60
N TYR C 238 9.72 -20.46 24.46
CA TYR C 238 10.07 -19.13 23.98
C TYR C 238 9.13 -18.62 22.91
N CYS C 239 8.93 -17.31 22.89
CA CYS C 239 8.16 -16.69 21.82
C CYS C 239 9.03 -16.60 20.57
N ILE C 240 8.81 -17.56 19.67
CA ILE C 240 9.62 -17.72 18.48
C ILE C 240 8.87 -17.13 17.29
N PHE C 241 9.57 -16.26 16.54
CA PHE C 241 9.01 -15.57 15.39
C PHE C 241 8.83 -16.56 14.25
N ALA C 242 7.84 -16.31 13.40
CA ALA C 242 7.63 -17.15 12.21
C ALA C 242 7.38 -16.28 10.96
N ASN C 243 7.54 -16.88 9.78
CA ASN C 243 7.46 -16.11 8.54
C ASN C 243 6.75 -16.82 7.40
N PHE C 244 6.15 -16.02 6.52
CA PHE C 244 5.73 -16.47 5.21
C PHE C 244 6.92 -16.21 4.27
N SER C 245 7.43 -17.25 3.62
CA SER C 245 8.47 -17.06 2.61
C SER C 245 7.84 -17.08 1.23
N VAL C 246 8.03 -15.99 0.49
CA VAL C 246 7.25 -15.74 -0.72
C VAL C 246 8.09 -15.45 -1.98
N THR C 247 9.41 -15.33 -1.82
CA THR C 247 10.28 -14.97 -2.93
C THR C 247 10.49 -16.10 -3.93
N GLY C 248 10.42 -17.35 -3.45
CA GLY C 248 10.54 -18.53 -4.30
C GLY C 248 9.35 -19.43 -4.09
N GLY C 249 9.59 -20.64 -3.61
CA GLY C 249 8.51 -21.53 -3.17
C GLY C 249 7.74 -20.91 -2.00
N LYS C 250 6.50 -21.33 -1.81
CA LYS C 250 5.68 -20.75 -0.74
C LYS C 250 5.80 -21.55 0.55
N TRP C 251 6.65 -21.05 1.45
CA TRP C 251 7.00 -21.74 2.69
C TRP C 251 6.49 -21.04 3.94
N ILE C 252 6.46 -21.80 5.03
CA ILE C 252 6.38 -21.25 6.37
C ILE C 252 7.75 -21.50 7.00
N VAL C 253 8.30 -20.46 7.60
CA VAL C 253 9.63 -20.53 8.23
C VAL C 253 9.47 -20.27 9.72
N SER C 254 10.21 -21.02 10.53
CA SER C 254 10.23 -20.78 11.97
C SER C 254 11.49 -21.34 12.64
N GLY C 255 11.91 -20.65 13.70
CA GLY C 255 12.90 -21.21 14.62
C GLY C 255 12.30 -22.30 15.48
N SER C 256 13.17 -22.95 16.26
CA SER C 256 12.76 -24.06 17.10
C SER C 256 13.67 -24.18 18.32
N GLU C 257 13.16 -24.81 19.38
CA GLU C 257 13.92 -24.98 20.62
C GLU C 257 14.89 -26.17 20.57
N ASP C 258 14.95 -26.83 19.42
CA ASP C 258 15.97 -27.83 19.16
C ASP C 258 17.14 -27.27 18.33
N ASN C 259 17.22 -25.94 18.30
CA ASN C 259 18.32 -25.19 17.66
C ASN C 259 18.30 -25.22 16.13
N LEU C 260 17.15 -25.56 15.54
CA LEU C 260 17.02 -25.64 14.09
C LEU C 260 16.03 -24.62 13.54
N VAL C 261 16.22 -24.27 12.27
CA VAL C 261 15.21 -23.52 11.51
C VAL C 261 14.40 -24.56 10.77
N TYR C 262 13.08 -24.52 10.95
CA TYR C 262 12.18 -25.41 10.22
C TYR C 262 11.56 -24.67 9.06
N ILE C 263 11.43 -25.37 7.93
CA ILE C 263 10.74 -24.82 6.76
C ILE C 263 9.69 -25.83 6.30
N TRP C 264 8.43 -25.37 6.24
CA TRP C 264 7.30 -26.21 5.80
C TRP C 264 6.79 -25.74 4.45
N ASN C 265 6.29 -26.67 3.65
CA ASN C 265 5.48 -26.33 2.49
C ASN C 265 4.14 -25.80 3.03
N LEU C 266 3.80 -24.56 2.68
CA LEU C 266 2.58 -23.92 3.19
C LEU C 266 1.30 -24.73 2.90
N GLN C 267 1.19 -25.27 1.69
CA GLN C 267 -0.02 -25.99 1.28
C GLN C 267 -0.08 -27.44 1.77
N THR C 268 1.02 -28.17 1.64
CA THR C 268 1.07 -29.59 2.00
C THR C 268 1.37 -29.82 3.49
N LYS C 269 1.95 -28.82 4.14
CA LYS C 269 2.31 -28.85 5.58
C LYS C 269 3.51 -29.74 5.89
N GLU C 270 4.12 -30.29 4.84
CA GLU C 270 5.31 -31.12 4.97
C GLU C 270 6.52 -30.27 5.32
N ILE C 271 7.33 -30.74 6.27
CA ILE C 271 8.65 -30.14 6.53
C ILE C 271 9.51 -30.42 5.29
N VAL C 272 10.01 -29.36 4.67
CA VAL C 272 10.77 -29.49 3.44
C VAL C 272 12.29 -29.28 3.64
N GLN C 273 12.65 -28.61 4.72
CA GLN C 273 14.05 -28.45 5.11
C GLN C 273 14.19 -28.07 6.58
N LYS C 274 15.30 -28.52 7.18
CA LYS C 274 15.71 -28.11 8.51
C LYS C 274 17.15 -27.58 8.44
N LEU C 275 17.37 -26.38 8.95
CA LEU C 275 18.69 -25.75 8.89
C LEU C 275 19.45 -25.93 10.21
N GLN C 276 20.55 -26.68 10.13
CA GLN C 276 21.38 -27.02 11.28
C GLN C 276 22.57 -26.08 11.38
N GLY C 277 22.96 -25.71 12.59
CA GLY C 277 24.15 -24.87 12.80
C GLY C 277 24.17 -24.10 14.10
N HIS C 278 23.02 -23.53 14.48
CA HIS C 278 22.90 -22.82 15.75
C HIS C 278 23.11 -23.74 16.95
N THR C 279 23.57 -23.16 18.06
CA THR C 279 23.91 -23.92 19.27
C THR C 279 23.00 -23.54 20.43
N ASP C 280 21.93 -22.83 20.12
CA ASP C 280 20.88 -22.52 21.08
C ASP C 280 19.57 -22.32 20.34
N VAL C 281 18.50 -22.14 21.12
CA VAL C 281 17.17 -21.90 20.59
C VAL C 281 17.19 -20.80 19.53
N VAL C 282 16.62 -21.10 18.37
CA VAL C 282 16.49 -20.11 17.31
C VAL C 282 15.19 -19.34 17.56
N ILE C 283 15.31 -18.14 18.10
CA ILE C 283 14.14 -17.38 18.52
C ILE C 283 13.58 -16.45 17.43
N SER C 284 14.41 -16.13 16.45
CA SER C 284 14.00 -15.19 15.42
C SER C 284 14.46 -15.67 14.04
N THR C 285 13.54 -15.65 13.08
CA THR C 285 13.86 -15.81 11.66
C THR C 285 13.30 -14.60 10.89
N ALA C 286 13.94 -14.29 9.76
CA ALA C 286 13.45 -13.27 8.84
C ALA C 286 13.71 -13.73 7.41
N CYS C 287 12.79 -13.38 6.51
CA CYS C 287 12.90 -13.72 5.09
C CYS C 287 13.12 -12.45 4.29
N HIS C 288 14.11 -12.48 3.42
CA HIS C 288 14.50 -11.33 2.61
C HIS C 288 13.36 -10.96 1.65
N PRO C 289 13.12 -9.66 1.43
CA PRO C 289 11.95 -9.25 0.63
C PRO C 289 11.98 -9.62 -0.86
N THR C 290 13.17 -9.82 -1.44
CA THR C 290 13.28 -10.13 -2.87
C THR C 290 14.02 -11.43 -3.19
N GLU C 291 15.05 -11.75 -2.40
CA GLU C 291 15.89 -12.93 -2.65
C GLU C 291 15.52 -14.09 -1.72
N ASN C 292 15.85 -15.33 -2.12
CA ASN C 292 15.66 -16.50 -1.27
C ASN C 292 16.74 -16.57 -0.21
N ILE C 293 16.65 -15.65 0.75
CA ILE C 293 17.61 -15.52 1.83
C ILE C 293 16.88 -15.49 3.17
N ILE C 294 17.37 -16.29 4.11
CA ILE C 294 16.87 -16.30 5.48
C ILE C 294 17.94 -15.81 6.47
N ALA C 295 17.52 -14.97 7.41
CA ALA C 295 18.32 -14.66 8.60
C ALA C 295 17.75 -15.39 9.80
N SER C 296 18.61 -16.07 10.57
CA SER C 296 18.21 -16.71 11.82
C SER C 296 19.06 -16.22 12.98
N ALA C 297 18.48 -16.19 14.17
CA ALA C 297 19.19 -15.69 15.34
C ALA C 297 18.88 -16.52 16.59
N ALA C 298 19.88 -16.69 17.44
CA ALA C 298 19.76 -17.63 18.54
C ALA C 298 20.05 -17.03 19.93
N LEU C 299 19.67 -17.78 20.96
CA LEU C 299 19.79 -17.32 22.33
C LEU C 299 21.22 -17.40 22.86
N GLU C 300 21.41 -17.25 24.17
CA GLU C 300 22.70 -16.85 24.73
C GLU C 300 23.87 -17.87 24.72
N ASN C 301 23.59 -19.16 24.48
CA ASN C 301 24.68 -20.12 24.26
C ASN C 301 25.26 -19.99 22.85
N ASP C 302 24.59 -19.21 22.01
CA ASP C 302 24.94 -19.06 20.60
C ASP C 302 25.31 -17.61 20.29
N LYS C 303 24.34 -16.69 20.43
CA LYS C 303 24.55 -15.25 20.26
C LYS C 303 24.91 -14.80 18.83
N THR C 304 24.80 -15.70 17.87
CA THR C 304 25.10 -15.35 16.48
C THR C 304 23.85 -15.26 15.62
N ILE C 305 24.02 -14.59 14.48
CA ILE C 305 23.02 -14.54 13.43
C ILE C 305 23.59 -15.31 12.26
N LYS C 306 22.76 -16.11 11.61
CA LYS C 306 23.21 -16.82 10.42
C LYS C 306 22.42 -16.39 9.21
N LEU C 307 23.11 -16.26 8.07
CA LEU C 307 22.49 -15.91 6.80
C LEU C 307 22.57 -17.11 5.88
N TRP C 308 21.41 -17.48 5.30
CA TRP C 308 21.27 -18.67 4.48
C TRP C 308 20.66 -18.30 3.13
N LYS C 309 21.06 -19.02 2.08
CA LYS C 309 20.60 -18.75 0.71
C LYS C 309 20.19 -20.03 -0.03
N SER C 310 19.07 -19.94 -0.75
CA SER C 310 18.53 -21.06 -1.52
C SER C 310 18.27 -20.67 -2.97
N ASP C 311 18.11 -21.68 -3.83
CA ASP C 311 17.75 -21.46 -5.24
C ASP C 311 16.24 -21.30 -5.44
N CYS C 312 15.46 -21.67 -4.42
CA CYS C 312 13.99 -21.52 -4.45
C CYS C 312 13.41 -21.35 -3.04
N VAL D 9 -32.89 -19.99 -8.59
CA VAL D 9 -31.91 -18.88 -8.44
C VAL D 9 -31.48 -18.70 -6.99
N LYS D 10 -30.18 -18.49 -6.77
CA LYS D 10 -29.65 -18.25 -5.44
C LYS D 10 -28.69 -17.06 -5.47
N PRO D 11 -28.77 -16.17 -4.46
CA PRO D 11 -27.86 -15.04 -4.42
C PRO D 11 -26.47 -15.49 -3.99
N ASN D 12 -25.45 -14.69 -4.28
CA ASN D 12 -24.10 -15.01 -3.85
C ASN D 12 -23.49 -13.84 -3.07
N TYR D 13 -24.23 -13.30 -2.11
CA TYR D 13 -23.74 -12.20 -1.29
C TYR D 13 -22.35 -12.49 -0.74
N ALA D 14 -21.43 -11.55 -0.95
CA ALA D 14 -20.06 -11.68 -0.47
C ALA D 14 -19.73 -10.40 0.30
N LEU D 15 -18.92 -10.53 1.35
CA LEU D 15 -18.58 -9.39 2.20
C LEU D 15 -17.73 -8.39 1.43
N LYS D 16 -18.11 -7.11 1.51
CA LYS D 16 -17.36 -6.07 0.81
C LYS D 16 -16.62 -5.17 1.80
N PHE D 17 -17.29 -4.80 2.89
CA PHE D 17 -16.76 -3.85 3.88
C PHE D 17 -17.24 -4.18 5.28
N THR D 18 -16.36 -3.97 6.26
CA THR D 18 -16.74 -3.99 7.67
C THR D 18 -16.50 -2.59 8.19
N LEU D 19 -17.55 -1.99 8.75
CA LEU D 19 -17.50 -0.59 9.19
C LEU D 19 -17.42 -0.54 10.72
N ALA D 20 -16.28 -0.08 11.22
CA ALA D 20 -16.03 -0.03 12.65
C ALA D 20 -15.95 1.42 13.11
N GLY D 21 -16.29 1.65 14.37
CA GLY D 21 -16.25 3.00 14.93
C GLY D 21 -17.20 3.19 16.11
N HIS D 22 -18.35 2.51 16.06
CA HIS D 22 -19.28 2.52 17.18
C HIS D 22 -18.60 1.80 18.37
N THR D 23 -18.88 2.27 19.59
CA THR D 23 -18.18 1.76 20.78
C THR D 23 -19.09 0.90 21.66
N LYS D 24 -20.36 0.81 21.29
CA LYS D 24 -21.30 -0.14 21.88
C LYS D 24 -22.11 -0.81 20.78
N ALA D 25 -23.09 -1.64 21.16
CA ALA D 25 -23.99 -2.32 20.22
C ALA D 25 -24.57 -1.38 19.16
N VAL D 26 -24.60 -1.87 17.92
CA VAL D 26 -25.28 -1.15 16.82
C VAL D 26 -26.72 -1.66 16.79
N SER D 27 -27.67 -0.74 16.81
CA SER D 27 -29.09 -1.08 16.96
C SER D 27 -29.84 -1.17 15.64
N SER D 28 -29.45 -0.35 14.67
CA SER D 28 -30.22 -0.21 13.46
C SER D 28 -29.34 0.30 12.34
N VAL D 29 -29.50 -0.26 11.15
N VAL D 29 -29.60 -0.20 11.14
CA VAL D 29 -28.91 0.32 9.95
CA VAL D 29 -28.92 0.24 9.94
C VAL D 29 -29.98 0.51 8.89
C VAL D 29 -29.96 0.47 8.85
N LYS D 30 -29.89 1.64 8.20
CA LYS D 30 -30.85 2.00 7.15
C LYS D 30 -30.14 2.64 5.97
N PHE D 31 -30.46 2.20 4.76
CA PHE D 31 -29.99 2.88 3.55
C PHE D 31 -30.84 4.10 3.26
N SER D 32 -30.21 5.21 2.86
CA SER D 32 -30.95 6.37 2.36
C SER D 32 -31.75 5.97 1.10
N PRO D 33 -32.96 6.53 0.94
CA PRO D 33 -33.80 6.22 -0.23
C PRO D 33 -33.08 6.46 -1.57
N ASN D 34 -32.20 7.47 -1.62
CA ASN D 34 -31.42 7.75 -2.83
C ASN D 34 -30.22 6.80 -3.02
N GLY D 35 -30.03 5.88 -2.09
CA GLY D 35 -28.99 4.84 -2.21
C GLY D 35 -27.56 5.28 -1.91
N GLU D 36 -27.37 6.56 -1.58
CA GLU D 36 -26.01 7.10 -1.41
C GLU D 36 -25.38 6.73 -0.08
N TRP D 37 -26.20 6.62 0.95
CA TRP D 37 -25.69 6.51 2.32
C TRP D 37 -26.28 5.35 3.10
N LEU D 38 -25.53 4.95 4.12
CA LEU D 38 -26.05 4.12 5.18
C LEU D 38 -25.98 4.95 6.47
N ALA D 39 -27.02 4.85 7.29
CA ALA D 39 -27.00 5.46 8.61
C ALA D 39 -27.07 4.35 9.63
N SER D 40 -26.31 4.50 10.71
CA SER D 40 -26.36 3.52 11.81
C SER D 40 -26.58 4.23 13.13
N SER D 41 -27.34 3.59 14.01
CA SER D 41 -27.55 4.09 15.36
C SER D 41 -26.98 3.10 16.35
N SER D 42 -26.65 3.58 17.55
CA SER D 42 -25.97 2.74 18.52
C SER D 42 -26.32 3.06 19.97
N ALA D 43 -26.19 2.06 20.82
CA ALA D 43 -26.21 2.23 22.27
C ALA D 43 -25.17 3.24 22.73
N ASP D 44 -24.15 3.51 21.90
CA ASP D 44 -23.14 4.53 22.21
C ASP D 44 -23.63 5.98 22.09
N LYS D 45 -24.94 6.16 21.85
CA LYS D 45 -25.59 7.48 21.78
C LYS D 45 -25.33 8.21 20.46
N LEU D 46 -24.65 7.55 19.53
CA LEU D 46 -24.27 8.19 18.27
C LEU D 46 -25.00 7.63 17.06
N ILE D 47 -25.15 8.49 16.05
CA ILE D 47 -25.53 8.10 14.71
C ILE D 47 -24.31 8.30 13.82
N LYS D 48 -24.05 7.34 12.94
CA LYS D 48 -22.97 7.49 11.98
C LYS D 48 -23.48 7.33 10.54
N ILE D 49 -22.87 8.09 9.63
CA ILE D 49 -23.24 8.06 8.22
C ILE D 49 -22.06 7.51 7.43
N TRP D 50 -22.35 6.58 6.53
CA TRP D 50 -21.31 5.91 5.72
C TRP D 50 -21.72 5.87 4.25
N GLY D 51 -20.74 5.95 3.35
CA GLY D 51 -20.99 5.75 1.92
C GLY D 51 -21.43 4.33 1.65
N ALA D 52 -22.52 4.16 0.90
CA ALA D 52 -23.10 2.83 0.66
C ALA D 52 -22.28 1.95 -0.27
N TYR D 53 -21.44 2.58 -1.12
CA TYR D 53 -20.72 1.83 -2.15
C TYR D 53 -19.24 1.62 -1.86
N ASP D 54 -18.67 2.50 -1.05
CA ASP D 54 -17.26 2.40 -0.68
C ASP D 54 -17.04 2.19 0.82
N GLY D 55 -18.14 2.14 1.57
CA GLY D 55 -18.10 1.92 3.02
C GLY D 55 -17.36 2.98 3.83
N LYS D 56 -17.07 4.12 3.19
CA LYS D 56 -16.27 5.18 3.81
C LYS D 56 -17.10 5.99 4.79
N PHE D 57 -16.53 6.19 5.98
CA PHE D 57 -17.15 7.00 7.02
C PHE D 57 -17.36 8.45 6.55
N GLU D 58 -18.55 8.98 6.80
CA GLU D 58 -18.87 10.34 6.40
C GLU D 58 -18.92 11.29 7.61
N LYS D 59 -19.79 10.99 8.56
CA LYS D 59 -19.93 11.83 9.75
C LYS D 59 -20.58 11.10 10.92
N THR D 60 -20.36 11.67 12.10
CA THR D 60 -20.96 11.24 13.36
C THR D 60 -21.95 12.32 13.78
N ILE D 61 -23.14 11.91 14.18
CA ILE D 61 -24.18 12.82 14.58
C ILE D 61 -24.52 12.55 16.05
N SER D 62 -24.41 13.59 16.88
CA SER D 62 -24.57 13.42 18.32
C SER D 62 -25.52 14.43 18.94
N GLY D 63 -26.02 14.10 20.12
CA GLY D 63 -27.01 14.93 20.81
C GLY D 63 -27.87 14.18 21.81
N HIS D 64 -28.21 12.93 21.51
CA HIS D 64 -29.01 12.12 22.44
C HIS D 64 -28.23 11.89 23.72
N LYS D 65 -28.93 11.97 24.85
CA LYS D 65 -28.32 11.84 26.18
C LYS D 65 -28.16 10.40 26.62
N LEU D 66 -28.86 9.48 25.94
CA LEU D 66 -28.73 8.04 26.17
C LEU D 66 -28.69 7.26 24.84
N GLY D 67 -28.56 5.94 24.93
CA GLY D 67 -28.45 5.07 23.75
C GLY D 67 -29.60 5.18 22.75
N ILE D 68 -29.30 4.85 21.49
CA ILE D 68 -30.28 4.98 20.40
C ILE D 68 -30.71 3.61 19.87
N SER D 69 -32.03 3.40 19.80
CA SER D 69 -32.62 2.14 19.36
C SER D 69 -32.89 2.06 17.85
N ASP D 70 -33.14 3.20 17.21
CA ASP D 70 -33.57 3.21 15.81
C ASP D 70 -33.25 4.52 15.11
N VAL D 71 -33.16 4.45 13.79
CA VAL D 71 -32.96 5.64 12.96
C VAL D 71 -33.69 5.40 11.64
N ALA D 72 -34.22 6.46 11.04
CA ALA D 72 -34.97 6.36 9.80
C ALA D 72 -34.75 7.59 8.94
N TRP D 73 -34.76 7.40 7.62
CA TRP D 73 -34.59 8.50 6.66
C TRP D 73 -35.91 9.09 6.16
N SER D 74 -35.91 10.40 5.90
CA SER D 74 -37.01 11.02 5.15
C SER D 74 -36.93 10.59 3.67
N SER D 75 -38.06 10.66 2.96
N SER D 75 -38.06 10.67 2.96
CA SER D 75 -38.15 10.23 1.56
CA SER D 75 -38.16 10.23 1.56
C SER D 75 -37.15 10.91 0.61
C SER D 75 -37.18 10.92 0.60
N ASP D 76 -36.77 12.15 0.95
CA ASP D 76 -35.82 12.92 0.13
C ASP D 76 -34.36 12.77 0.57
N SER D 77 -34.12 11.89 1.56
CA SER D 77 -32.78 11.59 2.09
C SER D 77 -32.11 12.78 2.79
N ASN D 78 -32.89 13.81 3.09
CA ASN D 78 -32.35 15.03 3.69
C ASN D 78 -32.40 15.06 5.21
N LEU D 79 -33.29 14.26 5.79
CA LEU D 79 -33.49 14.26 7.23
C LEU D 79 -33.38 12.86 7.79
N LEU D 80 -32.96 12.79 9.05
CA LEU D 80 -33.04 11.55 9.83
C LEU D 80 -33.91 11.78 11.05
N VAL D 81 -34.56 10.72 11.52
CA VAL D 81 -35.19 10.71 12.82
C VAL D 81 -34.63 9.54 13.63
N SER D 82 -34.34 9.81 14.90
CA SER D 82 -33.79 8.81 15.81
C SER D 82 -34.68 8.61 17.03
N ALA D 83 -34.69 7.39 17.55
CA ALA D 83 -35.50 7.03 18.73
C ALA D 83 -34.56 6.53 19.83
N SER D 84 -34.66 7.11 21.01
CA SER D 84 -33.66 6.92 22.07
C SER D 84 -34.22 6.48 23.42
N ASP D 85 -33.35 5.83 24.19
CA ASP D 85 -33.59 5.51 25.59
C ASP D 85 -33.85 6.75 26.44
N ASP D 86 -33.48 7.93 25.93
CA ASP D 86 -33.69 9.18 26.64
C ASP D 86 -35.14 9.70 26.57
N LYS D 87 -36.04 8.84 26.07
CA LYS D 87 -37.47 9.16 26.00
C LYS D 87 -37.83 10.13 24.87
N THR D 88 -36.84 10.58 24.11
CA THR D 88 -37.11 11.52 23.01
C THR D 88 -36.87 10.92 21.64
N LEU D 89 -37.40 11.60 20.63
CA LEU D 89 -36.91 11.46 19.27
C LEU D 89 -36.24 12.77 18.88
N LYS D 90 -35.30 12.69 17.94
CA LYS D 90 -34.65 13.88 17.42
C LYS D 90 -34.68 13.89 15.90
N ILE D 91 -34.97 15.05 15.33
CA ILE D 91 -34.93 15.21 13.86
C ILE D 91 -33.63 15.91 13.50
N TRP D 92 -32.91 15.32 12.55
CA TRP D 92 -31.60 15.79 12.19
C TRP D 92 -31.57 16.22 10.75
N ASP D 93 -30.86 17.31 10.49
CA ASP D 93 -30.50 17.68 9.13
C ASP D 93 -29.25 16.89 8.78
N VAL D 94 -29.36 16.04 7.77
CA VAL D 94 -28.25 15.16 7.41
C VAL D 94 -26.99 15.93 6.98
N SER D 95 -27.18 16.98 6.18
N SER D 95 -27.18 16.98 6.18
CA SER D 95 -26.07 17.76 5.63
CA SER D 95 -26.05 17.75 5.63
C SER D 95 -25.26 18.48 6.71
C SER D 95 -25.26 18.51 6.70
N SER D 96 -25.95 19.13 7.65
CA SER D 96 -25.29 19.88 8.73
C SER D 96 -24.98 19.03 9.98
N GLY D 97 -25.72 17.95 10.18
CA GLY D 97 -25.62 17.14 11.39
C GLY D 97 -26.30 17.77 12.59
N LYS D 98 -26.98 18.89 12.39
CA LYS D 98 -27.65 19.61 13.47
C LYS D 98 -28.98 18.97 13.85
N CYS D 99 -29.25 18.95 15.15
CA CYS D 99 -30.57 18.54 15.64
C CYS D 99 -31.55 19.67 15.37
N LEU D 100 -32.57 19.38 14.58
CA LEU D 100 -33.57 20.38 14.22
C LEU D 100 -34.70 20.47 15.24
N LYS D 101 -35.16 19.32 15.71
CA LYS D 101 -36.24 19.25 16.68
C LYS D 101 -35.99 18.12 17.65
N THR D 102 -36.46 18.30 18.88
CA THR D 102 -36.49 17.22 19.86
C THR D 102 -37.94 16.95 20.22
N LEU D 103 -38.37 15.71 19.97
CA LEU D 103 -39.76 15.32 20.10
C LEU D 103 -39.99 14.68 21.46
N LYS D 104 -40.61 15.45 22.34
CA LYS D 104 -40.82 15.05 23.73
C LYS D 104 -42.28 14.69 23.96
N GLY D 105 -42.52 13.61 24.68
CA GLY D 105 -43.89 13.13 24.92
C GLY D 105 -43.95 11.75 25.53
N HIS D 106 -43.15 10.82 24.99
CA HIS D 106 -43.11 9.47 25.54
C HIS D 106 -42.65 9.49 26.98
N SER D 107 -43.20 8.58 27.78
CA SER D 107 -42.83 8.48 29.20
C SER D 107 -41.78 7.42 29.50
N ASN D 108 -41.27 6.75 28.46
CA ASN D 108 -40.16 5.80 28.62
C ASN D 108 -39.41 5.63 27.30
N TYR D 109 -38.50 4.66 27.25
CA TYR D 109 -37.63 4.45 26.08
C TYR D 109 -38.42 4.46 24.77
N VAL D 110 -37.91 5.15 23.76
CA VAL D 110 -38.47 5.07 22.40
C VAL D 110 -37.66 4.05 21.60
N PHE D 111 -38.33 3.02 21.10
CA PHE D 111 -37.66 1.88 20.47
C PHE D 111 -37.61 1.94 18.95
N CYS D 112 -38.60 2.55 18.33
CA CYS D 112 -38.76 2.49 16.88
C CYS D 112 -39.33 3.78 16.29
N CYS D 113 -39.02 4.03 15.02
CA CYS D 113 -39.47 5.25 14.35
C CYS D 113 -39.43 5.16 12.84
N ASN D 114 -40.29 5.95 12.20
CA ASN D 114 -40.32 6.07 10.74
C ASN D 114 -40.97 7.38 10.31
N PHE D 115 -40.48 7.92 9.19
CA PHE D 115 -41.19 8.97 8.46
C PHE D 115 -42.30 8.34 7.63
N ASN D 116 -43.36 9.10 7.36
CA ASN D 116 -44.29 8.67 6.32
C ASN D 116 -43.68 9.01 4.94
N PRO D 117 -44.20 8.41 3.86
CA PRO D 117 -43.65 8.69 2.53
C PRO D 117 -43.66 10.17 2.13
N GLN D 118 -44.66 10.90 2.62
CA GLN D 118 -44.78 12.34 2.38
C GLN D 118 -43.71 13.09 3.17
N SER D 119 -43.26 12.43 4.24
CA SER D 119 -42.24 12.95 5.17
C SER D 119 -42.60 14.25 5.87
N ASN D 120 -43.89 14.43 6.11
CA ASN D 120 -44.40 15.48 6.99
C ASN D 120 -44.88 14.94 8.36
N LEU D 121 -44.90 13.61 8.49
CA LEU D 121 -45.18 12.94 9.77
C LEU D 121 -44.10 11.94 10.16
N ILE D 122 -43.96 11.74 11.48
CA ILE D 122 -43.15 10.68 12.04
C ILE D 122 -44.03 9.85 12.97
N VAL D 123 -43.85 8.53 12.92
CA VAL D 123 -44.48 7.61 13.84
C VAL D 123 -43.41 7.04 14.78
N SER D 124 -43.75 6.86 16.05
CA SER D 124 -42.83 6.27 17.04
C SER D 124 -43.55 5.22 17.88
N GLY D 125 -42.79 4.25 18.38
CA GLY D 125 -43.29 3.28 19.34
C GLY D 125 -42.34 3.20 20.52
N SER D 126 -42.89 2.93 21.69
CA SER D 126 -42.15 3.09 22.92
C SER D 126 -42.45 1.96 23.91
N PHE D 127 -41.49 1.75 24.82
CA PHE D 127 -41.68 0.92 26.01
C PHE D 127 -42.95 1.33 26.77
N ASP D 128 -43.31 2.61 26.70
CA ASP D 128 -44.52 3.13 27.39
C ASP D 128 -45.86 2.61 26.83
N GLU D 129 -45.78 1.70 25.85
CA GLU D 129 -46.93 0.96 25.30
C GLU D 129 -47.76 1.76 24.28
N SER D 130 -47.32 2.99 23.99
CA SER D 130 -48.03 3.84 23.04
C SER D 130 -47.35 3.94 21.67
N VAL D 131 -48.12 4.42 20.70
CA VAL D 131 -47.64 4.82 19.38
C VAL D 131 -48.01 6.29 19.23
N ARG D 132 -47.02 7.12 18.94
N ARG D 132 -47.02 7.12 18.94
CA ARG D 132 -47.25 8.54 18.76
CA ARG D 132 -47.26 8.55 18.76
C ARG D 132 -47.02 8.99 17.32
C ARG D 132 -47.01 8.99 17.32
N ILE D 133 -47.80 9.96 16.88
CA ILE D 133 -47.67 10.55 15.54
C ILE D 133 -47.26 12.02 15.69
N TRP D 134 -46.16 12.39 15.04
CA TRP D 134 -45.55 13.70 15.22
C TRP D 134 -45.55 14.52 13.94
N ASP D 135 -45.70 15.84 14.07
CA ASP D 135 -45.54 16.74 12.94
C ASP D 135 -44.05 17.04 12.71
N VAL D 136 -43.56 16.74 11.51
CA VAL D 136 -42.14 16.96 11.16
C VAL D 136 -41.72 18.44 11.25
N LYS D 137 -42.54 19.33 10.68
CA LYS D 137 -42.24 20.76 10.60
C LYS D 137 -42.11 21.44 11.96
N THR D 138 -43.09 21.19 12.85
CA THR D 138 -43.13 21.84 14.15
C THR D 138 -42.56 20.97 15.27
N GLY D 139 -42.58 19.65 15.07
CA GLY D 139 -42.14 18.72 16.12
C GLY D 139 -43.19 18.44 17.18
N LYS D 140 -44.40 18.96 16.97
CA LYS D 140 -45.50 18.75 17.91
C LYS D 140 -46.04 17.32 17.79
N CYS D 141 -46.46 16.76 18.93
CA CYS D 141 -47.14 15.47 18.92
C CYS D 141 -48.60 15.69 18.55
N LEU D 142 -49.03 15.09 17.45
CA LEU D 142 -50.40 15.27 16.96
C LEU D 142 -51.37 14.26 17.56
N LYS D 143 -50.93 13.02 17.70
CA LYS D 143 -51.75 11.97 18.30
C LYS D 143 -50.94 11.01 19.16
N THR D 144 -51.54 10.62 20.29
CA THR D 144 -51.00 9.53 21.11
C THR D 144 -52.00 8.39 21.06
N LEU D 145 -51.58 7.27 20.47
CA LEU D 145 -52.45 6.09 20.34
C LEU D 145 -52.20 5.14 21.50
N PRO D 146 -53.27 4.72 22.19
CA PRO D 146 -53.21 3.70 23.24
C PRO D 146 -53.08 2.33 22.57
N ALA D 147 -51.95 2.11 21.92
CA ALA D 147 -51.81 1.09 20.89
C ALA D 147 -51.77 -0.34 21.41
N HIS D 148 -51.09 -0.54 22.53
CA HIS D 148 -50.78 -1.88 23.03
C HIS D 148 -50.74 -1.92 24.56
N SER D 149 -50.63 -3.12 25.12
CA SER D 149 -50.58 -3.29 26.58
C SER D 149 -49.22 -3.81 27.05
N ASP D 150 -48.20 -3.60 26.21
CA ASP D 150 -46.80 -3.95 26.48
C ASP D 150 -45.92 -3.16 25.49
N PRO D 151 -44.58 -3.11 25.70
CA PRO D 151 -43.69 -2.33 24.83
C PRO D 151 -43.94 -2.54 23.33
N VAL D 152 -43.89 -1.45 22.58
CA VAL D 152 -44.07 -1.45 21.13
C VAL D 152 -42.71 -1.64 20.45
N SER D 153 -42.61 -2.67 19.63
CA SER D 153 -41.32 -3.09 19.04
C SER D 153 -41.01 -2.50 17.66
N ALA D 154 -42.04 -2.19 16.88
CA ALA D 154 -41.90 -1.64 15.53
C ALA D 154 -43.11 -0.80 15.15
N VAL D 155 -42.86 0.21 14.31
CA VAL D 155 -43.92 1.01 13.67
C VAL D 155 -43.49 1.29 12.23
N HIS D 156 -44.44 1.18 11.30
CA HIS D 156 -44.17 1.37 9.87
C HIS D 156 -45.37 1.93 9.11
N PHE D 157 -45.14 2.93 8.26
CA PHE D 157 -46.17 3.48 7.37
C PHE D 157 -46.24 2.62 6.10
N ASN D 158 -47.45 2.49 5.56
CA ASN D 158 -47.60 1.91 4.22
C ASN D 158 -47.12 2.88 3.13
N ARG D 159 -47.18 2.44 1.87
N ARG D 159 -47.14 2.44 1.86
CA ARG D 159 -46.59 3.14 0.72
CA ARG D 159 -46.54 3.19 0.74
C ARG D 159 -47.10 4.56 0.46
C ARG D 159 -47.06 4.61 0.55
N ASP D 160 -48.33 4.84 0.89
CA ASP D 160 -48.92 6.18 0.76
C ASP D 160 -49.13 6.88 2.12
N GLY D 161 -48.67 6.25 3.20
CA GLY D 161 -48.75 6.84 4.55
C GLY D 161 -50.13 6.87 5.20
N SER D 162 -51.12 6.26 4.56
CA SER D 162 -52.49 6.27 5.06
C SER D 162 -52.71 5.28 6.19
N LEU D 163 -51.81 4.29 6.28
CA LEU D 163 -51.86 3.30 7.36
C LEU D 163 -50.54 3.21 8.12
N ILE D 164 -50.66 2.87 9.40
CA ILE D 164 -49.52 2.53 10.26
C ILE D 164 -49.72 1.11 10.76
N VAL D 165 -48.65 0.30 10.71
CA VAL D 165 -48.66 -0.99 11.39
C VAL D 165 -47.74 -0.94 12.62
N SER D 166 -48.22 -1.52 13.72
CA SER D 166 -47.43 -1.59 14.93
C SER D 166 -47.39 -3.02 15.46
N SER D 167 -46.31 -3.36 16.17
CA SER D 167 -46.15 -4.67 16.79
C SER D 167 -45.75 -4.51 18.25
N SER D 168 -46.07 -5.51 19.06
CA SER D 168 -45.85 -5.39 20.50
C SER D 168 -45.55 -6.70 21.19
N TYR D 169 -44.86 -6.59 22.32
CA TYR D 169 -44.68 -7.69 23.27
C TYR D 169 -46.00 -8.25 23.80
N ASP D 170 -47.10 -7.50 23.64
CA ASP D 170 -48.42 -8.02 24.00
C ASP D 170 -48.94 -9.09 23.04
N GLY D 171 -48.13 -9.41 22.03
CA GLY D 171 -48.43 -10.48 21.09
C GLY D 171 -49.29 -10.11 19.90
N LEU D 172 -49.55 -8.82 19.72
CA LEU D 172 -50.44 -8.36 18.66
C LEU D 172 -49.73 -7.51 17.60
N CYS D 173 -50.26 -7.56 16.39
CA CYS D 173 -50.00 -6.57 15.36
C CYS D 173 -51.28 -5.79 15.14
N ARG D 174 -51.16 -4.47 15.05
CA ARG D 174 -52.32 -3.63 14.77
C ARG D 174 -52.11 -2.73 13.58
N ILE D 175 -53.18 -2.58 12.79
N ILE D 175 -53.17 -2.55 12.80
CA ILE D 175 -53.24 -1.64 11.68
CA ILE D 175 -53.17 -1.63 11.67
C ILE D 175 -54.05 -0.42 12.10
C ILE D 175 -54.07 -0.43 11.98
N TRP D 176 -53.47 0.76 11.93
CA TRP D 176 -54.11 2.03 12.31
C TRP D 176 -54.34 2.92 11.10
N ASP D 177 -55.45 3.65 11.10
CA ASP D 177 -55.68 4.70 10.12
C ASP D 177 -54.93 5.93 10.61
N THR D 178 -53.97 6.39 9.81
CA THR D 178 -53.11 7.52 10.18
C THR D 178 -53.89 8.79 10.52
N ALA D 179 -54.88 9.12 9.69
CA ALA D 179 -55.59 10.40 9.82
C ALA D 179 -56.45 10.49 11.07
N SER D 180 -57.18 9.41 11.37
CA SER D 180 -58.09 9.38 12.51
C SER D 180 -57.46 8.82 13.79
N GLY D 181 -56.42 7.99 13.63
CA GLY D 181 -55.81 7.31 14.77
C GLY D 181 -56.58 6.09 15.26
N GLN D 182 -57.56 5.65 14.48
CA GLN D 182 -58.37 4.51 14.88
C GLN D 182 -57.75 3.19 14.43
N CYS D 183 -57.95 2.14 15.24
CA CYS D 183 -57.48 0.81 14.89
C CYS D 183 -58.44 0.15 13.90
N LEU D 184 -57.90 -0.24 12.74
CA LEU D 184 -58.71 -0.86 11.69
C LEU D 184 -58.68 -2.38 11.73
N LYS D 185 -57.63 -2.96 12.31
CA LYS D 185 -57.42 -4.40 12.31
C LYS D 185 -56.44 -4.82 13.41
N THR D 186 -56.77 -5.89 14.12
CA THR D 186 -55.83 -6.55 15.04
C THR D 186 -55.58 -7.96 14.52
N LEU D 187 -54.32 -8.30 14.32
CA LEU D 187 -53.96 -9.67 13.96
C LEU D 187 -53.56 -10.43 15.22
N ILE D 188 -54.30 -11.50 15.50
CA ILE D 188 -54.09 -12.35 16.67
C ILE D 188 -53.79 -13.79 16.25
N ASP D 190 -50.75 -17.29 16.80
CA ASP D 190 -51.50 -18.45 17.29
C ASP D 190 -51.68 -18.46 18.83
N ASP D 191 -50.58 -18.57 19.56
CA ASP D 191 -50.65 -18.46 21.03
C ASP D 191 -50.14 -17.10 21.53
N ASN D 192 -50.18 -16.10 20.63
CA ASN D 192 -49.76 -14.73 20.93
C ASN D 192 -48.36 -14.55 21.55
N PRO D 193 -47.32 -15.14 20.93
CA PRO D 193 -45.96 -14.84 21.40
C PRO D 193 -45.62 -13.38 21.08
N PRO D 194 -44.67 -12.77 21.83
CA PRO D 194 -44.31 -11.37 21.55
C PRO D 194 -43.98 -11.14 20.08
N VAL D 195 -44.54 -10.08 19.51
CA VAL D 195 -44.21 -9.68 18.15
C VAL D 195 -43.08 -8.65 18.22
N SER D 196 -41.93 -9.04 17.66
CA SER D 196 -40.69 -8.29 17.79
C SER D 196 -40.38 -7.38 16.60
N PHE D 197 -41.14 -7.55 15.52
CA PHE D 197 -40.93 -6.77 14.30
C PHE D 197 -42.13 -6.85 13.37
N VAL D 198 -42.39 -5.75 12.67
CA VAL D 198 -43.40 -5.74 11.63
C VAL D 198 -43.08 -4.64 10.61
N LYS D 199 -43.38 -4.91 9.35
CA LYS D 199 -43.40 -3.88 8.31
C LYS D 199 -44.32 -4.27 7.16
N PHE D 200 -44.82 -3.27 6.45
CA PHE D 200 -45.57 -3.51 5.22
C PHE D 200 -44.61 -3.96 4.12
N SER D 201 -45.11 -4.80 3.23
CA SER D 201 -44.44 -5.16 1.98
C SER D 201 -44.40 -3.94 1.08
N PRO D 202 -43.45 -3.88 0.11
CA PRO D 202 -43.34 -2.69 -0.75
C PRO D 202 -44.66 -2.30 -1.43
N ASN D 203 -45.43 -3.27 -1.90
CA ASN D 203 -46.75 -2.98 -2.50
C ASN D 203 -47.87 -2.67 -1.49
N GLY D 204 -47.61 -2.93 -0.21
CA GLY D 204 -48.55 -2.62 0.85
C GLY D 204 -49.65 -3.64 1.10
N LYS D 205 -49.71 -4.69 0.28
CA LYS D 205 -50.77 -5.70 0.42
C LYS D 205 -50.49 -6.65 1.58
N TYR D 206 -49.22 -6.78 1.95
CA TYR D 206 -48.83 -7.75 2.97
C TYR D 206 -48.11 -7.10 4.15
N ILE D 207 -48.01 -7.86 5.23
CA ILE D 207 -47.23 -7.46 6.39
C ILE D 207 -46.27 -8.60 6.75
N LEU D 208 -44.99 -8.26 6.94
CA LEU D 208 -44.00 -9.20 7.44
C LEU D 208 -43.86 -8.99 8.93
N ALA D 209 -44.08 -10.05 9.71
CA ALA D 209 -44.01 -9.96 11.16
C ALA D 209 -43.12 -11.03 11.77
N ALA D 210 -42.25 -10.62 12.69
CA ALA D 210 -41.45 -11.56 13.48
C ALA D 210 -42.02 -11.73 14.89
N THR D 211 -41.96 -12.97 15.38
CA THR D 211 -42.32 -13.30 16.75
C THR D 211 -41.15 -14.03 17.43
N LEU D 212 -41.06 -13.93 18.74
CA LEU D 212 -39.92 -14.46 19.49
C LEU D 212 -40.03 -15.96 19.75
N ASP D 213 -40.57 -16.66 18.75
CA ASP D 213 -40.59 -18.12 18.68
C ASP D 213 -39.88 -18.58 17.41
N ASN D 214 -38.81 -17.88 17.04
CA ASN D 214 -37.94 -18.25 15.91
C ASN D 214 -38.67 -18.32 14.57
N THR D 215 -39.64 -17.42 14.38
CA THR D 215 -40.53 -17.45 13.23
C THR D 215 -40.81 -16.06 12.68
N LEU D 216 -40.65 -15.94 11.36
CA LEU D 216 -41.15 -14.83 10.57
C LEU D 216 -42.37 -15.30 9.78
N LYS D 217 -43.37 -14.42 9.63
CA LYS D 217 -44.58 -14.76 8.90
C LYS D 217 -45.02 -13.63 7.96
N LEU D 218 -45.44 -14.02 6.76
CA LEU D 218 -46.00 -13.09 5.79
C LEU D 218 -47.52 -13.17 5.82
N TRP D 219 -48.16 -12.05 6.16
CA TRP D 219 -49.61 -11.97 6.30
C TRP D 219 -50.26 -11.15 5.19
N ASP D 220 -51.35 -11.67 4.64
CA ASP D 220 -52.29 -10.86 3.88
C ASP D 220 -53.25 -10.30 4.93
N TYR D 221 -53.00 -9.08 5.38
CA TYR D 221 -53.74 -8.53 6.52
C TYR D 221 -55.22 -8.26 6.22
N SER D 222 -55.52 -7.87 4.98
CA SER D 222 -56.92 -7.64 4.57
C SER D 222 -57.74 -8.93 4.71
N LYS D 223 -57.25 -10.01 4.13
CA LYS D 223 -57.86 -11.33 4.30
C LYS D 223 -57.59 -11.94 5.70
N GLY D 224 -56.64 -11.34 6.42
CA GLY D 224 -56.28 -11.78 7.77
C GLY D 224 -55.65 -13.17 7.85
N LYS D 225 -54.97 -13.60 6.80
CA LYS D 225 -54.38 -14.94 6.74
C LYS D 225 -52.87 -14.97 6.46
N CYS D 226 -52.21 -15.99 6.99
CA CYS D 226 -50.77 -16.16 6.84
C CYS D 226 -50.45 -16.91 5.56
N LEU D 227 -49.67 -16.28 4.70
CA LEU D 227 -49.35 -16.83 3.38
C LEU D 227 -48.06 -17.64 3.36
N LYS D 228 -47.07 -17.20 4.13
CA LYS D 228 -45.75 -17.85 4.20
C LYS D 228 -45.19 -17.78 5.62
N THR D 229 -44.37 -18.75 5.98
CA THR D 229 -43.51 -18.64 7.16
C THR D 229 -42.06 -18.88 6.77
N TYR D 230 -41.14 -18.27 7.53
CA TYR D 230 -39.72 -18.43 7.29
C TYR D 230 -39.08 -18.79 8.62
N THR D 231 -38.42 -19.95 8.65
CA THR D 231 -37.84 -20.51 9.87
C THR D 231 -36.44 -21.06 9.60
N GLY D 232 -35.79 -21.58 10.64
CA GLY D 232 -34.42 -22.09 10.53
C GLY D 232 -33.41 -21.21 11.23
N HIS D 233 -33.80 -19.95 11.48
CA HIS D 233 -32.95 -19.00 12.19
C HIS D 233 -33.21 -19.01 13.70
N LYS D 234 -32.49 -18.18 14.45
CA LYS D 234 -32.65 -18.11 15.89
C LYS D 234 -33.13 -16.72 16.29
N ASN D 235 -34.32 -16.66 16.88
CA ASN D 235 -34.89 -15.40 17.34
C ASN D 235 -35.89 -15.63 18.47
N GLU D 236 -35.40 -15.64 19.71
N GLU D 236 -35.38 -15.63 19.71
CA GLU D 236 -36.28 -15.77 20.86
CA GLU D 236 -36.19 -15.83 20.90
C GLU D 236 -36.00 -14.75 21.97
C GLU D 236 -36.11 -14.66 21.88
N LYS D 237 -35.16 -13.76 21.68
CA LYS D 237 -34.83 -12.72 22.68
C LYS D 237 -34.84 -11.27 22.17
N TYR D 238 -34.11 -11.01 21.08
CA TYR D 238 -33.98 -9.62 20.58
C TYR D 238 -34.99 -9.27 19.50
N CYS D 239 -35.32 -7.98 19.43
CA CYS D 239 -36.17 -7.48 18.36
C CYS D 239 -35.32 -7.21 17.13
N ILE D 240 -35.27 -8.22 16.28
CA ILE D 240 -34.45 -8.24 15.08
C ILE D 240 -35.28 -7.78 13.89
N PHE D 241 -34.70 -6.87 13.11
CA PHE D 241 -35.37 -6.26 11.96
C PHE D 241 -35.35 -7.25 10.79
N ALA D 242 -36.36 -7.19 9.92
CA ALA D 242 -36.34 -8.01 8.70
C ALA D 242 -36.68 -7.19 7.46
N ASN D 243 -36.43 -7.75 6.28
CA ASN D 243 -36.58 -7.00 5.03
C ASN D 243 -37.09 -7.82 3.85
N PHE D 244 -37.69 -7.12 2.90
CA PHE D 244 -37.94 -7.63 1.57
C PHE D 244 -36.80 -7.15 0.69
N SER D 245 -36.11 -8.09 0.04
CA SER D 245 -35.10 -7.73 -0.95
C SER D 245 -35.75 -7.81 -2.33
N VAL D 246 -35.74 -6.71 -3.06
CA VAL D 246 -36.52 -6.61 -4.31
C VAL D 246 -35.74 -6.19 -5.56
N THR D 247 -34.44 -5.94 -5.40
CA THR D 247 -33.59 -5.48 -6.50
C THR D 247 -33.17 -6.61 -7.45
N GLY D 248 -32.96 -7.79 -6.89
CA GLY D 248 -32.65 -8.98 -7.69
C GLY D 248 -33.77 -9.99 -7.51
N GLY D 249 -33.41 -11.22 -7.15
CA GLY D 249 -34.40 -12.21 -6.73
C GLY D 249 -35.23 -11.71 -5.55
N LYS D 250 -36.45 -12.20 -5.42
CA LYS D 250 -37.34 -11.75 -4.33
C LYS D 250 -37.09 -12.55 -3.05
N TRP D 251 -36.35 -11.93 -2.13
CA TRP D 251 -35.97 -12.62 -0.89
C TRP D 251 -36.61 -12.02 0.35
N ILE D 252 -36.57 -12.79 1.43
CA ILE D 252 -36.77 -12.25 2.77
C ILE D 252 -35.40 -12.28 3.46
N VAL D 253 -35.05 -11.20 4.14
CA VAL D 253 -33.74 -11.09 4.79
C VAL D 253 -33.92 -10.76 6.27
N SER D 254 -33.19 -11.45 7.14
CA SER D 254 -33.21 -11.13 8.57
C SER D 254 -31.93 -11.52 9.26
N GLY D 255 -31.65 -10.84 10.37
CA GLY D 255 -30.58 -11.26 11.27
C GLY D 255 -31.01 -12.42 12.12
N SER D 256 -30.08 -12.93 12.92
CA SER D 256 -30.33 -14.11 13.75
C SER D 256 -29.46 -14.06 15.00
N GLU D 257 -29.90 -14.76 16.04
CA GLU D 257 -29.16 -14.82 17.30
C GLU D 257 -28.02 -15.85 17.28
N ASP D 258 -27.85 -16.53 16.15
CA ASP D 258 -26.68 -17.37 15.88
C ASP D 258 -25.61 -16.61 15.06
N ASN D 259 -25.76 -15.29 15.02
CA ASN D 259 -24.79 -14.36 14.41
C ASN D 259 -24.76 -14.36 12.88
N LEU D 260 -25.71 -15.05 12.25
CA LEU D 260 -25.79 -15.13 10.79
C LEU D 260 -26.89 -14.22 10.24
N VAL D 261 -26.72 -13.80 8.99
CA VAL D 261 -27.79 -13.19 8.22
C VAL D 261 -28.42 -14.33 7.41
N TYR D 262 -29.76 -14.44 7.50
CA TYR D 262 -30.49 -15.44 6.75
C TYR D 262 -31.19 -14.79 5.56
N ILE D 263 -31.22 -15.52 4.45
CA ILE D 263 -31.90 -15.08 3.25
C ILE D 263 -32.80 -16.22 2.76
N TRP D 264 -34.09 -15.94 2.66
CA TRP D 264 -35.06 -16.93 2.17
C TRP D 264 -35.62 -16.52 0.81
N ASN D 265 -35.93 -17.52 -0.01
CA ASN D 265 -36.79 -17.33 -1.18
C ASN D 265 -38.21 -17.04 -0.69
N LEU D 266 -38.74 -15.87 -1.05
CA LEU D 266 -40.02 -15.40 -0.50
C LEU D 266 -41.15 -16.39 -0.78
N GLN D 267 -41.18 -16.95 -1.98
CA GLN D 267 -42.26 -17.86 -2.40
C GLN D 267 -42.10 -19.27 -1.83
N THR D 268 -40.91 -19.84 -1.96
CA THR D 268 -40.67 -21.23 -1.61
C THR D 268 -40.33 -21.41 -0.13
N LYS D 269 -39.97 -20.32 0.54
CA LYS D 269 -39.64 -20.34 1.97
C LYS D 269 -38.31 -21.04 2.30
N GLU D 270 -37.62 -21.52 1.27
CA GLU D 270 -36.32 -22.17 1.46
C GLU D 270 -35.23 -21.15 1.75
N ILE D 271 -34.33 -21.46 2.69
CA ILE D 271 -33.15 -20.64 2.92
C ILE D 271 -32.26 -20.77 1.70
N VAL D 272 -31.87 -19.63 1.12
CA VAL D 272 -31.03 -19.64 -0.08
C VAL D 272 -29.59 -19.20 0.21
N GLN D 273 -29.38 -18.48 1.31
CA GLN D 273 -28.03 -18.11 1.76
C GLN D 273 -28.01 -17.78 3.25
N LYS D 274 -26.87 -18.06 3.89
CA LYS D 274 -26.61 -17.63 5.25
C LYS D 274 -25.25 -16.92 5.25
N LEU D 275 -25.24 -15.67 5.71
CA LEU D 275 -24.04 -14.87 5.68
C LEU D 275 -23.30 -14.93 7.01
N GLN D 276 -22.09 -15.49 6.95
CA GLN D 276 -21.24 -15.67 8.12
C GLN D 276 -20.19 -14.57 8.21
N GLY D 277 -19.97 -14.05 9.41
CA GLY D 277 -18.96 -13.04 9.64
C GLY D 277 -19.10 -12.30 10.95
N HIS D 278 -20.34 -12.00 11.33
CA HIS D 278 -20.61 -11.30 12.57
C HIS D 278 -20.28 -12.18 13.77
N THR D 279 -19.95 -11.53 14.89
CA THR D 279 -19.53 -12.24 16.09
C THR D 279 -20.46 -11.98 17.27
N ASP D 280 -21.64 -11.43 16.98
CA ASP D 280 -22.71 -11.29 17.97
C ASP D 280 -24.03 -11.28 17.21
N VAL D 281 -25.14 -11.31 17.95
CA VAL D 281 -26.49 -11.24 17.40
C VAL D 281 -26.61 -10.18 16.31
N VAL D 282 -27.11 -10.56 15.14
CA VAL D 282 -27.34 -9.60 14.06
C VAL D 282 -28.73 -9.03 14.26
N ILE D 283 -28.80 -7.83 14.82
CA ILE D 283 -30.07 -7.26 15.25
C ILE D 283 -30.76 -6.46 14.14
N SER D 284 -29.98 -6.04 13.14
CA SER D 284 -30.53 -5.23 12.06
C SER D 284 -29.95 -5.60 10.71
N THR D 285 -30.80 -5.60 9.69
CA THR D 285 -30.39 -5.75 8.30
C THR D 285 -31.14 -4.72 7.48
N ALA D 286 -30.56 -4.35 6.34
CA ALA D 286 -31.18 -3.40 5.42
C ALA D 286 -30.83 -3.80 4.00
N CYS D 287 -31.74 -3.53 3.07
CA CYS D 287 -31.53 -3.87 1.66
C CYS D 287 -31.48 -2.59 0.84
N HIS D 288 -30.46 -2.47 0.00
CA HIS D 288 -30.23 -1.27 -0.81
C HIS D 288 -31.38 -1.05 -1.80
N PRO D 289 -31.79 0.20 -2.01
CA PRO D 289 -32.96 0.45 -2.86
C PRO D 289 -32.76 0.13 -4.36
N THR D 290 -31.52 0.13 -4.84
CA THR D 290 -31.27 -0.11 -6.27
C THR D 290 -30.30 -1.23 -6.62
N GLU D 291 -29.28 -1.43 -5.77
CA GLU D 291 -28.30 -2.50 -5.99
C GLU D 291 -28.56 -3.69 -5.09
N ASN D 292 -28.04 -4.86 -5.47
CA ASN D 292 -28.13 -6.06 -4.62
C ASN D 292 -27.11 -5.97 -3.49
N ILE D 293 -27.39 -5.09 -2.53
CA ILE D 293 -26.49 -4.85 -1.39
C ILE D 293 -27.28 -4.96 -0.09
N ILE D 294 -26.70 -5.68 0.87
CA ILE D 294 -27.27 -5.80 2.21
C ILE D 294 -26.33 -5.15 3.22
N ALA D 295 -26.90 -4.39 4.16
CA ALA D 295 -26.17 -3.97 5.34
C ALA D 295 -26.70 -4.74 6.54
N SER D 296 -25.78 -5.20 7.38
CA SER D 296 -26.11 -5.92 8.61
C SER D 296 -25.36 -5.32 9.79
N ALA D 297 -25.96 -5.38 10.96
CA ALA D 297 -25.39 -4.75 12.16
C ALA D 297 -25.58 -5.63 13.39
N ALA D 298 -24.55 -5.69 14.23
CA ALA D 298 -24.52 -6.63 15.33
C ALA D 298 -24.37 -5.97 16.71
N LEU D 299 -24.67 -6.75 17.76
CA LEU D 299 -24.63 -6.23 19.13
C LEU D 299 -23.21 -6.15 19.71
N GLU D 300 -23.14 -5.92 21.02
CA GLU D 300 -21.94 -5.49 21.75
C GLU D 300 -20.61 -6.27 21.53
N ASN D 301 -20.67 -7.58 21.30
CA ASN D 301 -19.42 -8.34 21.09
C ASN D 301 -18.81 -8.08 19.71
N ASP D 302 -19.58 -7.41 18.85
CA ASP D 302 -19.24 -7.24 17.45
C ASP D 302 -19.12 -5.74 17.11
N LYS D 303 -20.24 -5.02 17.27
CA LYS D 303 -20.27 -3.54 17.17
C LYS D 303 -19.99 -3.00 15.76
N THR D 304 -20.03 -3.87 14.76
CA THR D 304 -19.77 -3.44 13.39
C THR D 304 -20.99 -3.50 12.49
N ILE D 305 -20.87 -2.81 11.37
CA ILE D 305 -21.79 -2.95 10.27
C ILE D 305 -21.03 -3.64 9.13
N LYS D 306 -21.68 -4.61 8.49
CA LYS D 306 -21.08 -5.23 7.31
C LYS D 306 -21.91 -4.94 6.07
N LEU D 307 -21.22 -4.71 4.95
CA LEU D 307 -21.86 -4.50 3.65
C LEU D 307 -21.54 -5.68 2.76
N TRP D 308 -22.59 -6.26 2.18
CA TRP D 308 -22.45 -7.44 1.34
C TRP D 308 -23.06 -7.15 -0.03
N LYS D 309 -22.49 -7.74 -1.07
CA LYS D 309 -23.02 -7.54 -2.42
C LYS D 309 -23.19 -8.85 -3.18
N SER D 310 -24.31 -8.97 -3.89
CA SER D 310 -24.61 -10.13 -4.71
C SER D 310 -24.72 -9.77 -6.19
N ASP D 311 -24.43 -10.74 -7.05
CA ASP D 311 -24.62 -10.58 -8.49
C ASP D 311 -26.10 -10.58 -8.88
N CYS D 312 -26.93 -11.24 -8.06
CA CYS D 312 -28.36 -11.29 -8.30
C CYS D 312 -29.15 -11.26 -6.98
CAA NP7 E . -5.50 10.81 -17.95
OAB NP7 E . -2.42 12.23 -24.57
OAC NP7 E . -7.63 15.05 -27.42
OAD NP7 E . -5.34 14.38 -27.89
CLAE NP7 E . -0.57 10.72 -22.67
CAF NP7 E . -1.34 7.24 -24.44
CAG NP7 E . -2.48 7.53 -25.19
CAH NP7 E . -0.76 8.24 -23.67
CAI NP7 E . -3.04 8.81 -25.17
CAJ NP7 E . -7.03 14.37 -24.72
CAK NP7 E . -6.88 13.81 -23.44
CAL NP7 E . -5.42 12.81 -25.57
CAM NP7 E . -6.87 11.26 -19.83
CAN NP7 E . -4.46 11.42 -20.02
CAO NP7 E . -7.13 12.16 -21.04
CAP NP7 E . -4.54 12.29 -21.28
NAQ NP7 E . -4.42 11.21 -24.21
CAR NP7 E . -3.09 11.21 -24.39
CAS NP7 E . -1.32 9.51 -23.65
CAT NP7 E . -6.30 13.87 -25.78
CAU NP7 E . -5.25 12.25 -24.30
CAV NP7 E . -2.46 9.81 -24.39
CAW NP7 E . -6.01 12.75 -23.22
NAX NP7 E . -5.62 11.66 -19.14
NAY NP7 E . -5.91 12.29 -21.89
NAZ NP7 E . -6.43 14.40 -27.01
C1 EDO F . -16.30 6.25 -7.99
O1 EDO F . -16.24 7.00 -9.21
C2 EDO F . -15.88 4.83 -8.28
O2 EDO F . -14.63 4.58 -7.61
C1 EDO G . -12.67 9.32 -8.67
O1 EDO G . -12.10 10.36 -7.87
C2 EDO G . -14.17 9.56 -8.80
O2 EDO G . -14.61 9.02 -10.05
C1 EDO H . -27.77 5.77 -18.17
O1 EDO H . -28.73 6.61 -18.84
C2 EDO H . -28.25 4.32 -18.22
O2 EDO H . -29.48 4.22 -17.50
C1 EDO I . -33.86 8.46 -22.26
O1 EDO I . -34.09 9.84 -21.97
C2 EDO I . -34.25 7.64 -21.05
O2 EDO I . -33.32 6.55 -20.89
C1 EDO J . -13.99 26.87 -19.82
O1 EDO J . -15.26 26.40 -19.36
C2 EDO J . -13.24 27.57 -18.69
O2 EDO J . -13.22 26.75 -17.52
C1 EDO K . 8.04 16.30 -25.18
O1 EDO K . 7.97 16.94 -23.90
C2 EDO K . 6.94 15.25 -25.25
O2 EDO K . 6.98 14.42 -24.08
C1 EDO L . -34.07 17.44 -16.99
O1 EDO L . -33.43 16.72 -15.93
C2 EDO L . -33.45 17.13 -18.36
O2 EDO L . -33.10 15.74 -18.43
C1 EDO M . -15.03 27.32 -2.90
O1 EDO M . -15.38 27.17 -1.52
C2 EDO M . -15.37 28.73 -3.37
O2 EDO M . -14.66 29.67 -2.54
UNK UNX N . 0.76 8.20 5.70
UNK UNX O . -3.72 9.31 -29.01
UNK UNX P . -20.85 -5.34 -11.42
UNK UNX Q . 9.02 -7.16 -12.38
UNK UNX R . 7.73 -2.68 -13.33
UNK UNX S . -15.85 0.80 -34.46
UNK UNX T . 10.77 25.97 -9.35
CAA NP7 U . 39.47 -1.28 -14.37
OAB NP7 U . 42.75 0.22 -20.84
OAC NP7 U . 37.77 3.16 -23.80
OAD NP7 U . 39.78 2.01 -24.45
CLAE NP7 U . 44.63 -1.26 -19.02
CAF NP7 U . 43.99 -4.73 -20.89
CAG NP7 U . 42.85 -4.47 -21.65
CAH NP7 U . 44.54 -3.73 -20.09
CAI NP7 U . 42.26 -3.21 -21.61
CAJ NP7 U . 38.10 2.20 -21.22
CAK NP7 U . 38.20 1.62 -19.96
CAL NP7 U . 39.79 0.70 -22.02
CAM NP7 U . 38.15 -0.94 -16.33
CAN NP7 U . 40.56 -0.70 -16.42
CAO NP7 U . 37.90 -0.09 -17.59
CAP NP7 U . 40.50 0.11 -17.75
NAQ NP7 U . 40.78 -0.91 -20.67
CAR NP7 U . 42.11 -0.84 -20.77
CAS NP7 U . 43.93 -2.48 -20.03
CAT NP7 U . 38.90 1.74 -22.25
CAU NP7 U . 39.91 0.11 -20.76
CAV NP7 U . 42.79 -2.21 -20.79
CAW NP7 U . 39.09 0.56 -19.72
NAX NP7 U . 39.35 -0.49 -15.61
NAY NP7 U . 39.15 0.09 -18.39
NAZ NP7 U . 38.82 2.29 -23.47
C1 EDO V . 28.80 16.89 -0.50
O1 EDO V . 29.72 17.46 0.44
C2 EDO V . 28.82 15.38 -0.31
O2 EDO V . 28.37 15.07 1.01
C1 EDO W . 28.66 -19.38 -5.67
O1 EDO W . 28.08 -18.15 -5.24
C2 EDO W . 28.21 -20.52 -4.78
O2 EDO W . 28.46 -20.19 -3.42
C1 EDO X . 29.77 -7.53 -4.75
O1 EDO X . 30.57 -6.40 -4.35
C2 EDO X . 28.72 -7.10 -5.77
O2 EDO X . 28.39 -5.71 -5.61
C1 EDO Y . 17.50 -7.39 -16.28
O1 EDO Y . 16.64 -6.25 -16.33
C2 EDO Y . 16.89 -8.46 -15.40
O2 EDO Y . 16.39 -7.86 -14.20
C1 EDO Z . 38.70 13.75 7.10
O1 EDO Z . 39.08 13.58 8.48
C2 EDO Z . 37.23 13.40 6.94
O2 EDO Z . 36.96 12.14 7.57
C1 EDO AA . 28.51 -6.45 -1.68
O1 EDO AA . 29.69 -6.33 -0.89
C2 EDO AA . 27.34 -5.75 -1.00
O2 EDO AA . 27.13 -4.46 -1.60
UNK UNX BA . 54.31 -19.56 -7.99
UNK UNX CA . 41.54 -2.91 -24.90
UNK UNX DA . 53.49 -14.65 -8.81
UNK UNX EA . 41.22 -18.85 -2.88
UNK UNX FA . 52.11 2.12 -20.44
UNK UNX GA . 48.06 0.00 -21.46
UNK UNX HA . 40.88 22.49 -2.05
UNK UNX IA . 30.32 5.15 4.37
UNK UNX JA . 56.30 -4.58 4.70
UNK UNX KA . 27.59 7.97 0.51
CAA NP7 LA . 11.13 -10.84 18.28
OAB NP7 LA . 12.13 -13.09 25.31
OAC NP7 LA . 5.98 -12.80 27.38
OAD NP7 LA . 8.26 -13.09 28.17
CLAE NP7 LA . 14.71 -12.90 23.67
CAF NP7 LA . 15.66 -9.42 25.36
CAG NP7 LA . 14.45 -9.02 25.94
CAH NP7 LA . 15.74 -10.62 24.67
CAI NP7 LA . 13.32 -9.82 25.82
CAJ NP7 LA . 7.13 -12.60 24.76
CAK NP7 LA . 7.69 -12.29 23.52
CAL NP7 LA . 9.20 -11.99 25.82
CAM NP7 LA . 9.52 -10.27 19.96
CAN NP7 LA . 11.41 -11.69 20.49
CAO NP7 LA . 8.68 -10.77 21.15
CAP NP7 LA . 10.75 -12.27 21.72
NAQ NP7 LA . 11.02 -11.21 24.63
CAR NP7 LA . 12.11 -11.89 25.03
CAS NP7 LA . 14.60 -11.43 24.55
CAT NP7 LA . 7.88 -12.45 25.92
CAU NP7 LA . 9.77 -11.69 24.59
CAV NP7 LA . 13.38 -11.03 25.12
CAW NP7 LA . 9.00 -11.81 23.42
NAX NP7 LA . 10.41 -11.34 19.47
NAY NP7 LA . 9.51 -11.54 22.13
NAZ NP7 LA . 7.38 -12.76 27.13
C1 EDO MA . 5.10 -24.73 -2.90
O1 EDO MA . 5.40 -23.40 -3.33
C2 EDO MA . 6.23 -25.66 -3.34
O2 EDO MA . 6.59 -25.34 -4.69
C1 EDO NA . 19.81 -21.02 27.55
O1 EDO NA . 20.99 -21.21 26.74
C2 EDO NA . 18.60 -20.79 26.65
O2 EDO NA . 18.34 -22.02 25.95
C1 EDO OA . 26.91 -20.77 16.38
O1 EDO OA . 27.41 -19.67 15.59
C2 EDO OA . 27.71 -20.85 17.68
O2 EDO OA . 29.10 -20.97 17.36
C1 EDO PA . 23.22 -13.87 1.88
O1 EDO PA . 24.00 -13.07 2.78
C2 EDO PA . 24.09 -14.35 0.74
O2 EDO PA . 24.31 -13.28 -0.19
C1 EDO QA . -4.41 -20.71 2.37
O1 EDO QA . -3.80 -20.44 1.12
C2 EDO QA . -4.13 -22.15 2.78
O2 EDO QA . -4.69 -23.04 1.81
UNK UNX RA . 24.42 0.27 1.18
UNK UNX SA . 12.60 -10.66 30.50
UNK UNX TA . 22.88 3.11 6.78
UNK UNX UA . 6.50 -1.23 7.51
UNK UNX VA . 24.61 -28.23 14.87
UNK UNX WA . 30.65 -6.25 15.74
CAA NP7 XA . -34.02 -1.31 14.95
OAB NP7 XA . -32.82 -3.47 22.02
OAC NP7 XA . -39.01 -4.07 23.85
OAD NP7 XA . -36.75 -4.08 24.76
CLAE NP7 XA . -30.22 -2.94 20.41
CAF NP7 XA . -29.80 0.62 22.17
CAG NP7 XA . -31.07 0.84 22.72
CAH NP7 XA . -29.56 -0.55 21.45
CAI NP7 XA . -32.08 -0.11 22.55
CAJ NP7 XA . -37.86 -3.61 21.33
CAK NP7 XA . -37.34 -3.20 20.11
CAL NP7 XA . -35.88 -2.83 22.43
CAM NP7 XA . -35.75 -1.02 16.56
CAN NP7 XA . -33.67 -2.14 17.16
CAO NP7 XA . -36.52 -1.59 17.77
CAP NP7 XA . -34.30 -2.85 18.36
NAQ NP7 XA . -34.13 -1.79 21.24
CAR NP7 XA . -32.99 -2.30 21.70
CAS NP7 XA . -30.56 -1.49 21.29
CAT NP7 XA . -37.14 -3.44 22.50
CAU NP7 XA . -35.32 -2.41 21.20
CAV NP7 XA . -31.84 -1.28 21.83
CAW NP7 XA . -36.09 -2.57 20.04
NAX NP7 XA . -34.68 -1.95 16.10
NAY NP7 XA . -35.61 -2.23 18.76
NAZ NP7 XA . -37.62 -3.84 23.68
C1 EDO YA . -51.81 13.49 11.42
O1 EDO YA . -52.98 14.28 11.11
C2 EDO YA . -52.11 12.62 12.62
O2 EDO YA . -53.32 11.89 12.38
C1 EDO ZA . -47.34 -13.39 -2.05
O1 EDO ZA . -46.25 -13.22 -2.94
C2 EDO ZA . -47.08 -14.61 -1.17
O2 EDO ZA . -47.12 -15.78 -2.01
C1 EDO AB . -21.35 -2.47 -0.84
O1 EDO AB . -20.53 -1.33 -0.57
C2 EDO AB . -21.14 -2.99 -2.25
O2 EDO AB . -19.81 -2.70 -2.71
C1 EDO BB . -15.77 -7.54 12.49
O1 EDO BB . -15.39 -8.51 11.51
C2 EDO BB . -17.04 -8.01 13.19
O2 EDO BB . -16.71 -8.67 14.41
UNK UNX CB . -33.50 0.35 25.69
UNK UNX DB . -25.14 -11.43 23.18
UNK UNX EB . -25.11 -19.95 2.52
UNK UNX FB . -23.76 -21.62 4.48
UNK UNX GB . -22.58 -20.57 8.53
UNK UNX HB . -15.56 6.19 12.61
UNK UNX IB . -44.44 -0.97 29.51
UNK UNX JB . -12.92 9.99 12.46
UNK UNX KB . -32.40 10.81 29.64
#